data_3BFB
# 
_entry.id   3BFB 
# 
_audit_conform.dict_name       mmcif_pdbx.dic 
_audit_conform.dict_version    5.397 
_audit_conform.dict_location   http://mmcif.pdb.org/dictionaries/ascii/mmcif_pdbx.dic 
# 
loop_
_database_2.database_id 
_database_2.database_code 
_database_2.pdbx_database_accession 
_database_2.pdbx_DOI 
PDB   3BFB         pdb_00003bfb 10.2210/pdb3bfb/pdb 
RCSB  RCSB045448   ?            ?                   
WWPDB D_1000045448 ?            ?                   
# 
loop_
_pdbx_audit_revision_history.ordinal 
_pdbx_audit_revision_history.data_content_type 
_pdbx_audit_revision_history.major_revision 
_pdbx_audit_revision_history.minor_revision 
_pdbx_audit_revision_history.revision_date 
1 'Structure model' 1 0 2008-06-10 
2 'Structure model' 1 1 2011-07-13 
3 'Structure model' 1 2 2023-11-01 
4 'Structure model' 1 3 2024-10-16 
# 
_pdbx_audit_revision_details.ordinal             1 
_pdbx_audit_revision_details.revision_ordinal    1 
_pdbx_audit_revision_details.data_content_type   'Structure model' 
_pdbx_audit_revision_details.provider            repository 
_pdbx_audit_revision_details.type                'Initial release' 
_pdbx_audit_revision_details.description         ? 
_pdbx_audit_revision_details.details             ? 
# 
loop_
_pdbx_audit_revision_group.ordinal 
_pdbx_audit_revision_group.revision_ordinal 
_pdbx_audit_revision_group.data_content_type 
_pdbx_audit_revision_group.group 
1 2 'Structure model' Advisory                    
2 2 'Structure model' 'Version format compliance' 
3 3 'Structure model' 'Data collection'           
4 3 'Structure model' 'Database references'       
5 3 'Structure model' 'Derived calculations'      
6 3 'Structure model' 'Refinement description'    
7 4 'Structure model' 'Structure summary'         
# 
loop_
_pdbx_audit_revision_category.ordinal 
_pdbx_audit_revision_category.revision_ordinal 
_pdbx_audit_revision_category.data_content_type 
_pdbx_audit_revision_category.category 
1 3 'Structure model' chem_comp_atom                
2 3 'Structure model' chem_comp_bond                
3 3 'Structure model' database_2                    
4 3 'Structure model' pdbx_initial_refinement_model 
5 3 'Structure model' pdbx_struct_special_symmetry  
6 3 'Structure model' struct_site                   
7 4 'Structure model' pdbx_entry_details            
8 4 'Structure model' pdbx_modification_feature     
# 
loop_
_pdbx_audit_revision_item.ordinal 
_pdbx_audit_revision_item.revision_ordinal 
_pdbx_audit_revision_item.data_content_type 
_pdbx_audit_revision_item.item 
1 3 'Structure model' '_database_2.pdbx_DOI'                
2 3 'Structure model' '_database_2.pdbx_database_accession' 
3 3 'Structure model' '_struct_site.pdbx_auth_asym_id'      
4 3 'Structure model' '_struct_site.pdbx_auth_comp_id'      
5 3 'Structure model' '_struct_site.pdbx_auth_seq_id'       
# 
_pdbx_database_status.status_code                     REL 
_pdbx_database_status.entry_id                        3BFB 
_pdbx_database_status.recvd_initial_deposition_date   2007-11-21 
_pdbx_database_status.deposit_site                    RCSB 
_pdbx_database_status.process_site                    PDBJ 
_pdbx_database_status.status_code_sf                  REL 
_pdbx_database_status.status_code_mr                  ? 
_pdbx_database_status.SG_entry                        ? 
_pdbx_database_status.pdb_format_compatible           Y 
_pdbx_database_status.status_code_cs                  ? 
_pdbx_database_status.status_code_nmr_data            ? 
_pdbx_database_status.methods_development_category    ? 
# 
loop_
_pdbx_database_related.db_name 
_pdbx_database_related.db_id 
_pdbx_database_related.details 
_pdbx_database_related.content_type 
PDB 1R5R 'The same protein complexed with n-butyl benzenesulfanamide'     unspecified 
PDB 3BFA 'The same protein complexed with the Queen mandibular pheromone' unspecified 
PDB 3BFH 'The same proein complexed with hexadecanoic acid'               unspecified 
PDB 2H8V 'Uncomplexed form of the same protein'                           unspecified 
# 
loop_
_audit_author.name 
_audit_author.pdbx_ordinal 
'Pesenti, M.E.'   1 
'Spinelli, S.'    2 
'Bezirard, V.'    3 
'Briand, L.'      4 
'Pernollet, J.C.' 5 
'Tegoni, M.'      6 
'Cambillau, C.'   7 
# 
_citation.id                        primary 
_citation.title                     'Structural basis of the honey bee PBP pheromone and pH-induced conformational change' 
_citation.journal_abbrev            J.Mol.Biol. 
_citation.journal_volume            380 
_citation.page_first                158 
_citation.page_last                 169 
_citation.year                      2008 
_citation.journal_id_ASTM           JMOBAK 
_citation.country                   UK 
_citation.journal_id_ISSN           0022-2836 
_citation.journal_id_CSD            0070 
_citation.book_publisher            ? 
_citation.pdbx_database_id_PubMed   18508083 
_citation.pdbx_database_id_DOI      10.1016/j.jmb.2008.04.048 
# 
loop_
_citation_author.citation_id 
_citation_author.name 
_citation_author.ordinal 
_citation_author.identifier_ORCID 
primary 'Pesenti, M.E.'   1 ? 
primary 'Spinelli, S.'    2 ? 
primary 'Bezirard, V.'    3 ? 
primary 'Briand, L.'      4 ? 
primary 'Pernollet, J.C.' 5 ? 
primary 'Tegoni, M.'      6 ? 
primary 'Cambillau, C.'   7 ? 
# 
loop_
_entity.id 
_entity.type 
_entity.src_method 
_entity.pdbx_description 
_entity.formula_weight 
_entity.pdbx_number_of_molecules 
_entity.pdbx_ec 
_entity.pdbx_mutation 
_entity.pdbx_fragment 
_entity.details 
1 polymer     man 'Pheromone-binding protein ASP1' 13194.789 1  ? ? 'UNP residues 26-144' ? 
2 non-polymer syn 'CHLORIDE ION'                   35.453    1  ? ? ?                     ? 
3 non-polymer syn '(2Z)-9-oxodec-2-enoic acid'     184.232   1  ? ? ?                     ? 
4 non-polymer syn GLYCEROL                         92.094    2  ? ? ?                     ? 
5 water       nat water                            18.015    60 ? ? ?                     ? 
# 
_entity_poly.entity_id                      1 
_entity_poly.type                           'polypeptide(L)' 
_entity_poly.nstd_linkage                   no 
_entity_poly.nstd_monomer                   no 
_entity_poly.pdbx_seq_one_letter_code       
;APDWVPPEVFDLVAEDKARCMSEHGTTQAQIDDVDKGNLVNEPSITCYMYCLLEAFSLVDDEANVDEDIMLGLLPDQLQE
RAQSVMGKCLPTSGSDNCNKIYNLAKCVQESAPDVWFVI
;
_entity_poly.pdbx_seq_one_letter_code_can   
;APDWVPPEVFDLVAEDKARCMSEHGTTQAQIDDVDKGNLVNEPSITCYMYCLLEAFSLVDDEANVDEDIMLGLLPDQLQE
RAQSVMGKCLPTSGSDNCNKIYNLAKCVQESAPDVWFVI
;
_entity_poly.pdbx_strand_id                 A 
_entity_poly.pdbx_target_identifier         ? 
# 
loop_
_pdbx_entity_nonpoly.entity_id 
_pdbx_entity_nonpoly.name 
_pdbx_entity_nonpoly.comp_id 
2 'CHLORIDE ION'               CL  
3 '(2Z)-9-oxodec-2-enoic acid' 9OD 
4 GLYCEROL                     GOL 
5 water                        HOH 
# 
loop_
_entity_poly_seq.entity_id 
_entity_poly_seq.num 
_entity_poly_seq.mon_id 
_entity_poly_seq.hetero 
1 1   ALA n 
1 2   PRO n 
1 3   ASP n 
1 4   TRP n 
1 5   VAL n 
1 6   PRO n 
1 7   PRO n 
1 8   GLU n 
1 9   VAL n 
1 10  PHE n 
1 11  ASP n 
1 12  LEU n 
1 13  VAL n 
1 14  ALA n 
1 15  GLU n 
1 16  ASP n 
1 17  LYS n 
1 18  ALA n 
1 19  ARG n 
1 20  CYS n 
1 21  MET n 
1 22  SER n 
1 23  GLU n 
1 24  HIS n 
1 25  GLY n 
1 26  THR n 
1 27  THR n 
1 28  GLN n 
1 29  ALA n 
1 30  GLN n 
1 31  ILE n 
1 32  ASP n 
1 33  ASP n 
1 34  VAL n 
1 35  ASP n 
1 36  LYS n 
1 37  GLY n 
1 38  ASN n 
1 39  LEU n 
1 40  VAL n 
1 41  ASN n 
1 42  GLU n 
1 43  PRO n 
1 44  SER n 
1 45  ILE n 
1 46  THR n 
1 47  CYS n 
1 48  TYR n 
1 49  MET n 
1 50  TYR n 
1 51  CYS n 
1 52  LEU n 
1 53  LEU n 
1 54  GLU n 
1 55  ALA n 
1 56  PHE n 
1 57  SER n 
1 58  LEU n 
1 59  VAL n 
1 60  ASP n 
1 61  ASP n 
1 62  GLU n 
1 63  ALA n 
1 64  ASN n 
1 65  VAL n 
1 66  ASP n 
1 67  GLU n 
1 68  ASP n 
1 69  ILE n 
1 70  MET n 
1 71  LEU n 
1 72  GLY n 
1 73  LEU n 
1 74  LEU n 
1 75  PRO n 
1 76  ASP n 
1 77  GLN n 
1 78  LEU n 
1 79  GLN n 
1 80  GLU n 
1 81  ARG n 
1 82  ALA n 
1 83  GLN n 
1 84  SER n 
1 85  VAL n 
1 86  MET n 
1 87  GLY n 
1 88  LYS n 
1 89  CYS n 
1 90  LEU n 
1 91  PRO n 
1 92  THR n 
1 93  SER n 
1 94  GLY n 
1 95  SER n 
1 96  ASP n 
1 97  ASN n 
1 98  CYS n 
1 99  ASN n 
1 100 LYS n 
1 101 ILE n 
1 102 TYR n 
1 103 ASN n 
1 104 LEU n 
1 105 ALA n 
1 106 LYS n 
1 107 CYS n 
1 108 VAL n 
1 109 GLN n 
1 110 GLU n 
1 111 SER n 
1 112 ALA n 
1 113 PRO n 
1 114 ASP n 
1 115 VAL n 
1 116 TRP n 
1 117 PHE n 
1 118 VAL n 
1 119 ILE n 
# 
_entity_src_gen.entity_id                          1 
_entity_src_gen.pdbx_src_id                        1 
_entity_src_gen.pdbx_alt_source_flag               sample 
_entity_src_gen.pdbx_seq_type                      ? 
_entity_src_gen.pdbx_beg_seq_num                   ? 
_entity_src_gen.pdbx_end_seq_num                   ? 
_entity_src_gen.gene_src_common_name               Honeybee 
_entity_src_gen.gene_src_genus                     ? 
_entity_src_gen.pdbx_gene_src_gene                 ? 
_entity_src_gen.gene_src_species                   ? 
_entity_src_gen.gene_src_strain                    ? 
_entity_src_gen.gene_src_tissue                    ? 
_entity_src_gen.gene_src_tissue_fraction           ? 
_entity_src_gen.gene_src_details                   ? 
_entity_src_gen.pdbx_gene_src_fragment             ? 
_entity_src_gen.pdbx_gene_src_scientific_name      'Apis mellifera' 
_entity_src_gen.pdbx_gene_src_ncbi_taxonomy_id     ? 
_entity_src_gen.pdbx_gene_src_variant              ? 
_entity_src_gen.pdbx_gene_src_cell_line            ? 
_entity_src_gen.pdbx_gene_src_atcc                 ? 
_entity_src_gen.pdbx_gene_src_organ                ? 
_entity_src_gen.pdbx_gene_src_organelle            ? 
_entity_src_gen.pdbx_gene_src_cell                 ? 
_entity_src_gen.pdbx_gene_src_cellular_location    ? 
_entity_src_gen.host_org_common_name               ? 
_entity_src_gen.pdbx_host_org_scientific_name      'Pichia pastoris' 
_entity_src_gen.pdbx_host_org_ncbi_taxonomy_id     ? 
_entity_src_gen.host_org_genus                     ? 
_entity_src_gen.pdbx_host_org_gene                 ? 
_entity_src_gen.pdbx_host_org_organ                ? 
_entity_src_gen.host_org_species                   ? 
_entity_src_gen.pdbx_host_org_tissue               ? 
_entity_src_gen.pdbx_host_org_tissue_fraction      ? 
_entity_src_gen.pdbx_host_org_strain               ? 
_entity_src_gen.pdbx_host_org_variant              ? 
_entity_src_gen.pdbx_host_org_cell_line            ? 
_entity_src_gen.pdbx_host_org_atcc                 ? 
_entity_src_gen.pdbx_host_org_culture_collection   ? 
_entity_src_gen.pdbx_host_org_cell                 ? 
_entity_src_gen.pdbx_host_org_organelle            ? 
_entity_src_gen.pdbx_host_org_cellular_location    ? 
_entity_src_gen.pdbx_host_org_vector_type          plasmid 
_entity_src_gen.pdbx_host_org_vector               ? 
_entity_src_gen.host_org_details                   ? 
_entity_src_gen.expression_system_id               ? 
_entity_src_gen.plasmid_name                       pHIL-D2 
_entity_src_gen.plasmid_details                    ? 
_entity_src_gen.pdbx_description                   ? 
# 
loop_
_chem_comp.id 
_chem_comp.type 
_chem_comp.mon_nstd_flag 
_chem_comp.name 
_chem_comp.pdbx_synonyms 
_chem_comp.formula 
_chem_comp.formula_weight 
9OD non-polymer         . '(2Z)-9-oxodec-2-enoic acid' '9-keto-2(E)-decenoic acid'     'C10 H16 O3'     184.232 
ALA 'L-peptide linking' y ALANINE                      ?                               'C3 H7 N O2'     89.093  
ARG 'L-peptide linking' y ARGININE                     ?                               'C6 H15 N4 O2 1' 175.209 
ASN 'L-peptide linking' y ASPARAGINE                   ?                               'C4 H8 N2 O3'    132.118 
ASP 'L-peptide linking' y 'ASPARTIC ACID'              ?                               'C4 H7 N O4'     133.103 
CL  non-polymer         . 'CHLORIDE ION'               ?                               'Cl -1'          35.453  
CYS 'L-peptide linking' y CYSTEINE                     ?                               'C3 H7 N O2 S'   121.158 
GLN 'L-peptide linking' y GLUTAMINE                    ?                               'C5 H10 N2 O3'   146.144 
GLU 'L-peptide linking' y 'GLUTAMIC ACID'              ?                               'C5 H9 N O4'     147.129 
GLY 'peptide linking'   y GLYCINE                      ?                               'C2 H5 N O2'     75.067  
GOL non-polymer         . GLYCEROL                     'GLYCERIN; PROPANE-1,2,3-TRIOL' 'C3 H8 O3'       92.094  
HIS 'L-peptide linking' y HISTIDINE                    ?                               'C6 H10 N3 O2 1' 156.162 
HOH non-polymer         . WATER                        ?                               'H2 O'           18.015  
ILE 'L-peptide linking' y ISOLEUCINE                   ?                               'C6 H13 N O2'    131.173 
LEU 'L-peptide linking' y LEUCINE                      ?                               'C6 H13 N O2'    131.173 
LYS 'L-peptide linking' y LYSINE                       ?                               'C6 H15 N2 O2 1' 147.195 
MET 'L-peptide linking' y METHIONINE                   ?                               'C5 H11 N O2 S'  149.211 
PHE 'L-peptide linking' y PHENYLALANINE                ?                               'C9 H11 N O2'    165.189 
PRO 'L-peptide linking' y PROLINE                      ?                               'C5 H9 N O2'     115.130 
SER 'L-peptide linking' y SERINE                       ?                               'C3 H7 N O3'     105.093 
THR 'L-peptide linking' y THREONINE                    ?                               'C4 H9 N O3'     119.119 
TRP 'L-peptide linking' y TRYPTOPHAN                   ?                               'C11 H12 N2 O2'  204.225 
TYR 'L-peptide linking' y TYROSINE                     ?                               'C9 H11 N O3'    181.189 
VAL 'L-peptide linking' y VALINE                       ?                               'C5 H11 N O2'    117.146 
# 
loop_
_pdbx_poly_seq_scheme.asym_id 
_pdbx_poly_seq_scheme.entity_id 
_pdbx_poly_seq_scheme.seq_id 
_pdbx_poly_seq_scheme.mon_id 
_pdbx_poly_seq_scheme.ndb_seq_num 
_pdbx_poly_seq_scheme.pdb_seq_num 
_pdbx_poly_seq_scheme.auth_seq_num 
_pdbx_poly_seq_scheme.pdb_mon_id 
_pdbx_poly_seq_scheme.auth_mon_id 
_pdbx_poly_seq_scheme.pdb_strand_id 
_pdbx_poly_seq_scheme.pdb_ins_code 
_pdbx_poly_seq_scheme.hetero 
A 1 1   ALA 1   1   ?   ?   ?   A . n 
A 1 2   PRO 2   2   ?   ?   ?   A . n 
A 1 3   ASP 3   3   3   ASP ASP A . n 
A 1 4   TRP 4   4   4   TRP TRP A . n 
A 1 5   VAL 5   5   5   VAL VAL A . n 
A 1 6   PRO 6   6   6   PRO PRO A . n 
A 1 7   PRO 7   7   7   PRO PRO A . n 
A 1 8   GLU 8   8   8   GLU GLU A . n 
A 1 9   VAL 9   9   9   VAL VAL A . n 
A 1 10  PHE 10  10  10  PHE PHE A . n 
A 1 11  ASP 11  11  11  ASP ASP A . n 
A 1 12  LEU 12  12  12  LEU LEU A . n 
A 1 13  VAL 13  13  13  VAL VAL A . n 
A 1 14  ALA 14  14  14  ALA ALA A . n 
A 1 15  GLU 15  15  15  GLU GLU A . n 
A 1 16  ASP 16  16  16  ASP ASP A . n 
A 1 17  LYS 17  17  17  LYS LYS A . n 
A 1 18  ALA 18  18  18  ALA ALA A . n 
A 1 19  ARG 19  19  19  ARG ARG A . n 
A 1 20  CYS 20  20  20  CYS CYS A . n 
A 1 21  MET 21  21  21  MET MET A . n 
A 1 22  SER 22  22  22  SER SER A . n 
A 1 23  GLU 23  23  23  GLU GLU A . n 
A 1 24  HIS 24  24  24  HIS HIS A . n 
A 1 25  GLY 25  25  25  GLY GLY A . n 
A 1 26  THR 26  26  26  THR THR A . n 
A 1 27  THR 27  27  27  THR THR A . n 
A 1 28  GLN 28  28  28  GLN GLN A . n 
A 1 29  ALA 29  29  29  ALA ALA A . n 
A 1 30  GLN 30  30  30  GLN GLN A . n 
A 1 31  ILE 31  31  31  ILE ILE A . n 
A 1 32  ASP 32  32  32  ASP ASP A . n 
A 1 33  ASP 33  33  33  ASP ASP A . n 
A 1 34  VAL 34  34  34  VAL VAL A . n 
A 1 35  ASP 35  35  35  ASP ASP A . n 
A 1 36  LYS 36  36  36  LYS LYS A . n 
A 1 37  GLY 37  37  37  GLY GLY A . n 
A 1 38  ASN 38  38  38  ASN ASN A . n 
A 1 39  LEU 39  39  39  LEU LEU A . n 
A 1 40  VAL 40  40  40  VAL VAL A . n 
A 1 41  ASN 41  41  41  ASN ASN A . n 
A 1 42  GLU 42  42  42  GLU GLU A . n 
A 1 43  PRO 43  43  43  PRO PRO A . n 
A 1 44  SER 44  44  44  SER SER A . n 
A 1 45  ILE 45  45  45  ILE ILE A . n 
A 1 46  THR 46  46  46  THR THR A . n 
A 1 47  CYS 47  47  47  CYS CYS A . n 
A 1 48  TYR 48  48  48  TYR TYR A . n 
A 1 49  MET 49  49  49  MET MET A . n 
A 1 50  TYR 50  50  50  TYR TYR A . n 
A 1 51  CYS 51  51  51  CYS CYS A . n 
A 1 52  LEU 52  52  52  LEU LEU A . n 
A 1 53  LEU 53  53  53  LEU LEU A . n 
A 1 54  GLU 54  54  54  GLU GLU A . n 
A 1 55  ALA 55  55  55  ALA ALA A . n 
A 1 56  PHE 56  56  56  PHE PHE A . n 
A 1 57  SER 57  57  57  SER SER A . n 
A 1 58  LEU 58  58  58  LEU LEU A . n 
A 1 59  VAL 59  59  59  VAL VAL A . n 
A 1 60  ASP 60  60  60  ASP ASP A . n 
A 1 61  ASP 61  61  61  ASP ASP A . n 
A 1 62  GLU 62  62  62  GLU GLU A . n 
A 1 63  ALA 63  63  63  ALA ALA A . n 
A 1 64  ASN 64  64  64  ASN ASN A . n 
A 1 65  VAL 65  65  65  VAL VAL A . n 
A 1 66  ASP 66  66  66  ASP ASP A . n 
A 1 67  GLU 67  67  67  GLU GLU A . n 
A 1 68  ASP 68  68  68  ASP ASP A . n 
A 1 69  ILE 69  69  69  ILE ILE A . n 
A 1 70  MET 70  70  70  MET MET A . n 
A 1 71  LEU 71  71  71  LEU LEU A . n 
A 1 72  GLY 72  72  72  GLY GLY A . n 
A 1 73  LEU 73  73  73  LEU LEU A . n 
A 1 74  LEU 74  74  74  LEU LEU A . n 
A 1 75  PRO 75  75  75  PRO PRO A . n 
A 1 76  ASP 76  76  76  ASP ASP A . n 
A 1 77  GLN 77  77  77  GLN GLN A . n 
A 1 78  LEU 78  78  78  LEU LEU A . n 
A 1 79  GLN 79  79  79  GLN GLN A . n 
A 1 80  GLU 80  80  80  GLU GLU A . n 
A 1 81  ARG 81  81  81  ARG ARG A . n 
A 1 82  ALA 82  82  82  ALA ALA A . n 
A 1 83  GLN 83  83  83  GLN GLN A . n 
A 1 84  SER 84  84  84  SER SER A . n 
A 1 85  VAL 85  85  85  VAL VAL A . n 
A 1 86  MET 86  86  86  MET MET A . n 
A 1 87  GLY 87  87  87  GLY GLY A . n 
A 1 88  LYS 88  88  88  LYS LYS A . n 
A 1 89  CYS 89  89  89  CYS CYS A . n 
A 1 90  LEU 90  90  90  LEU LEU A . n 
A 1 91  PRO 91  91  91  PRO PRO A . n 
A 1 92  THR 92  92  92  THR THR A . n 
A 1 93  SER 93  93  93  SER SER A . n 
A 1 94  GLY 94  94  94  GLY GLY A . n 
A 1 95  SER 95  95  95  SER SER A . n 
A 1 96  ASP 96  96  96  ASP ASP A . n 
A 1 97  ASN 97  97  97  ASN ASN A . n 
A 1 98  CYS 98  98  98  CYS CYS A . n 
A 1 99  ASN 99  99  99  ASN ASN A . n 
A 1 100 LYS 100 100 100 LYS LYS A . n 
A 1 101 ILE 101 101 101 ILE ILE A . n 
A 1 102 TYR 102 102 102 TYR TYR A . n 
A 1 103 ASN 103 103 103 ASN ASN A . n 
A 1 104 LEU 104 104 104 LEU LEU A . n 
A 1 105 ALA 105 105 105 ALA ALA A . n 
A 1 106 LYS 106 106 106 LYS LYS A . n 
A 1 107 CYS 107 107 107 CYS CYS A . n 
A 1 108 VAL 108 108 108 VAL VAL A . n 
A 1 109 GLN 109 109 109 GLN GLN A . n 
A 1 110 GLU 110 110 110 GLU GLU A . n 
A 1 111 SER 111 111 111 SER SER A . n 
A 1 112 ALA 112 112 112 ALA ALA A . n 
A 1 113 PRO 113 113 113 PRO PRO A . n 
A 1 114 ASP 114 114 114 ASP ASP A . n 
A 1 115 VAL 115 115 115 VAL VAL A . n 
A 1 116 TRP 116 116 116 TRP TRP A . n 
A 1 117 PHE 117 117 117 PHE PHE A . n 
A 1 118 VAL 118 118 118 VAL VAL A . n 
A 1 119 ILE 119 119 119 ILE ILE A . n 
# 
loop_
_pdbx_nonpoly_scheme.asym_id 
_pdbx_nonpoly_scheme.entity_id 
_pdbx_nonpoly_scheme.mon_id 
_pdbx_nonpoly_scheme.ndb_seq_num 
_pdbx_nonpoly_scheme.pdb_seq_num 
_pdbx_nonpoly_scheme.auth_seq_num 
_pdbx_nonpoly_scheme.pdb_mon_id 
_pdbx_nonpoly_scheme.auth_mon_id 
_pdbx_nonpoly_scheme.pdb_strand_id 
_pdbx_nonpoly_scheme.pdb_ins_code 
B 2 CL  1  120 1  CL  CL  A . 
C 3 9OD 1  121 1  9OD 9OD A . 
D 4 GOL 1  122 1  GOL GOL A . 
E 4 GOL 1  123 2  GOL GOL A . 
F 5 HOH 1  124 1  HOH HOH A . 
F 5 HOH 2  125 2  HOH HOH A . 
F 5 HOH 3  126 3  HOH HOH A . 
F 5 HOH 4  127 4  HOH HOH A . 
F 5 HOH 5  128 5  HOH HOH A . 
F 5 HOH 6  129 6  HOH HOH A . 
F 5 HOH 7  130 7  HOH HOH A . 
F 5 HOH 8  131 8  HOH HOH A . 
F 5 HOH 9  132 9  HOH HOH A . 
F 5 HOH 10 133 10 HOH HOH A . 
F 5 HOH 11 134 11 HOH HOH A . 
F 5 HOH 12 135 12 HOH HOH A . 
F 5 HOH 13 136 13 HOH HOH A . 
F 5 HOH 14 137 14 HOH HOH A . 
F 5 HOH 15 138 15 HOH HOH A . 
F 5 HOH 16 139 16 HOH HOH A . 
F 5 HOH 17 140 17 HOH HOH A . 
F 5 HOH 18 141 18 HOH HOH A . 
F 5 HOH 19 142 19 HOH HOH A . 
F 5 HOH 20 143 20 HOH HOH A . 
F 5 HOH 21 144 21 HOH HOH A . 
F 5 HOH 22 145 22 HOH HOH A . 
F 5 HOH 23 146 23 HOH HOH A . 
F 5 HOH 24 147 24 HOH HOH A . 
F 5 HOH 25 148 25 HOH HOH A . 
F 5 HOH 26 149 26 HOH HOH A . 
F 5 HOH 27 150 28 HOH HOH A . 
F 5 HOH 28 151 29 HOH HOH A . 
F 5 HOH 29 152 30 HOH HOH A . 
F 5 HOH 30 153 31 HOH HOH A . 
F 5 HOH 31 154 32 HOH HOH A . 
F 5 HOH 32 155 33 HOH HOH A . 
F 5 HOH 33 156 34 HOH HOH A . 
F 5 HOH 34 157 35 HOH HOH A . 
F 5 HOH 35 158 36 HOH HOH A . 
F 5 HOH 36 159 37 HOH HOH A . 
F 5 HOH 37 160 38 HOH HOH A . 
F 5 HOH 38 161 40 HOH HOH A . 
F 5 HOH 39 162 41 HOH HOH A . 
F 5 HOH 40 163 43 HOH HOH A . 
F 5 HOH 41 164 45 HOH HOH A . 
F 5 HOH 42 165 46 HOH HOH A . 
F 5 HOH 43 166 47 HOH HOH A . 
F 5 HOH 44 167 49 HOH HOH A . 
F 5 HOH 45 168 50 HOH HOH A . 
F 5 HOH 46 169 51 HOH HOH A . 
F 5 HOH 47 170 53 HOH HOH A . 
F 5 HOH 48 171 54 HOH HOH A . 
F 5 HOH 49 172 55 HOH HOH A . 
F 5 HOH 50 173 56 HOH HOH A . 
F 5 HOH 51 174 57 HOH HOH A . 
F 5 HOH 52 175 58 HOH HOH A . 
F 5 HOH 53 176 59 HOH HOH A . 
F 5 HOH 54 177 60 HOH HOH A . 
F 5 HOH 55 178 61 HOH HOH A . 
F 5 HOH 56 179 63 HOH HOH A . 
F 5 HOH 57 180 64 HOH HOH A . 
F 5 HOH 58 181 68 HOH HOH A . 
F 5 HOH 59 182 69 HOH HOH A . 
F 5 HOH 60 183 71 HOH HOH A . 
# 
loop_
_software.name 
_software.classification 
_software.version 
_software.citation_id 
_software.pdbx_ordinal 
REFMAC refinement        5.2.0019 ? 1 
ADSC   'data collection' Quantum  ? 2 
MOSFLM 'data reduction'  .        ? 3 
SCALA  'data scaling'    .        ? 4 
REFMAC phasing           5.2.0019 ? 5 
# 
_cell.entry_id           3BFB 
_cell.length_a           78.099 
_cell.length_b           84.281 
_cell.length_c           47.602 
_cell.angle_alpha        90.00 
_cell.angle_beta         90.00 
_cell.angle_gamma        90.00 
_cell.Z_PDB              8 
_cell.pdbx_unique_axis   ? 
_cell.length_a_esd       ? 
_cell.length_b_esd       ? 
_cell.length_c_esd       ? 
_cell.angle_alpha_esd    ? 
_cell.angle_beta_esd     ? 
_cell.angle_gamma_esd    ? 
# 
_symmetry.entry_id                         3BFB 
_symmetry.space_group_name_H-M             'C 2 2 21' 
_symmetry.pdbx_full_space_group_name_H-M   ? 
_symmetry.cell_setting                     ? 
_symmetry.Int_Tables_number                20 
_symmetry.space_group_name_Hall            ? 
# 
_exptl.entry_id          3BFB 
_exptl.method            'X-RAY DIFFRACTION' 
_exptl.crystals_number   1 
# 
_exptl_crystal.id                    1 
_exptl_crystal.density_meas          ? 
_exptl_crystal.density_Matthews      2.97 
_exptl_crystal.density_percent_sol   58.56 
_exptl_crystal.description           ? 
_exptl_crystal.F_000                 ? 
_exptl_crystal.preparation           ? 
# 
_exptl_crystal_grow.crystal_id      1 
_exptl_crystal_grow.method          'VAPOR DIFFUSION, SITTING DROP' 
_exptl_crystal_grow.temp            293 
_exptl_crystal_grow.temp_details    ? 
_exptl_crystal_grow.pH              5.5 
_exptl_crystal_grow.pdbx_details    
'1.7M ammonium sulfate, 0.1M sodium citrate, pH5.5, VAPOR DIFFUSION, SITTING DROP, temperature 293K' 
_exptl_crystal_grow.pdbx_pH_range   . 
# 
_diffrn.id                     1 
_diffrn.ambient_temp           100 
_diffrn.ambient_temp_details   ? 
_diffrn.crystal_id             1 
# 
_diffrn_detector.diffrn_id              1 
_diffrn_detector.detector               CCD 
_diffrn_detector.type                   'ADSC QUANTUM 315r' 
_diffrn_detector.pdbx_collection_date   2007-09-08 
_diffrn_detector.details                'cylindrical grazing incidence mirror' 
# 
_diffrn_radiation.diffrn_id                        1 
_diffrn_radiation.wavelength_id                    1 
_diffrn_radiation.pdbx_monochromatic_or_laue_m_l   M 
_diffrn_radiation.monochromator                    'Si 111' 
_diffrn_radiation.pdbx_diffrn_protocol             'SINGLE WAVELENGTH' 
_diffrn_radiation.pdbx_scattering_type             x-ray 
# 
_diffrn_radiation_wavelength.id           1 
_diffrn_radiation_wavelength.wavelength   0.979 
_diffrn_radiation_wavelength.wt           1.0 
# 
_diffrn_source.diffrn_id                   1 
_diffrn_source.source                      SYNCHROTRON 
_diffrn_source.type                        'ESRF BEAMLINE ID29' 
_diffrn_source.pdbx_synchrotron_site       ESRF 
_diffrn_source.pdbx_synchrotron_beamline   ID29 
_diffrn_source.pdbx_wavelength             ? 
_diffrn_source.pdbx_wavelength_list        0.979 
# 
_reflns.entry_id                     3BFB 
_reflns.observed_criterion_sigma_F   ? 
_reflns.observed_criterion_sigma_I   0 
_reflns.d_resolution_high            2.15 
_reflns.d_resolution_low             57.3 
_reflns.number_all                   ? 
_reflns.number_obs                   9124 
_reflns.percent_possible_obs         100 
_reflns.pdbx_Rmerge_I_obs            0.072 
_reflns.pdbx_Rsym_value              0.072 
_reflns.pdbx_netI_over_sigmaI        16.6 
_reflns.B_iso_Wilson_estimate        43.67 
_reflns.pdbx_redundancy              6.9 
_reflns.R_free_details               ? 
_reflns.limit_h_max                  ? 
_reflns.limit_h_min                  ? 
_reflns.limit_k_max                  ? 
_reflns.limit_k_min                  ? 
_reflns.limit_l_max                  ? 
_reflns.limit_l_min                  ? 
_reflns.observed_criterion_F_max     ? 
_reflns.observed_criterion_F_min     ? 
_reflns.pdbx_chi_squared             ? 
_reflns.pdbx_scaling_rejects         ? 
_reflns.pdbx_ordinal                 1 
_reflns.pdbx_diffrn_id               1 
# 
_reflns_shell.d_res_high             2.15 
_reflns_shell.d_res_low              2.27 
_reflns_shell.percent_possible_all   100 
_reflns_shell.Rmerge_I_obs           0.492 
_reflns_shell.pdbx_Rsym_value        0.492 
_reflns_shell.meanI_over_sigI_obs    3.8 
_reflns_shell.pdbx_redundancy        7.2 
_reflns_shell.percent_possible_obs   ? 
_reflns_shell.number_unique_all      1273 
_reflns_shell.number_measured_all    ? 
_reflns_shell.number_measured_obs    ? 
_reflns_shell.number_unique_obs      ? 
_reflns_shell.pdbx_chi_squared       ? 
_reflns_shell.pdbx_ordinal           1 
_reflns_shell.pdbx_diffrn_id         1 
# 
_refine.entry_id                                 3BFB 
_refine.ls_number_reflns_obs                     7975 
_refine.ls_number_reflns_all                     7975 
_refine.pdbx_ls_sigma_I                          ? 
_refine.pdbx_ls_sigma_F                          0 
_refine.pdbx_data_cutoff_high_absF               ? 
_refine.pdbx_data_cutoff_low_absF                ? 
_refine.pdbx_data_cutoff_high_rms_absF           ? 
_refine.ls_d_res_low                             40.00 
_refine.ls_d_res_high                            2.15 
_refine.ls_percent_reflns_obs                    99.93 
_refine.ls_R_factor_obs                          0.20848 
_refine.ls_R_factor_all                          0.20848 
_refine.ls_R_factor_R_work                       0.20353 
_refine.ls_R_factor_R_free                       0.25223 
_refine.ls_R_factor_R_free_error                 ? 
_refine.ls_R_factor_R_free_error_details         ? 
_refine.ls_percent_reflns_R_free                 10.0 
_refine.ls_number_reflns_R_free                  882 
_refine.ls_number_parameters                     ? 
_refine.ls_number_restraints                     ? 
_refine.occupancy_min                            ? 
_refine.occupancy_max                            ? 
_refine.correlation_coeff_Fo_to_Fc               0.949 
_refine.correlation_coeff_Fo_to_Fc_free          0.932 
_refine.B_iso_mean                               40.979 
_refine.aniso_B[1][1]                            1.69 
_refine.aniso_B[2][2]                            -0.13 
_refine.aniso_B[3][3]                            -1.56 
_refine.aniso_B[1][2]                            0.00 
_refine.aniso_B[1][3]                            0.00 
_refine.aniso_B[2][3]                            0.00 
_refine.solvent_model_details                    'BABINET MODEL WITH MASK' 
_refine.solvent_model_param_ksol                 ? 
_refine.solvent_model_param_bsol                 ? 
_refine.pdbx_solvent_vdw_probe_radii             1.20 
_refine.pdbx_solvent_ion_probe_radii             0.80 
_refine.pdbx_solvent_shrinkage_radii             0.80 
_refine.pdbx_ls_cross_valid_method               THROUGHOUT 
_refine.details                                  'HYDROGENS HAVE BEEN ADDED IN THE RIDING POSITIONS' 
_refine.pdbx_starting_model                      'PDB ENTRY 1R5R' 
_refine.pdbx_method_to_determine_struct          'FOURIER SYNTHESIS' 
_refine.pdbx_isotropic_thermal_model             ? 
_refine.pdbx_stereochemistry_target_values       'MAXIMUM LIKELIHOOD' 
_refine.pdbx_stereochem_target_val_spec_case     ? 
_refine.pdbx_R_Free_selection_details            RANDOM 
_refine.pdbx_overall_ESU_R                       0.229 
_refine.pdbx_overall_ESU_R_Free                  0.199 
_refine.overall_SU_ML                            0.183 
_refine.overall_SU_B                             13.783 
_refine.ls_redundancy_reflns_obs                 ? 
_refine.B_iso_min                                ? 
_refine.B_iso_max                                ? 
_refine.overall_SU_R_Cruickshank_DPI             ? 
_refine.overall_SU_R_free                        ? 
_refine.ls_wR_factor_R_free                      ? 
_refine.ls_wR_factor_R_work                      ? 
_refine.overall_FOM_free_R_set                   ? 
_refine.overall_FOM_work_R_set                   ? 
_refine.pdbx_overall_phase_error                 ? 
_refine.pdbx_refine_id                           'X-RAY DIFFRACTION' 
_refine.pdbx_TLS_residual_ADP_flag               'LIKELY RESIDUAL' 
_refine.pdbx_diffrn_id                           1 
_refine.pdbx_overall_SU_R_free_Cruickshank_DPI   ? 
_refine.pdbx_overall_SU_R_Blow_DPI               ? 
_refine.pdbx_overall_SU_R_free_Blow_DPI          ? 
# 
_refine_analyze.entry_id                        3BFB 
_refine_analyze.Luzzati_coordinate_error_obs    ? 
_refine_analyze.Luzzati_sigma_a_obs             ? 
_refine_analyze.Luzzati_d_res_low_obs           ? 
_refine_analyze.Luzzati_coordinate_error_free   0.199 
_refine_analyze.Luzzati_sigma_a_free            ? 
_refine_analyze.Luzzati_d_res_low_free          ? 
_refine_analyze.number_disordered_residues      ? 
_refine_analyze.occupancy_sum_non_hydrogen      ? 
_refine_analyze.occupancy_sum_hydrogen          ? 
_refine_analyze.pdbx_Luzzati_d_res_high_obs     ? 
_refine_analyze.pdbx_refine_id                  'X-RAY DIFFRACTION' 
# 
_refine_hist.pdbx_refine_id                   'X-RAY DIFFRACTION' 
_refine_hist.cycle_id                         LAST 
_refine_hist.pdbx_number_atoms_protein        907 
_refine_hist.pdbx_number_atoms_nucleic_acid   0 
_refine_hist.pdbx_number_atoms_ligand         26 
_refine_hist.number_atoms_solvent             60 
_refine_hist.number_atoms_total               993 
_refine_hist.d_res_high                       2.15 
_refine_hist.d_res_low                        40.00 
# 
loop_
_refine_ls_restr.type 
_refine_ls_restr.dev_ideal 
_refine_ls_restr.dev_ideal_target 
_refine_ls_restr.weight 
_refine_ls_restr.number 
_refine_ls_restr.pdbx_refine_id 
_refine_ls_restr.pdbx_restraint_function 
r_bond_refined_d         0.012  0.022  ? 958  'X-RAY DIFFRACTION' ? 
r_bond_other_d           0.003  0.020  ? 630  'X-RAY DIFFRACTION' ? 
r_angle_refined_deg      1.279  1.986  ? 1300 'X-RAY DIFFRACTION' ? 
r_angle_other_deg        0.962  3.008  ? 1553 'X-RAY DIFFRACTION' ? 
r_dihedral_angle_1_deg   5.384  5.000  ? 116  'X-RAY DIFFRACTION' ? 
r_dihedral_angle_2_deg   38.565 27.174 ? 46   'X-RAY DIFFRACTION' ? 
r_dihedral_angle_3_deg   14.917 15.000 ? 161  'X-RAY DIFFRACTION' ? 
r_dihedral_angle_4_deg   18.712 15.000 ? 2    'X-RAY DIFFRACTION' ? 
r_chiral_restr           0.074  0.200  ? 146  'X-RAY DIFFRACTION' ? 
r_gen_planes_refined     0.006  0.020  ? 1055 'X-RAY DIFFRACTION' ? 
r_gen_planes_other       0.001  0.020  ? 160  'X-RAY DIFFRACTION' ? 
r_nbd_refined            0.226  0.200  ? 237  'X-RAY DIFFRACTION' ? 
r_nbd_other              0.194  0.200  ? 646  'X-RAY DIFFRACTION' ? 
r_nbtor_refined          0.177  0.200  ? 484  'X-RAY DIFFRACTION' ? 
r_nbtor_other            0.089  0.200  ? 460  'X-RAY DIFFRACTION' ? 
r_xyhbond_nbd_refined    0.200  0.200  ? 46   'X-RAY DIFFRACTION' ? 
r_symmetry_vdw_refined   0.153  0.200  ? 11   'X-RAY DIFFRACTION' ? 
r_symmetry_vdw_other     0.228  0.200  ? 30   'X-RAY DIFFRACTION' ? 
r_symmetry_hbond_refined 0.380  0.200  ? 13   'X-RAY DIFFRACTION' ? 
r_mcbond_it              0.641  1.500  ? 763  'X-RAY DIFFRACTION' ? 
r_mcbond_other           0.128  1.500  ? 234  'X-RAY DIFFRACTION' ? 
r_mcangle_it             0.720  2.000  ? 959  'X-RAY DIFFRACTION' ? 
r_scbond_it              1.187  3.000  ? 418  'X-RAY DIFFRACTION' ? 
r_scangle_it             1.583  4.500  ? 341  'X-RAY DIFFRACTION' ? 
# 
_refine_ls_shell.pdbx_total_number_of_bins_used   20 
_refine_ls_shell.d_res_high                       2.150 
_refine_ls_shell.d_res_low                        2.206 
_refine_ls_shell.number_reflns_R_work             571 
_refine_ls_shell.R_factor_R_work                  0.263 
_refine_ls_shell.percent_reflns_obs               100.00 
_refine_ls_shell.R_factor_R_free                  0.347 
_refine_ls_shell.R_factor_R_free_error            ? 
_refine_ls_shell.percent_reflns_R_free            ? 
_refine_ls_shell.number_reflns_R_free             73 
_refine_ls_shell.number_reflns_all                ? 
_refine_ls_shell.R_factor_all                     ? 
_refine_ls_shell.number_reflns_obs                571 
_refine_ls_shell.redundancy_reflns_obs            ? 
_refine_ls_shell.pdbx_refine_id                   'X-RAY DIFFRACTION' 
# 
_struct.entry_id                  3BFB 
_struct.title                     
'Crystal structure of a pheromone binding protein from Apis mellifera in complex with the 9-keto-2(E)-decenoic acid' 
_struct.pdbx_model_details        ? 
_struct.pdbx_CASP_flag            N 
_struct.pdbx_model_type_details   ? 
# 
_struct_keywords.entry_id        3BFB 
_struct_keywords.pdbx_keywords   'PHEROMONE BINDING PROTEIN' 
_struct_keywords.text            
'Honeybee, Apis mellifera, Pheromone binding protein, signal transduction, queen mandibular pheromone, PHEROMONE-BINDING PROTEIN' 
# 
loop_
_struct_asym.id 
_struct_asym.pdbx_blank_PDB_chainid_flag 
_struct_asym.pdbx_modified 
_struct_asym.entity_id 
_struct_asym.details 
A N N 1 ? 
B N N 2 ? 
C N N 3 ? 
D N N 4 ? 
E N N 4 ? 
F N N 5 ? 
# 
_struct_ref.id                         1 
_struct_ref.db_name                    UNP 
_struct_ref.db_code                    Q9U9J6_APIME 
_struct_ref.pdbx_db_accession          Q9U9J6 
_struct_ref.entity_id                  1 
_struct_ref.pdbx_seq_one_letter_code   
;APDWVPPEVFDLVAEDKARCMSEHGTTQAQIDDVDKGNLVNEPSITCYMYCLLEAFSLVDDEANVDEDIMLGLLPDQLQE
RAQSVMGKCLPTSGSDNCNKIYNLAKCVQESAPDVWFVI
;
_struct_ref.pdbx_align_begin           26 
_struct_ref.pdbx_db_isoform            ? 
# 
_struct_ref_seq.align_id                      1 
_struct_ref_seq.ref_id                        1 
_struct_ref_seq.pdbx_PDB_id_code              3BFB 
_struct_ref_seq.pdbx_strand_id                A 
_struct_ref_seq.seq_align_beg                 1 
_struct_ref_seq.pdbx_seq_align_beg_ins_code   ? 
_struct_ref_seq.seq_align_end                 119 
_struct_ref_seq.pdbx_seq_align_end_ins_code   ? 
_struct_ref_seq.pdbx_db_accession             Q9U9J6 
_struct_ref_seq.db_align_beg                  26 
_struct_ref_seq.pdbx_db_align_beg_ins_code    ? 
_struct_ref_seq.db_align_end                  144 
_struct_ref_seq.pdbx_db_align_end_ins_code    ? 
_struct_ref_seq.pdbx_auth_seq_align_beg       1 
_struct_ref_seq.pdbx_auth_seq_align_end       119 
# 
loop_
_pdbx_struct_assembly.id 
_pdbx_struct_assembly.details 
_pdbx_struct_assembly.method_details 
_pdbx_struct_assembly.oligomeric_details 
_pdbx_struct_assembly.oligomeric_count 
1 author_defined_assembly   ?    monomeric 1 
2 software_defined_assembly PISA dimeric   2 
# 
loop_
_pdbx_struct_assembly_prop.biol_id 
_pdbx_struct_assembly_prop.type 
_pdbx_struct_assembly_prop.value 
_pdbx_struct_assembly_prop.details 
2 'ABSA (A^2)' 1680  ? 
2 MORE         -32.0 ? 
2 'SSA (A^2)'  12570 ? 
# 
loop_
_pdbx_struct_assembly_gen.assembly_id 
_pdbx_struct_assembly_gen.oper_expression 
_pdbx_struct_assembly_gen.asym_id_list 
1 1   A,B,C,D,E,F 
2 1,2 A,B,C,D,E,F 
# 
loop_
_pdbx_struct_oper_list.id 
_pdbx_struct_oper_list.type 
_pdbx_struct_oper_list.name 
_pdbx_struct_oper_list.symmetry_operation 
_pdbx_struct_oper_list.matrix[1][1] 
_pdbx_struct_oper_list.matrix[1][2] 
_pdbx_struct_oper_list.matrix[1][3] 
_pdbx_struct_oper_list.vector[1] 
_pdbx_struct_oper_list.matrix[2][1] 
_pdbx_struct_oper_list.matrix[2][2] 
_pdbx_struct_oper_list.matrix[2][3] 
_pdbx_struct_oper_list.vector[2] 
_pdbx_struct_oper_list.matrix[3][1] 
_pdbx_struct_oper_list.matrix[3][2] 
_pdbx_struct_oper_list.matrix[3][3] 
_pdbx_struct_oper_list.vector[3] 
1 'identity operation'         1_555 x,y,z       1.0000000000  0.0000000000 0.0000000000  0.0000000000  0.0000000000 1.0000000000 0.0000000000  0.0000000000   0.0000000000  0.0000000000  1.0000000000  0.0000000000  
2 'crystal symmetry operation' 3_555 -x,y,-z+1/2 -0.5341482728 0.8453852693 -0.0030609119 26.3487864217 0.8453852693 0.5341281609 -0.0055546640 -14.4766955607 -0.0030609119 -0.0055546640 -0.9999798881 11.8404223700 
# 
_struct_biol.id        1 
_struct_biol.details   ? 
# 
loop_
_struct_conf.conf_type_id 
_struct_conf.id 
_struct_conf.pdbx_PDB_helix_id 
_struct_conf.beg_label_comp_id 
_struct_conf.beg_label_asym_id 
_struct_conf.beg_label_seq_id 
_struct_conf.pdbx_beg_PDB_ins_code 
_struct_conf.end_label_comp_id 
_struct_conf.end_label_asym_id 
_struct_conf.end_label_seq_id 
_struct_conf.pdbx_end_PDB_ins_code 
_struct_conf.beg_auth_comp_id 
_struct_conf.beg_auth_asym_id 
_struct_conf.beg_auth_seq_id 
_struct_conf.end_auth_comp_id 
_struct_conf.end_auth_asym_id 
_struct_conf.end_auth_seq_id 
_struct_conf.pdbx_PDB_helix_class 
_struct_conf.details 
_struct_conf.pdbx_PDB_helix_length 
HELX_P HELX_P1 1 PRO A 7  ? GLY A 25  ? PRO A 7  GLY A 25  1 ? 19 
HELX_P HELX_P2 2 THR A 27 ? LYS A 36  ? THR A 27 LYS A 36  1 ? 10 
HELX_P HELX_P3 3 GLU A 42 ? PHE A 56  ? GLU A 42 PHE A 56  1 ? 15 
HELX_P HELX_P4 4 ASP A 66 ? LEU A 74  ? ASP A 66 LEU A 74  1 ? 9  
HELX_P HELX_P5 5 LEU A 78 ? LEU A 90  ? LEU A 78 LEU A 90  1 ? 13 
HELX_P HELX_P6 6 ASP A 96 ? ALA A 112 ? ASP A 96 ALA A 112 1 ? 17 
# 
_struct_conf_type.id          HELX_P 
_struct_conf_type.criteria    ? 
_struct_conf_type.reference   ? 
# 
loop_
_struct_conn.id 
_struct_conn.conn_type_id 
_struct_conn.pdbx_leaving_atom_flag 
_struct_conn.pdbx_PDB_id 
_struct_conn.ptnr1_label_asym_id 
_struct_conn.ptnr1_label_comp_id 
_struct_conn.ptnr1_label_seq_id 
_struct_conn.ptnr1_label_atom_id 
_struct_conn.pdbx_ptnr1_label_alt_id 
_struct_conn.pdbx_ptnr1_PDB_ins_code 
_struct_conn.pdbx_ptnr1_standard_comp_id 
_struct_conn.ptnr1_symmetry 
_struct_conn.ptnr2_label_asym_id 
_struct_conn.ptnr2_label_comp_id 
_struct_conn.ptnr2_label_seq_id 
_struct_conn.ptnr2_label_atom_id 
_struct_conn.pdbx_ptnr2_label_alt_id 
_struct_conn.pdbx_ptnr2_PDB_ins_code 
_struct_conn.ptnr1_auth_asym_id 
_struct_conn.ptnr1_auth_comp_id 
_struct_conn.ptnr1_auth_seq_id 
_struct_conn.ptnr2_auth_asym_id 
_struct_conn.ptnr2_auth_comp_id 
_struct_conn.ptnr2_auth_seq_id 
_struct_conn.ptnr2_symmetry 
_struct_conn.pdbx_ptnr3_label_atom_id 
_struct_conn.pdbx_ptnr3_label_seq_id 
_struct_conn.pdbx_ptnr3_label_comp_id 
_struct_conn.pdbx_ptnr3_label_asym_id 
_struct_conn.pdbx_ptnr3_label_alt_id 
_struct_conn.pdbx_ptnr3_PDB_ins_code 
_struct_conn.details 
_struct_conn.pdbx_dist_value 
_struct_conn.pdbx_value_order 
_struct_conn.pdbx_role 
disulf1 disulf ? ? A CYS 20 SG ? ? ? 1_555 A CYS 51  SG ? ? A CYS 20 A CYS 51  1_555 ? ? ? ? ? ? ? 2.017 ? ? 
disulf2 disulf ? ? A CYS 47 SG ? ? ? 1_555 A CYS 98  SG ? ? A CYS 47 A CYS 98  1_555 ? ? ? ? ? ? ? 2.066 ? ? 
disulf3 disulf ? ? A CYS 89 SG ? ? ? 1_555 A CYS 107 SG ? ? A CYS 89 A CYS 107 1_555 ? ? ? ? ? ? ? 2.046 ? ? 
# 
_struct_conn_type.id          disulf 
_struct_conn_type.criteria    ? 
_struct_conn_type.reference   ? 
# 
loop_
_pdbx_modification_feature.ordinal 
_pdbx_modification_feature.label_comp_id 
_pdbx_modification_feature.label_asym_id 
_pdbx_modification_feature.label_seq_id 
_pdbx_modification_feature.label_alt_id 
_pdbx_modification_feature.modified_residue_label_comp_id 
_pdbx_modification_feature.modified_residue_label_asym_id 
_pdbx_modification_feature.modified_residue_label_seq_id 
_pdbx_modification_feature.modified_residue_label_alt_id 
_pdbx_modification_feature.auth_comp_id 
_pdbx_modification_feature.auth_asym_id 
_pdbx_modification_feature.auth_seq_id 
_pdbx_modification_feature.PDB_ins_code 
_pdbx_modification_feature.symmetry 
_pdbx_modification_feature.modified_residue_auth_comp_id 
_pdbx_modification_feature.modified_residue_auth_asym_id 
_pdbx_modification_feature.modified_residue_auth_seq_id 
_pdbx_modification_feature.modified_residue_PDB_ins_code 
_pdbx_modification_feature.modified_residue_symmetry 
_pdbx_modification_feature.comp_id_linking_atom 
_pdbx_modification_feature.modified_residue_id_linking_atom 
_pdbx_modification_feature.modified_residue_id 
_pdbx_modification_feature.ref_pcm_id 
_pdbx_modification_feature.ref_comp_id 
_pdbx_modification_feature.type 
_pdbx_modification_feature.category 
1 CYS A 20 ? CYS A 51  ? CYS A 20 ? 1_555 CYS A 51  ? 1_555 SG SG . . . None 'Disulfide bridge' 
2 CYS A 47 ? CYS A 98  ? CYS A 47 ? 1_555 CYS A 98  ? 1_555 SG SG . . . None 'Disulfide bridge' 
3 CYS A 89 ? CYS A 107 ? CYS A 89 ? 1_555 CYS A 107 ? 1_555 SG SG . . . None 'Disulfide bridge' 
# 
loop_
_struct_mon_prot_cis.pdbx_id 
_struct_mon_prot_cis.label_comp_id 
_struct_mon_prot_cis.label_seq_id 
_struct_mon_prot_cis.label_asym_id 
_struct_mon_prot_cis.label_alt_id 
_struct_mon_prot_cis.pdbx_PDB_ins_code 
_struct_mon_prot_cis.auth_comp_id 
_struct_mon_prot_cis.auth_seq_id 
_struct_mon_prot_cis.auth_asym_id 
_struct_mon_prot_cis.pdbx_label_comp_id_2 
_struct_mon_prot_cis.pdbx_label_seq_id_2 
_struct_mon_prot_cis.pdbx_label_asym_id_2 
_struct_mon_prot_cis.pdbx_PDB_ins_code_2 
_struct_mon_prot_cis.pdbx_auth_comp_id_2 
_struct_mon_prot_cis.pdbx_auth_seq_id_2 
_struct_mon_prot_cis.pdbx_auth_asym_id_2 
_struct_mon_prot_cis.pdbx_PDB_model_num 
_struct_mon_prot_cis.pdbx_omega_angle 
1 ASP 3  A . ? ASP 3  A TRP 4  A ? TRP 4  A 1 -0.19 
2 LEU 90 A . ? LEU 90 A PRO 91 A ? PRO 91 A 1 -2.89 
# 
loop_
_struct_site.id 
_struct_site.pdbx_evidence_code 
_struct_site.pdbx_auth_asym_id 
_struct_site.pdbx_auth_comp_id 
_struct_site.pdbx_auth_seq_id 
_struct_site.pdbx_auth_ins_code 
_struct_site.pdbx_num_residues 
_struct_site.details 
AC1 Software A 9OD 121 ? 5 'BINDING SITE FOR RESIDUE 9OD A 121' 
AC2 Software A GOL 122 ? 3 'BINDING SITE FOR RESIDUE GOL A 122' 
AC3 Software A GOL 123 ? 3 'BINDING SITE FOR RESIDUE GOL A 123' 
# 
loop_
_struct_site_gen.id 
_struct_site_gen.site_id 
_struct_site_gen.pdbx_num_res 
_struct_site_gen.label_comp_id 
_struct_site_gen.label_asym_id 
_struct_site_gen.label_seq_id 
_struct_site_gen.pdbx_auth_ins_code 
_struct_site_gen.auth_comp_id 
_struct_site_gen.auth_asym_id 
_struct_site_gen.auth_seq_id 
_struct_site_gen.label_atom_id 
_struct_site_gen.label_alt_id 
_struct_site_gen.symmetry 
_struct_site_gen.details 
1  AC1 5 LEU A 12  ? LEU A 12  . ? 1_555 ? 
2  AC1 5 LEU A 52  ? LEU A 52  . ? 1_555 ? 
3  AC1 5 PHE A 56  ? PHE A 56  . ? 1_555 ? 
4  AC1 5 LEU A 73  ? LEU A 73  . ? 1_555 ? 
5  AC1 5 ILE A 119 ? ILE A 119 . ? 1_555 ? 
6  AC2 3 TRP A 4   ? TRP A 4   . ? 1_555 ? 
7  AC2 3 TRP A 116 ? TRP A 116 . ? 1_555 ? 
8  AC2 3 PHE A 117 ? PHE A 117 . ? 1_555 ? 
9  AC3 3 ASP A 3   ? ASP A 3   . ? 1_555 ? 
10 AC3 3 TRP A 4   ? TRP A 4   . ? 1_555 ? 
11 AC3 3 PHE A 117 ? PHE A 117 . ? 1_555 ? 
# 
_pdbx_entry_details.entry_id                   3BFB 
_pdbx_entry_details.compound_details           ? 
_pdbx_entry_details.source_details             ? 
_pdbx_entry_details.nonpolymer_details         ? 
_pdbx_entry_details.sequence_details           ? 
_pdbx_entry_details.has_ligand_of_interest     ? 
_pdbx_entry_details.has_protein_modification   Y 
# 
_pdbx_validate_torsion.id              1 
_pdbx_validate_torsion.PDB_model_num   1 
_pdbx_validate_torsion.auth_comp_id    ASP 
_pdbx_validate_torsion.auth_asym_id    A 
_pdbx_validate_torsion.auth_seq_id     60 
_pdbx_validate_torsion.PDB_ins_code    ? 
_pdbx_validate_torsion.label_alt_id    ? 
_pdbx_validate_torsion.phi             -106.89 
_pdbx_validate_torsion.psi             -164.37 
# 
loop_
_pdbx_struct_special_symmetry.id 
_pdbx_struct_special_symmetry.PDB_model_num 
_pdbx_struct_special_symmetry.auth_asym_id 
_pdbx_struct_special_symmetry.auth_comp_id 
_pdbx_struct_special_symmetry.auth_seq_id 
_pdbx_struct_special_symmetry.PDB_ins_code 
_pdbx_struct_special_symmetry.label_asym_id 
_pdbx_struct_special_symmetry.label_comp_id 
_pdbx_struct_special_symmetry.label_seq_id 
1 1 A CL  120 ? B CL  . 
2 1 A HOH 136 ? F HOH . 
3 1 A HOH 180 ? F HOH . 
4 1 A HOH 181 ? F HOH . 
# 
loop_
_pdbx_refine_tls.id 
_pdbx_refine_tls.details 
_pdbx_refine_tls.method 
_pdbx_refine_tls.origin_x 
_pdbx_refine_tls.origin_y 
_pdbx_refine_tls.origin_z 
_pdbx_refine_tls.T[1][1] 
_pdbx_refine_tls.T[2][2] 
_pdbx_refine_tls.T[3][3] 
_pdbx_refine_tls.T[1][2] 
_pdbx_refine_tls.T[1][3] 
_pdbx_refine_tls.T[2][3] 
_pdbx_refine_tls.L[1][1] 
_pdbx_refine_tls.L[2][2] 
_pdbx_refine_tls.L[3][3] 
_pdbx_refine_tls.L[1][2] 
_pdbx_refine_tls.L[1][3] 
_pdbx_refine_tls.L[2][3] 
_pdbx_refine_tls.S[1][1] 
_pdbx_refine_tls.S[1][2] 
_pdbx_refine_tls.S[1][3] 
_pdbx_refine_tls.S[2][1] 
_pdbx_refine_tls.S[2][2] 
_pdbx_refine_tls.S[2][3] 
_pdbx_refine_tls.S[3][1] 
_pdbx_refine_tls.S[3][2] 
_pdbx_refine_tls.S[3][3] 
_pdbx_refine_tls.pdbx_refine_id 
1 ? refined -4.8085 0.5004  2.2010   -0.1600 -0.2894 -0.0462 0.0267  -0.1544 0.0378 2.2341  2.7482 11.5430 -0.5018 -3.2632 2.1544  -0.1766 0.3585  0.0077 -0.6877 -0.5549 0.2594  -1.3274 0.0003 0.7315 'X-RAY DIFFRACTION' 
2 ? refined 5.8226  0.7233  -11.3638 0.2366  0.4151  0.0880  -0.1908 0.1534  0.1994 12.0605 1.1646 12.1600 -3.0323 -1.3015 -1.8716 0.8546  0.4251  0.5910 -1.5834 -1.0718 0.0739  -1.0793 1.5045 0.2172 'X-RAY DIFFRACTION' 
3 ? refined 6.3478  -0.9232 2.0699   -0.1619 0.2101  -0.1773 -0.1716 -0.0186 0.2089 8.1994  9.0269 14.5589 -0.9211 -5.9117 3.2594  -0.0220 -0.1378 0.4078 -0.8017 -0.1813 -0.3401 -1.3739 2.5437 0.2033 'X-RAY DIFFRACTION' 
# 
loop_
_pdbx_refine_tls_group.id 
_pdbx_refine_tls_group.refine_tls_id 
_pdbx_refine_tls_group.beg_auth_asym_id 
_pdbx_refine_tls_group.beg_auth_seq_id 
_pdbx_refine_tls_group.beg_label_asym_id 
_pdbx_refine_tls_group.beg_label_seq_id 
_pdbx_refine_tls_group.end_auth_asym_id 
_pdbx_refine_tls_group.end_auth_seq_id 
_pdbx_refine_tls_group.end_label_asym_id 
_pdbx_refine_tls_group.end_label_seq_id 
_pdbx_refine_tls_group.selection 
_pdbx_refine_tls_group.pdbx_refine_id 
_pdbx_refine_tls_group.selection_details 
1 1 A 3  A 3  A 69  A 69  ? 'X-RAY DIFFRACTION' ? 
2 2 A 70 A 70 A 88  A 88  ? 'X-RAY DIFFRACTION' ? 
3 3 A 89 A 89 A 119 A 119 ? 'X-RAY DIFFRACTION' ? 
# 
loop_
_pdbx_unobs_or_zero_occ_residues.id 
_pdbx_unobs_or_zero_occ_residues.PDB_model_num 
_pdbx_unobs_or_zero_occ_residues.polymer_flag 
_pdbx_unobs_or_zero_occ_residues.occupancy_flag 
_pdbx_unobs_or_zero_occ_residues.auth_asym_id 
_pdbx_unobs_or_zero_occ_residues.auth_comp_id 
_pdbx_unobs_or_zero_occ_residues.auth_seq_id 
_pdbx_unobs_or_zero_occ_residues.PDB_ins_code 
_pdbx_unobs_or_zero_occ_residues.label_asym_id 
_pdbx_unobs_or_zero_occ_residues.label_comp_id 
_pdbx_unobs_or_zero_occ_residues.label_seq_id 
1 1 Y 1 A ALA 1 ? A ALA 1 
2 1 Y 1 A PRO 2 ? A PRO 2 
# 
loop_
_chem_comp_atom.comp_id 
_chem_comp_atom.atom_id 
_chem_comp_atom.type_symbol 
_chem_comp_atom.pdbx_aromatic_flag 
_chem_comp_atom.pdbx_stereo_config 
_chem_comp_atom.pdbx_ordinal 
9OD O9   O  N N 1   
9OD C9   C  N N 2   
9OD C10  C  N N 3   
9OD C8   C  N N 4   
9OD C7   C  N N 5   
9OD C6   C  N N 6   
9OD C5   C  N N 7   
9OD C4   C  N N 8   
9OD C3   C  N N 9   
9OD C2   C  N N 10  
9OD C1   C  N N 11  
9OD OE1  O  N N 12  
9OD OE2  O  N N 13  
9OD H10  H  N N 14  
9OD H10A H  N N 15  
9OD H10B H  N N 16  
9OD H8   H  N N 17  
9OD H8A  H  N N 18  
9OD H7   H  N N 19  
9OD H7A  H  N N 20  
9OD H6   H  N N 21  
9OD H6A  H  N N 22  
9OD H5   H  N N 23  
9OD H5A  H  N N 24  
9OD H4   H  N N 25  
9OD H4A  H  N N 26  
9OD H3   H  N N 27  
9OD H2   H  N N 28  
9OD HOE1 H  N N 29  
ALA N    N  N N 30  
ALA CA   C  N S 31  
ALA C    C  N N 32  
ALA O    O  N N 33  
ALA CB   C  N N 34  
ALA OXT  O  N N 35  
ALA H    H  N N 36  
ALA H2   H  N N 37  
ALA HA   H  N N 38  
ALA HB1  H  N N 39  
ALA HB2  H  N N 40  
ALA HB3  H  N N 41  
ALA HXT  H  N N 42  
ARG N    N  N N 43  
ARG CA   C  N S 44  
ARG C    C  N N 45  
ARG O    O  N N 46  
ARG CB   C  N N 47  
ARG CG   C  N N 48  
ARG CD   C  N N 49  
ARG NE   N  N N 50  
ARG CZ   C  N N 51  
ARG NH1  N  N N 52  
ARG NH2  N  N N 53  
ARG OXT  O  N N 54  
ARG H    H  N N 55  
ARG H2   H  N N 56  
ARG HA   H  N N 57  
ARG HB2  H  N N 58  
ARG HB3  H  N N 59  
ARG HG2  H  N N 60  
ARG HG3  H  N N 61  
ARG HD2  H  N N 62  
ARG HD3  H  N N 63  
ARG HE   H  N N 64  
ARG HH11 H  N N 65  
ARG HH12 H  N N 66  
ARG HH21 H  N N 67  
ARG HH22 H  N N 68  
ARG HXT  H  N N 69  
ASN N    N  N N 70  
ASN CA   C  N S 71  
ASN C    C  N N 72  
ASN O    O  N N 73  
ASN CB   C  N N 74  
ASN CG   C  N N 75  
ASN OD1  O  N N 76  
ASN ND2  N  N N 77  
ASN OXT  O  N N 78  
ASN H    H  N N 79  
ASN H2   H  N N 80  
ASN HA   H  N N 81  
ASN HB2  H  N N 82  
ASN HB3  H  N N 83  
ASN HD21 H  N N 84  
ASN HD22 H  N N 85  
ASN HXT  H  N N 86  
ASP N    N  N N 87  
ASP CA   C  N S 88  
ASP C    C  N N 89  
ASP O    O  N N 90  
ASP CB   C  N N 91  
ASP CG   C  N N 92  
ASP OD1  O  N N 93  
ASP OD2  O  N N 94  
ASP OXT  O  N N 95  
ASP H    H  N N 96  
ASP H2   H  N N 97  
ASP HA   H  N N 98  
ASP HB2  H  N N 99  
ASP HB3  H  N N 100 
ASP HD2  H  N N 101 
ASP HXT  H  N N 102 
CL  CL   CL N N 103 
CYS N    N  N N 104 
CYS CA   C  N R 105 
CYS C    C  N N 106 
CYS O    O  N N 107 
CYS CB   C  N N 108 
CYS SG   S  N N 109 
CYS OXT  O  N N 110 
CYS H    H  N N 111 
CYS H2   H  N N 112 
CYS HA   H  N N 113 
CYS HB2  H  N N 114 
CYS HB3  H  N N 115 
CYS HG   H  N N 116 
CYS HXT  H  N N 117 
GLN N    N  N N 118 
GLN CA   C  N S 119 
GLN C    C  N N 120 
GLN O    O  N N 121 
GLN CB   C  N N 122 
GLN CG   C  N N 123 
GLN CD   C  N N 124 
GLN OE1  O  N N 125 
GLN NE2  N  N N 126 
GLN OXT  O  N N 127 
GLN H    H  N N 128 
GLN H2   H  N N 129 
GLN HA   H  N N 130 
GLN HB2  H  N N 131 
GLN HB3  H  N N 132 
GLN HG2  H  N N 133 
GLN HG3  H  N N 134 
GLN HE21 H  N N 135 
GLN HE22 H  N N 136 
GLN HXT  H  N N 137 
GLU N    N  N N 138 
GLU CA   C  N S 139 
GLU C    C  N N 140 
GLU O    O  N N 141 
GLU CB   C  N N 142 
GLU CG   C  N N 143 
GLU CD   C  N N 144 
GLU OE1  O  N N 145 
GLU OE2  O  N N 146 
GLU OXT  O  N N 147 
GLU H    H  N N 148 
GLU H2   H  N N 149 
GLU HA   H  N N 150 
GLU HB2  H  N N 151 
GLU HB3  H  N N 152 
GLU HG2  H  N N 153 
GLU HG3  H  N N 154 
GLU HE2  H  N N 155 
GLU HXT  H  N N 156 
GLY N    N  N N 157 
GLY CA   C  N N 158 
GLY C    C  N N 159 
GLY O    O  N N 160 
GLY OXT  O  N N 161 
GLY H    H  N N 162 
GLY H2   H  N N 163 
GLY HA2  H  N N 164 
GLY HA3  H  N N 165 
GLY HXT  H  N N 166 
GOL C1   C  N N 167 
GOL O1   O  N N 168 
GOL C2   C  N N 169 
GOL O2   O  N N 170 
GOL C3   C  N N 171 
GOL O3   O  N N 172 
GOL H11  H  N N 173 
GOL H12  H  N N 174 
GOL HO1  H  N N 175 
GOL H2   H  N N 176 
GOL HO2  H  N N 177 
GOL H31  H  N N 178 
GOL H32  H  N N 179 
GOL HO3  H  N N 180 
HIS N    N  N N 181 
HIS CA   C  N S 182 
HIS C    C  N N 183 
HIS O    O  N N 184 
HIS CB   C  N N 185 
HIS CG   C  Y N 186 
HIS ND1  N  Y N 187 
HIS CD2  C  Y N 188 
HIS CE1  C  Y N 189 
HIS NE2  N  Y N 190 
HIS OXT  O  N N 191 
HIS H    H  N N 192 
HIS H2   H  N N 193 
HIS HA   H  N N 194 
HIS HB2  H  N N 195 
HIS HB3  H  N N 196 
HIS HD1  H  N N 197 
HIS HD2  H  N N 198 
HIS HE1  H  N N 199 
HIS HE2  H  N N 200 
HIS HXT  H  N N 201 
HOH O    O  N N 202 
HOH H1   H  N N 203 
HOH H2   H  N N 204 
ILE N    N  N N 205 
ILE CA   C  N S 206 
ILE C    C  N N 207 
ILE O    O  N N 208 
ILE CB   C  N S 209 
ILE CG1  C  N N 210 
ILE CG2  C  N N 211 
ILE CD1  C  N N 212 
ILE OXT  O  N N 213 
ILE H    H  N N 214 
ILE H2   H  N N 215 
ILE HA   H  N N 216 
ILE HB   H  N N 217 
ILE HG12 H  N N 218 
ILE HG13 H  N N 219 
ILE HG21 H  N N 220 
ILE HG22 H  N N 221 
ILE HG23 H  N N 222 
ILE HD11 H  N N 223 
ILE HD12 H  N N 224 
ILE HD13 H  N N 225 
ILE HXT  H  N N 226 
LEU N    N  N N 227 
LEU CA   C  N S 228 
LEU C    C  N N 229 
LEU O    O  N N 230 
LEU CB   C  N N 231 
LEU CG   C  N N 232 
LEU CD1  C  N N 233 
LEU CD2  C  N N 234 
LEU OXT  O  N N 235 
LEU H    H  N N 236 
LEU H2   H  N N 237 
LEU HA   H  N N 238 
LEU HB2  H  N N 239 
LEU HB3  H  N N 240 
LEU HG   H  N N 241 
LEU HD11 H  N N 242 
LEU HD12 H  N N 243 
LEU HD13 H  N N 244 
LEU HD21 H  N N 245 
LEU HD22 H  N N 246 
LEU HD23 H  N N 247 
LEU HXT  H  N N 248 
LYS N    N  N N 249 
LYS CA   C  N S 250 
LYS C    C  N N 251 
LYS O    O  N N 252 
LYS CB   C  N N 253 
LYS CG   C  N N 254 
LYS CD   C  N N 255 
LYS CE   C  N N 256 
LYS NZ   N  N N 257 
LYS OXT  O  N N 258 
LYS H    H  N N 259 
LYS H2   H  N N 260 
LYS HA   H  N N 261 
LYS HB2  H  N N 262 
LYS HB3  H  N N 263 
LYS HG2  H  N N 264 
LYS HG3  H  N N 265 
LYS HD2  H  N N 266 
LYS HD3  H  N N 267 
LYS HE2  H  N N 268 
LYS HE3  H  N N 269 
LYS HZ1  H  N N 270 
LYS HZ2  H  N N 271 
LYS HZ3  H  N N 272 
LYS HXT  H  N N 273 
MET N    N  N N 274 
MET CA   C  N S 275 
MET C    C  N N 276 
MET O    O  N N 277 
MET CB   C  N N 278 
MET CG   C  N N 279 
MET SD   S  N N 280 
MET CE   C  N N 281 
MET OXT  O  N N 282 
MET H    H  N N 283 
MET H2   H  N N 284 
MET HA   H  N N 285 
MET HB2  H  N N 286 
MET HB3  H  N N 287 
MET HG2  H  N N 288 
MET HG3  H  N N 289 
MET HE1  H  N N 290 
MET HE2  H  N N 291 
MET HE3  H  N N 292 
MET HXT  H  N N 293 
PHE N    N  N N 294 
PHE CA   C  N S 295 
PHE C    C  N N 296 
PHE O    O  N N 297 
PHE CB   C  N N 298 
PHE CG   C  Y N 299 
PHE CD1  C  Y N 300 
PHE CD2  C  Y N 301 
PHE CE1  C  Y N 302 
PHE CE2  C  Y N 303 
PHE CZ   C  Y N 304 
PHE OXT  O  N N 305 
PHE H    H  N N 306 
PHE H2   H  N N 307 
PHE HA   H  N N 308 
PHE HB2  H  N N 309 
PHE HB3  H  N N 310 
PHE HD1  H  N N 311 
PHE HD2  H  N N 312 
PHE HE1  H  N N 313 
PHE HE2  H  N N 314 
PHE HZ   H  N N 315 
PHE HXT  H  N N 316 
PRO N    N  N N 317 
PRO CA   C  N S 318 
PRO C    C  N N 319 
PRO O    O  N N 320 
PRO CB   C  N N 321 
PRO CG   C  N N 322 
PRO CD   C  N N 323 
PRO OXT  O  N N 324 
PRO H    H  N N 325 
PRO HA   H  N N 326 
PRO HB2  H  N N 327 
PRO HB3  H  N N 328 
PRO HG2  H  N N 329 
PRO HG3  H  N N 330 
PRO HD2  H  N N 331 
PRO HD3  H  N N 332 
PRO HXT  H  N N 333 
SER N    N  N N 334 
SER CA   C  N S 335 
SER C    C  N N 336 
SER O    O  N N 337 
SER CB   C  N N 338 
SER OG   O  N N 339 
SER OXT  O  N N 340 
SER H    H  N N 341 
SER H2   H  N N 342 
SER HA   H  N N 343 
SER HB2  H  N N 344 
SER HB3  H  N N 345 
SER HG   H  N N 346 
SER HXT  H  N N 347 
THR N    N  N N 348 
THR CA   C  N S 349 
THR C    C  N N 350 
THR O    O  N N 351 
THR CB   C  N R 352 
THR OG1  O  N N 353 
THR CG2  C  N N 354 
THR OXT  O  N N 355 
THR H    H  N N 356 
THR H2   H  N N 357 
THR HA   H  N N 358 
THR HB   H  N N 359 
THR HG1  H  N N 360 
THR HG21 H  N N 361 
THR HG22 H  N N 362 
THR HG23 H  N N 363 
THR HXT  H  N N 364 
TRP N    N  N N 365 
TRP CA   C  N S 366 
TRP C    C  N N 367 
TRP O    O  N N 368 
TRP CB   C  N N 369 
TRP CG   C  Y N 370 
TRP CD1  C  Y N 371 
TRP CD2  C  Y N 372 
TRP NE1  N  Y N 373 
TRP CE2  C  Y N 374 
TRP CE3  C  Y N 375 
TRP CZ2  C  Y N 376 
TRP CZ3  C  Y N 377 
TRP CH2  C  Y N 378 
TRP OXT  O  N N 379 
TRP H    H  N N 380 
TRP H2   H  N N 381 
TRP HA   H  N N 382 
TRP HB2  H  N N 383 
TRP HB3  H  N N 384 
TRP HD1  H  N N 385 
TRP HE1  H  N N 386 
TRP HE3  H  N N 387 
TRP HZ2  H  N N 388 
TRP HZ3  H  N N 389 
TRP HH2  H  N N 390 
TRP HXT  H  N N 391 
TYR N    N  N N 392 
TYR CA   C  N S 393 
TYR C    C  N N 394 
TYR O    O  N N 395 
TYR CB   C  N N 396 
TYR CG   C  Y N 397 
TYR CD1  C  Y N 398 
TYR CD2  C  Y N 399 
TYR CE1  C  Y N 400 
TYR CE2  C  Y N 401 
TYR CZ   C  Y N 402 
TYR OH   O  N N 403 
TYR OXT  O  N N 404 
TYR H    H  N N 405 
TYR H2   H  N N 406 
TYR HA   H  N N 407 
TYR HB2  H  N N 408 
TYR HB3  H  N N 409 
TYR HD1  H  N N 410 
TYR HD2  H  N N 411 
TYR HE1  H  N N 412 
TYR HE2  H  N N 413 
TYR HH   H  N N 414 
TYR HXT  H  N N 415 
VAL N    N  N N 416 
VAL CA   C  N S 417 
VAL C    C  N N 418 
VAL O    O  N N 419 
VAL CB   C  N N 420 
VAL CG1  C  N N 421 
VAL CG2  C  N N 422 
VAL OXT  O  N N 423 
VAL H    H  N N 424 
VAL H2   H  N N 425 
VAL HA   H  N N 426 
VAL HB   H  N N 427 
VAL HG11 H  N N 428 
VAL HG12 H  N N 429 
VAL HG13 H  N N 430 
VAL HG21 H  N N 431 
VAL HG22 H  N N 432 
VAL HG23 H  N N 433 
VAL HXT  H  N N 434 
# 
loop_
_chem_comp_bond.comp_id 
_chem_comp_bond.atom_id_1 
_chem_comp_bond.atom_id_2 
_chem_comp_bond.value_order 
_chem_comp_bond.pdbx_aromatic_flag 
_chem_comp_bond.pdbx_stereo_config 
_chem_comp_bond.pdbx_ordinal 
9OD O9  C9   doub N N 1   
9OD C9  C10  sing N N 2   
9OD C9  C8   sing N N 3   
9OD C8  C7   sing N N 4   
9OD C7  C6   sing N N 5   
9OD C6  C5   sing N N 6   
9OD C5  C4   sing N N 7   
9OD C4  C3   sing N N 8   
9OD C3  C2   doub N N 9   
9OD C2  C1   sing N N 10  
9OD C1  OE1  sing N N 11  
9OD C1  OE2  doub N N 12  
9OD C10 H10  sing N N 13  
9OD C10 H10A sing N N 14  
9OD C10 H10B sing N N 15  
9OD C8  H8   sing N N 16  
9OD C8  H8A  sing N N 17  
9OD C7  H7   sing N N 18  
9OD C7  H7A  sing N N 19  
9OD C6  H6   sing N N 20  
9OD C6  H6A  sing N N 21  
9OD C5  H5   sing N Z 22  
9OD C5  H5A  sing N N 23  
9OD C4  H4   sing N N 24  
9OD C4  H4A  sing N N 25  
9OD C3  H3   sing N N 26  
9OD C2  H2   sing N N 27  
9OD OE1 HOE1 sing N N 28  
ALA N   CA   sing N N 29  
ALA N   H    sing N N 30  
ALA N   H2   sing N N 31  
ALA CA  C    sing N N 32  
ALA CA  CB   sing N N 33  
ALA CA  HA   sing N N 34  
ALA C   O    doub N N 35  
ALA C   OXT  sing N N 36  
ALA CB  HB1  sing N N 37  
ALA CB  HB2  sing N N 38  
ALA CB  HB3  sing N N 39  
ALA OXT HXT  sing N N 40  
ARG N   CA   sing N N 41  
ARG N   H    sing N N 42  
ARG N   H2   sing N N 43  
ARG CA  C    sing N N 44  
ARG CA  CB   sing N N 45  
ARG CA  HA   sing N N 46  
ARG C   O    doub N N 47  
ARG C   OXT  sing N N 48  
ARG CB  CG   sing N N 49  
ARG CB  HB2  sing N N 50  
ARG CB  HB3  sing N N 51  
ARG CG  CD   sing N N 52  
ARG CG  HG2  sing N N 53  
ARG CG  HG3  sing N N 54  
ARG CD  NE   sing N N 55  
ARG CD  HD2  sing N N 56  
ARG CD  HD3  sing N N 57  
ARG NE  CZ   sing N N 58  
ARG NE  HE   sing N N 59  
ARG CZ  NH1  sing N N 60  
ARG CZ  NH2  doub N N 61  
ARG NH1 HH11 sing N N 62  
ARG NH1 HH12 sing N N 63  
ARG NH2 HH21 sing N N 64  
ARG NH2 HH22 sing N N 65  
ARG OXT HXT  sing N N 66  
ASN N   CA   sing N N 67  
ASN N   H    sing N N 68  
ASN N   H2   sing N N 69  
ASN CA  C    sing N N 70  
ASN CA  CB   sing N N 71  
ASN CA  HA   sing N N 72  
ASN C   O    doub N N 73  
ASN C   OXT  sing N N 74  
ASN CB  CG   sing N N 75  
ASN CB  HB2  sing N N 76  
ASN CB  HB3  sing N N 77  
ASN CG  OD1  doub N N 78  
ASN CG  ND2  sing N N 79  
ASN ND2 HD21 sing N N 80  
ASN ND2 HD22 sing N N 81  
ASN OXT HXT  sing N N 82  
ASP N   CA   sing N N 83  
ASP N   H    sing N N 84  
ASP N   H2   sing N N 85  
ASP CA  C    sing N N 86  
ASP CA  CB   sing N N 87  
ASP CA  HA   sing N N 88  
ASP C   O    doub N N 89  
ASP C   OXT  sing N N 90  
ASP CB  CG   sing N N 91  
ASP CB  HB2  sing N N 92  
ASP CB  HB3  sing N N 93  
ASP CG  OD1  doub N N 94  
ASP CG  OD2  sing N N 95  
ASP OD2 HD2  sing N N 96  
ASP OXT HXT  sing N N 97  
CYS N   CA   sing N N 98  
CYS N   H    sing N N 99  
CYS N   H2   sing N N 100 
CYS CA  C    sing N N 101 
CYS CA  CB   sing N N 102 
CYS CA  HA   sing N N 103 
CYS C   O    doub N N 104 
CYS C   OXT  sing N N 105 
CYS CB  SG   sing N N 106 
CYS CB  HB2  sing N N 107 
CYS CB  HB3  sing N N 108 
CYS SG  HG   sing N N 109 
CYS OXT HXT  sing N N 110 
GLN N   CA   sing N N 111 
GLN N   H    sing N N 112 
GLN N   H2   sing N N 113 
GLN CA  C    sing N N 114 
GLN CA  CB   sing N N 115 
GLN CA  HA   sing N N 116 
GLN C   O    doub N N 117 
GLN C   OXT  sing N N 118 
GLN CB  CG   sing N N 119 
GLN CB  HB2  sing N N 120 
GLN CB  HB3  sing N N 121 
GLN CG  CD   sing N N 122 
GLN CG  HG2  sing N N 123 
GLN CG  HG3  sing N N 124 
GLN CD  OE1  doub N N 125 
GLN CD  NE2  sing N N 126 
GLN NE2 HE21 sing N N 127 
GLN NE2 HE22 sing N N 128 
GLN OXT HXT  sing N N 129 
GLU N   CA   sing N N 130 
GLU N   H    sing N N 131 
GLU N   H2   sing N N 132 
GLU CA  C    sing N N 133 
GLU CA  CB   sing N N 134 
GLU CA  HA   sing N N 135 
GLU C   O    doub N N 136 
GLU C   OXT  sing N N 137 
GLU CB  CG   sing N N 138 
GLU CB  HB2  sing N N 139 
GLU CB  HB3  sing N N 140 
GLU CG  CD   sing N N 141 
GLU CG  HG2  sing N N 142 
GLU CG  HG3  sing N N 143 
GLU CD  OE1  doub N N 144 
GLU CD  OE2  sing N N 145 
GLU OE2 HE2  sing N N 146 
GLU OXT HXT  sing N N 147 
GLY N   CA   sing N N 148 
GLY N   H    sing N N 149 
GLY N   H2   sing N N 150 
GLY CA  C    sing N N 151 
GLY CA  HA2  sing N N 152 
GLY CA  HA3  sing N N 153 
GLY C   O    doub N N 154 
GLY C   OXT  sing N N 155 
GLY OXT HXT  sing N N 156 
GOL C1  O1   sing N N 157 
GOL C1  C2   sing N N 158 
GOL C1  H11  sing N N 159 
GOL C1  H12  sing N N 160 
GOL O1  HO1  sing N N 161 
GOL C2  O2   sing N N 162 
GOL C2  C3   sing N N 163 
GOL C2  H2   sing N N 164 
GOL O2  HO2  sing N N 165 
GOL C3  O3   sing N N 166 
GOL C3  H31  sing N N 167 
GOL C3  H32  sing N N 168 
GOL O3  HO3  sing N N 169 
HIS N   CA   sing N N 170 
HIS N   H    sing N N 171 
HIS N   H2   sing N N 172 
HIS CA  C    sing N N 173 
HIS CA  CB   sing N N 174 
HIS CA  HA   sing N N 175 
HIS C   O    doub N N 176 
HIS C   OXT  sing N N 177 
HIS CB  CG   sing N N 178 
HIS CB  HB2  sing N N 179 
HIS CB  HB3  sing N N 180 
HIS CG  ND1  sing Y N 181 
HIS CG  CD2  doub Y N 182 
HIS ND1 CE1  doub Y N 183 
HIS ND1 HD1  sing N N 184 
HIS CD2 NE2  sing Y N 185 
HIS CD2 HD2  sing N N 186 
HIS CE1 NE2  sing Y N 187 
HIS CE1 HE1  sing N N 188 
HIS NE2 HE2  sing N N 189 
HIS OXT HXT  sing N N 190 
HOH O   H1   sing N N 191 
HOH O   H2   sing N N 192 
ILE N   CA   sing N N 193 
ILE N   H    sing N N 194 
ILE N   H2   sing N N 195 
ILE CA  C    sing N N 196 
ILE CA  CB   sing N N 197 
ILE CA  HA   sing N N 198 
ILE C   O    doub N N 199 
ILE C   OXT  sing N N 200 
ILE CB  CG1  sing N N 201 
ILE CB  CG2  sing N N 202 
ILE CB  HB   sing N N 203 
ILE CG1 CD1  sing N N 204 
ILE CG1 HG12 sing N N 205 
ILE CG1 HG13 sing N N 206 
ILE CG2 HG21 sing N N 207 
ILE CG2 HG22 sing N N 208 
ILE CG2 HG23 sing N N 209 
ILE CD1 HD11 sing N N 210 
ILE CD1 HD12 sing N N 211 
ILE CD1 HD13 sing N N 212 
ILE OXT HXT  sing N N 213 
LEU N   CA   sing N N 214 
LEU N   H    sing N N 215 
LEU N   H2   sing N N 216 
LEU CA  C    sing N N 217 
LEU CA  CB   sing N N 218 
LEU CA  HA   sing N N 219 
LEU C   O    doub N N 220 
LEU C   OXT  sing N N 221 
LEU CB  CG   sing N N 222 
LEU CB  HB2  sing N N 223 
LEU CB  HB3  sing N N 224 
LEU CG  CD1  sing N N 225 
LEU CG  CD2  sing N N 226 
LEU CG  HG   sing N N 227 
LEU CD1 HD11 sing N N 228 
LEU CD1 HD12 sing N N 229 
LEU CD1 HD13 sing N N 230 
LEU CD2 HD21 sing N N 231 
LEU CD2 HD22 sing N N 232 
LEU CD2 HD23 sing N N 233 
LEU OXT HXT  sing N N 234 
LYS N   CA   sing N N 235 
LYS N   H    sing N N 236 
LYS N   H2   sing N N 237 
LYS CA  C    sing N N 238 
LYS CA  CB   sing N N 239 
LYS CA  HA   sing N N 240 
LYS C   O    doub N N 241 
LYS C   OXT  sing N N 242 
LYS CB  CG   sing N N 243 
LYS CB  HB2  sing N N 244 
LYS CB  HB3  sing N N 245 
LYS CG  CD   sing N N 246 
LYS CG  HG2  sing N N 247 
LYS CG  HG3  sing N N 248 
LYS CD  CE   sing N N 249 
LYS CD  HD2  sing N N 250 
LYS CD  HD3  sing N N 251 
LYS CE  NZ   sing N N 252 
LYS CE  HE2  sing N N 253 
LYS CE  HE3  sing N N 254 
LYS NZ  HZ1  sing N N 255 
LYS NZ  HZ2  sing N N 256 
LYS NZ  HZ3  sing N N 257 
LYS OXT HXT  sing N N 258 
MET N   CA   sing N N 259 
MET N   H    sing N N 260 
MET N   H2   sing N N 261 
MET CA  C    sing N N 262 
MET CA  CB   sing N N 263 
MET CA  HA   sing N N 264 
MET C   O    doub N N 265 
MET C   OXT  sing N N 266 
MET CB  CG   sing N N 267 
MET CB  HB2  sing N N 268 
MET CB  HB3  sing N N 269 
MET CG  SD   sing N N 270 
MET CG  HG2  sing N N 271 
MET CG  HG3  sing N N 272 
MET SD  CE   sing N N 273 
MET CE  HE1  sing N N 274 
MET CE  HE2  sing N N 275 
MET CE  HE3  sing N N 276 
MET OXT HXT  sing N N 277 
PHE N   CA   sing N N 278 
PHE N   H    sing N N 279 
PHE N   H2   sing N N 280 
PHE CA  C    sing N N 281 
PHE CA  CB   sing N N 282 
PHE CA  HA   sing N N 283 
PHE C   O    doub N N 284 
PHE C   OXT  sing N N 285 
PHE CB  CG   sing N N 286 
PHE CB  HB2  sing N N 287 
PHE CB  HB3  sing N N 288 
PHE CG  CD1  doub Y N 289 
PHE CG  CD2  sing Y N 290 
PHE CD1 CE1  sing Y N 291 
PHE CD1 HD1  sing N N 292 
PHE CD2 CE2  doub Y N 293 
PHE CD2 HD2  sing N N 294 
PHE CE1 CZ   doub Y N 295 
PHE CE1 HE1  sing N N 296 
PHE CE2 CZ   sing Y N 297 
PHE CE2 HE2  sing N N 298 
PHE CZ  HZ   sing N N 299 
PHE OXT HXT  sing N N 300 
PRO N   CA   sing N N 301 
PRO N   CD   sing N N 302 
PRO N   H    sing N N 303 
PRO CA  C    sing N N 304 
PRO CA  CB   sing N N 305 
PRO CA  HA   sing N N 306 
PRO C   O    doub N N 307 
PRO C   OXT  sing N N 308 
PRO CB  CG   sing N N 309 
PRO CB  HB2  sing N N 310 
PRO CB  HB3  sing N N 311 
PRO CG  CD   sing N N 312 
PRO CG  HG2  sing N N 313 
PRO CG  HG3  sing N N 314 
PRO CD  HD2  sing N N 315 
PRO CD  HD3  sing N N 316 
PRO OXT HXT  sing N N 317 
SER N   CA   sing N N 318 
SER N   H    sing N N 319 
SER N   H2   sing N N 320 
SER CA  C    sing N N 321 
SER CA  CB   sing N N 322 
SER CA  HA   sing N N 323 
SER C   O    doub N N 324 
SER C   OXT  sing N N 325 
SER CB  OG   sing N N 326 
SER CB  HB2  sing N N 327 
SER CB  HB3  sing N N 328 
SER OG  HG   sing N N 329 
SER OXT HXT  sing N N 330 
THR N   CA   sing N N 331 
THR N   H    sing N N 332 
THR N   H2   sing N N 333 
THR CA  C    sing N N 334 
THR CA  CB   sing N N 335 
THR CA  HA   sing N N 336 
THR C   O    doub N N 337 
THR C   OXT  sing N N 338 
THR CB  OG1  sing N N 339 
THR CB  CG2  sing N N 340 
THR CB  HB   sing N N 341 
THR OG1 HG1  sing N N 342 
THR CG2 HG21 sing N N 343 
THR CG2 HG22 sing N N 344 
THR CG2 HG23 sing N N 345 
THR OXT HXT  sing N N 346 
TRP N   CA   sing N N 347 
TRP N   H    sing N N 348 
TRP N   H2   sing N N 349 
TRP CA  C    sing N N 350 
TRP CA  CB   sing N N 351 
TRP CA  HA   sing N N 352 
TRP C   O    doub N N 353 
TRP C   OXT  sing N N 354 
TRP CB  CG   sing N N 355 
TRP CB  HB2  sing N N 356 
TRP CB  HB3  sing N N 357 
TRP CG  CD1  doub Y N 358 
TRP CG  CD2  sing Y N 359 
TRP CD1 NE1  sing Y N 360 
TRP CD1 HD1  sing N N 361 
TRP CD2 CE2  doub Y N 362 
TRP CD2 CE3  sing Y N 363 
TRP NE1 CE2  sing Y N 364 
TRP NE1 HE1  sing N N 365 
TRP CE2 CZ2  sing Y N 366 
TRP CE3 CZ3  doub Y N 367 
TRP CE3 HE3  sing N N 368 
TRP CZ2 CH2  doub Y N 369 
TRP CZ2 HZ2  sing N N 370 
TRP CZ3 CH2  sing Y N 371 
TRP CZ3 HZ3  sing N N 372 
TRP CH2 HH2  sing N N 373 
TRP OXT HXT  sing N N 374 
TYR N   CA   sing N N 375 
TYR N   H    sing N N 376 
TYR N   H2   sing N N 377 
TYR CA  C    sing N N 378 
TYR CA  CB   sing N N 379 
TYR CA  HA   sing N N 380 
TYR C   O    doub N N 381 
TYR C   OXT  sing N N 382 
TYR CB  CG   sing N N 383 
TYR CB  HB2  sing N N 384 
TYR CB  HB3  sing N N 385 
TYR CG  CD1  doub Y N 386 
TYR CG  CD2  sing Y N 387 
TYR CD1 CE1  sing Y N 388 
TYR CD1 HD1  sing N N 389 
TYR CD2 CE2  doub Y N 390 
TYR CD2 HD2  sing N N 391 
TYR CE1 CZ   doub Y N 392 
TYR CE1 HE1  sing N N 393 
TYR CE2 CZ   sing Y N 394 
TYR CE2 HE2  sing N N 395 
TYR CZ  OH   sing N N 396 
TYR OH  HH   sing N N 397 
TYR OXT HXT  sing N N 398 
VAL N   CA   sing N N 399 
VAL N   H    sing N N 400 
VAL N   H2   sing N N 401 
VAL CA  C    sing N N 402 
VAL CA  CB   sing N N 403 
VAL CA  HA   sing N N 404 
VAL C   O    doub N N 405 
VAL C   OXT  sing N N 406 
VAL CB  CG1  sing N N 407 
VAL CB  CG2  sing N N 408 
VAL CB  HB   sing N N 409 
VAL CG1 HG11 sing N N 410 
VAL CG1 HG12 sing N N 411 
VAL CG1 HG13 sing N N 412 
VAL CG2 HG21 sing N N 413 
VAL CG2 HG22 sing N N 414 
VAL CG2 HG23 sing N N 415 
VAL OXT HXT  sing N N 416 
# 
_pdbx_initial_refinement_model.id               1 
_pdbx_initial_refinement_model.entity_id_list   ? 
_pdbx_initial_refinement_model.type             'experimental model' 
_pdbx_initial_refinement_model.source_name      PDB 
_pdbx_initial_refinement_model.accession_code   1R5R 
_pdbx_initial_refinement_model.details          'PDB ENTRY 1R5R' 
# 
_atom_sites.entry_id                    3BFB 
_atom_sites.fract_transf_matrix[1][1]   -0.00468484 
_atom_sites.fract_transf_matrix[1][2]   0.00253944 
_atom_sites.fract_transf_matrix[1][3]   -0.01164242 
_atom_sites.fract_transf_matrix[2][1]   0.00572633 
_atom_sites.fract_transf_matrix[2][2]   0.01039163 
_atom_sites.fract_transf_matrix[2][3]   -0.00003763 
_atom_sites.fract_transf_matrix[3][1]   0.01671687 
_atom_sites.fract_transf_matrix[3][2]   -0.00924353 
_atom_sites.fract_transf_matrix[3][3]   -0.00874296 
_atom_sites.fract_transf_vector[1]      0.149027 
_atom_sites.fract_transf_vector[2]      0.162137 
_atom_sites.fract_transf_vector[3]      0.014623 
# 
loop_
_atom_type.symbol 
C  
CL 
N  
O  
S  
# 
loop_
_atom_site.group_PDB 
_atom_site.id 
_atom_site.type_symbol 
_atom_site.label_atom_id 
_atom_site.label_alt_id 
_atom_site.label_comp_id 
_atom_site.label_asym_id 
_atom_site.label_entity_id 
_atom_site.label_seq_id 
_atom_site.pdbx_PDB_ins_code 
_atom_site.Cartn_x 
_atom_site.Cartn_y 
_atom_site.Cartn_z 
_atom_site.occupancy 
_atom_site.B_iso_or_equiv 
_atom_site.pdbx_formal_charge 
_atom_site.auth_seq_id 
_atom_site.auth_comp_id 
_atom_site.auth_asym_id 
_atom_site.auth_atom_id 
_atom_site.pdbx_PDB_model_num 
ATOM   1    N  N   . ASP A 1 3   ? -1.457  15.742  -8.201  1.00 56.66 ? 3   ASP A N   1 
ATOM   2    C  CA  . ASP A 1 3   ? -1.209  14.432  -8.894  1.00 56.49 ? 3   ASP A CA  1 
ATOM   3    C  C   . ASP A 1 3   ? -0.983  13.318  -7.874  1.00 56.37 ? 3   ASP A C   1 
ATOM   4    O  O   . ASP A 1 3   ? -0.680  13.602  -6.709  1.00 56.53 ? 3   ASP A O   1 
ATOM   5    C  CB  . ASP A 1 3   ? 0.000   14.548  -9.838  1.00 56.71 ? 3   ASP A CB  1 
ATOM   6    C  CG  . ASP A 1 3   ? 1.182   15.259  -9.194  1.00 56.99 ? 3   ASP A CG  1 
ATOM   7    O  OD1 . ASP A 1 3   ? 1.746   14.705  -8.218  1.00 57.93 ? 3   ASP A OD1 1 
ATOM   8    O  OD2 . ASP A 1 3   ? 1.549   16.359  -9.673  1.00 56.54 ? 3   ASP A OD2 1 
ATOM   9    N  N   . TRP A 1 4   ? -1.113  12.054  -8.274  1.00 55.99 ? 4   TRP A N   1 
ATOM   10   C  CA  . TRP A 1 4   ? -1.467  11.618  -9.638  1.00 55.66 ? 4   TRP A CA  1 
ATOM   11   C  C   . TRP A 1 4   ? -2.704  10.716  -9.637  1.00 55.49 ? 4   TRP A C   1 
ATOM   12   O  O   . TRP A 1 4   ? -3.291  10.467  -10.691 1.00 56.33 ? 4   TRP A O   1 
ATOM   13   C  CB  . TRP A 1 4   ? -0.294  10.853  -10.270 1.00 55.98 ? 4   TRP A CB  1 
ATOM   14   C  CG  . TRP A 1 4   ? 0.307   9.899   -9.314  1.00 56.19 ? 4   TRP A CG  1 
ATOM   15   C  CD1 . TRP A 1 4   ? 1.335   10.145  -8.440  1.00 56.49 ? 4   TRP A CD1 1 
ATOM   16   C  CD2 . TRP A 1 4   ? -0.117  8.556   -9.067  1.00 56.93 ? 4   TRP A CD2 1 
ATOM   17   N  NE1 . TRP A 1 4   ? 1.585   9.028   -7.675  1.00 57.12 ? 4   TRP A NE1 1 
ATOM   18   C  CE2 . TRP A 1 4   ? 0.707   8.040   -8.042  1.00 56.58 ? 4   TRP A CE2 1 
ATOM   19   C  CE3 . TRP A 1 4   ? -1.113  7.738   -9.610  1.00 56.95 ? 4   TRP A CE3 1 
ATOM   20   C  CZ2 . TRP A 1 4   ? 0.573   6.747   -7.564  1.00 56.52 ? 4   TRP A CZ2 1 
ATOM   21   C  CZ3 . TRP A 1 4   ? -1.249  6.447   -9.126  1.00 56.19 ? 4   TRP A CZ3 1 
ATOM   22   C  CH2 . TRP A 1 4   ? -0.403  5.962   -8.122  1.00 56.62 ? 4   TRP A CH2 1 
ATOM   23   N  N   . VAL A 1 5   ? -3.102  10.242  -8.459  1.00 55.01 ? 5   VAL A N   1 
ATOM   24   C  CA  . VAL A 1 5   ? -4.208  9.299   -8.324  1.00 54.31 ? 5   VAL A CA  1 
ATOM   25   C  C   . VAL A 1 5   ? -5.462  9.966   -8.875  1.00 53.68 ? 5   VAL A C   1 
ATOM   26   O  O   . VAL A 1 5   ? -5.775  11.090  -8.495  1.00 53.55 ? 5   VAL A O   1 
ATOM   27   C  CB  . VAL A 1 5   ? -4.421  8.879   -6.850  1.00 54.44 ? 5   VAL A CB  1 
ATOM   28   C  CG1 . VAL A 1 5   ? -5.411  7.717   -6.742  1.00 54.63 ? 5   VAL A CG1 1 
ATOM   29   C  CG2 . VAL A 1 5   ? -3.097  8.461   -6.214  1.00 55.40 ? 5   VAL A CG2 1 
ATOM   30   N  N   . PRO A 1 6   ? -6.162  9.296   -9.807  1.00 53.10 ? 6   PRO A N   1 
ATOM   31   C  CA  . PRO A 1 6   ? -7.379  9.923   -10.307 1.00 52.75 ? 6   PRO A CA  1 
ATOM   32   C  C   . PRO A 1 6   ? -8.428  9.918   -9.206  1.00 52.48 ? 6   PRO A C   1 
ATOM   33   O  O   . PRO A 1 6   ? -8.522  8.925   -8.456  1.00 52.65 ? 6   PRO A O   1 
ATOM   34   C  CB  . PRO A 1 6   ? -7.812  9.023   -11.470 1.00 52.74 ? 6   PRO A CB  1 
ATOM   35   C  CG  . PRO A 1 6   ? -6.727  8.007   -11.645 1.00 53.07 ? 6   PRO A CG  1 
ATOM   36   C  CD  . PRO A 1 6   ? -5.917  7.974   -10.410 1.00 52.68 ? 6   PRO A CD  1 
ATOM   37   N  N   . PRO A 1 7   ? -9.207  11.010  -9.092  1.00 51.93 ? 7   PRO A N   1 
ATOM   38   C  CA  . PRO A 1 7   ? -10.190 11.113  -8.014  1.00 51.97 ? 7   PRO A CA  1 
ATOM   39   C  C   . PRO A 1 7   ? -11.206 9.968   -8.008  1.00 51.90 ? 7   PRO A C   1 
ATOM   40   O  O   . PRO A 1 7   ? -11.741 9.630   -6.953  1.00 52.22 ? 7   PRO A O   1 
ATOM   41   C  CB  . PRO A 1 7   ? -10.881 12.461  -8.285  1.00 51.94 ? 7   PRO A CB  1 
ATOM   42   C  CG  . PRO A 1 7   ? -10.556 12.796  -9.698  1.00 51.64 ? 7   PRO A CG  1 
ATOM   43   C  CD  . PRO A 1 7   ? -9.221  12.204  -9.959  1.00 51.98 ? 7   PRO A CD  1 
ATOM   44   N  N   . GLU A 1 8   ? -11.449 9.372   -9.173  1.00 51.87 ? 8   GLU A N   1 
ATOM   45   C  CA  . GLU A 1 8   ? -12.309 8.190   -9.290  1.00 51.88 ? 8   GLU A CA  1 
ATOM   46   C  C   . GLU A 1 8   ? -11.878 7.040   -8.352  1.00 51.88 ? 8   GLU A C   1 
ATOM   47   O  O   . GLU A 1 8   ? -12.723 6.283   -7.863  1.00 52.11 ? 8   GLU A O   1 
ATOM   48   C  CB  . GLU A 1 8   ? -12.353 7.709   -10.746 1.00 51.76 ? 8   GLU A CB  1 
ATOM   49   C  CG  . GLU A 1 8   ? -13.075 8.678   -11.705 1.00 52.62 ? 8   GLU A CG  1 
ATOM   50   C  CD  . GLU A 1 8   ? -12.298 9.967   -12.011 1.00 53.11 ? 8   GLU A CD  1 
ATOM   51   O  OE1 . GLU A 1 8   ? -11.070 10.013  -11.765 1.00 54.45 ? 8   GLU A OE1 1 
ATOM   52   O  OE2 . GLU A 1 8   ? -12.920 10.933  -12.503 1.00 53.44 ? 8   GLU A OE2 1 
ATOM   53   N  N   . VAL A 1 9   ? -10.577 6.917   -8.089  1.00 51.81 ? 9   VAL A N   1 
ATOM   54   C  CA  . VAL A 1 9   ? -10.081 5.844   -7.221  1.00 51.89 ? 9   VAL A CA  1 
ATOM   55   C  C   . VAL A 1 9   ? -10.588 5.956   -5.784  1.00 51.96 ? 9   VAL A C   1 
ATOM   56   O  O   . VAL A 1 9   ? -10.655 4.957   -5.066  1.00 52.62 ? 9   VAL A O   1 
ATOM   57   C  CB  . VAL A 1 9   ? -8.537  5.773   -7.222  1.00 51.99 ? 9   VAL A CB  1 
ATOM   58   C  CG1 . VAL A 1 9   ? -8.025  4.756   -6.183  1.00 51.88 ? 9   VAL A CG1 1 
ATOM   59   C  CG2 . VAL A 1 9   ? -8.041  5.383   -8.593  1.00 52.56 ? 9   VAL A CG2 1 
ATOM   60   N  N   . PHE A 1 10  ? -10.949 7.162   -5.358  1.00 52.31 ? 10  PHE A N   1 
ATOM   61   C  CA  . PHE A 1 10  ? -11.454 7.365   -3.996  1.00 52.14 ? 10  PHE A CA  1 
ATOM   62   C  C   . PHE A 1 10  ? -12.865 6.800   -3.857  1.00 52.12 ? 10  PHE A C   1 
ATOM   63   O  O   . PHE A 1 10  ? -13.160 6.120   -2.871  1.00 52.00 ? 10  PHE A O   1 
ATOM   64   C  CB  . PHE A 1 10  ? -11.353 8.844   -3.608  1.00 52.59 ? 10  PHE A CB  1 
ATOM   65   C  CG  . PHE A 1 10  ? -9.930  9.311   -3.499  1.00 52.76 ? 10  PHE A CG  1 
ATOM   66   C  CD1 . PHE A 1 10  ? -9.270  9.276   -2.285  1.00 53.38 ? 10  PHE A CD1 1 
ATOM   67   C  CD2 . PHE A 1 10  ? -9.225  9.698   -4.629  1.00 53.26 ? 10  PHE A CD2 1 
ATOM   68   C  CE1 . PHE A 1 10  ? -7.942  9.670   -2.191  1.00 53.51 ? 10  PHE A CE1 1 
ATOM   69   C  CE2 . PHE A 1 10  ? -7.907  10.086  -4.546  1.00 53.07 ? 10  PHE A CE2 1 
ATOM   70   C  CZ  . PHE A 1 10  ? -7.261  10.069  -3.327  1.00 53.02 ? 10  PHE A CZ  1 
ATOM   71   N  N   . ASP A 1 11  ? -13.708 7.036   -4.867  1.00 51.73 ? 11  ASP A N   1 
ATOM   72   C  CA  . ASP A 1 11  ? -15.018 6.379   -4.962  1.00 51.87 ? 11  ASP A CA  1 
ATOM   73   C  C   . ASP A 1 11  ? -14.893 4.862   -4.984  1.00 51.66 ? 11  ASP A C   1 
ATOM   74   O  O   . ASP A 1 11  ? -15.594 4.151   -4.258  1.00 51.67 ? 11  ASP A O   1 
ATOM   75   C  CB  . ASP A 1 11  ? -15.761 6.824   -6.235  1.00 52.02 ? 11  ASP A CB  1 
ATOM   76   C  CG  . ASP A 1 11  ? -16.251 8.247   -6.154  1.00 52.82 ? 11  ASP A CG  1 
ATOM   77   O  OD1 . ASP A 1 11  ? -16.152 8.817   -5.040  1.00 54.25 ? 11  ASP A OD1 1 
ATOM   78   O  OD2 . ASP A 1 11  ? -16.750 8.786   -7.190  1.00 53.12 ? 11  ASP A OD2 1 
ATOM   79   N  N   . LEU A 1 12  ? -13.991 4.377   -5.829  1.00 51.83 ? 12  LEU A N   1 
ATOM   80   C  CA  . LEU A 1 12  ? -13.789 2.950   -6.006  1.00 51.64 ? 12  LEU A CA  1 
ATOM   81   C  C   . LEU A 1 12  ? -13.382 2.236   -4.705  1.00 51.63 ? 12  LEU A C   1 
ATOM   82   O  O   . LEU A 1 12  ? -13.850 1.130   -4.441  1.00 52.05 ? 12  LEU A O   1 
ATOM   83   C  CB  . LEU A 1 12  ? -12.746 2.707   -7.103  1.00 51.76 ? 12  LEU A CB  1 
ATOM   84   C  CG  . LEU A 1 12  ? -12.724 1.320   -7.745  0.50 51.88 ? 12  LEU A CG  1 
ATOM   85   C  CD1 . LEU A 1 12  ? -13.930 1.113   -8.646  0.50 51.96 ? 12  LEU A CD1 1 
ATOM   86   C  CD2 . LEU A 1 12  ? -11.447 1.134   -8.533  0.50 51.88 ? 12  LEU A CD2 1 
ATOM   87   N  N   . VAL A 1 13  ? -12.509 2.843   -3.899  1.00 51.54 ? 13  VAL A N   1 
ATOM   88   C  CA  . VAL A 1 13  ? -12.044 2.193   -2.650  1.00 51.32 ? 13  VAL A CA  1 
ATOM   89   C  C   . VAL A 1 13  ? -12.897 2.480   -1.404  1.00 51.29 ? 13  VAL A C   1 
ATOM   90   O  O   . VAL A 1 13  ? -12.700 1.847   -0.362  1.00 51.10 ? 13  VAL A O   1 
ATOM   91   C  CB  . VAL A 1 13  ? -10.573 2.560   -2.304  1.00 51.54 ? 13  VAL A CB  1 
ATOM   92   C  CG1 . VAL A 1 13  ? -9.630  2.126   -3.429  1.00 50.06 ? 13  VAL A CG1 1 
ATOM   93   C  CG2 . VAL A 1 13  ? -10.443 4.055   -2.002  1.00 50.86 ? 13  VAL A CG2 1 
ATOM   94   N  N   . ALA A 1 14  ? -13.827 3.428   -1.507  1.00 51.50 ? 14  ALA A N   1 
ATOM   95   C  CA  . ALA A 1 14  ? -14.572 3.924   -0.345  1.00 51.74 ? 14  ALA A CA  1 
ATOM   96   C  C   . ALA A 1 14  ? -15.129 2.824   0.563   1.00 51.98 ? 14  ALA A C   1 
ATOM   97   O  O   . ALA A 1 14  ? -14.989 2.901   1.784   1.00 52.15 ? 14  ALA A O   1 
ATOM   98   C  CB  . ALA A 1 14  ? -15.709 4.880   -0.794  1.00 51.76 ? 14  ALA A CB  1 
ATOM   99   N  N   . GLU A 1 15  ? -15.768 1.809   -0.012  1.00 52.32 ? 15  GLU A N   1 
ATOM   100  C  CA  . GLU A 1 15  ? -16.399 0.786   0.819   1.00 52.54 ? 15  GLU A CA  1 
ATOM   101  C  C   . GLU A 1 15  ? -15.337 -0.048  1.544   1.00 52.32 ? 15  GLU A C   1 
ATOM   102  O  O   . GLU A 1 15  ? -15.408 -0.217  2.751   1.00 52.78 ? 15  GLU A O   1 
ATOM   103  C  CB  . GLU A 1 15  ? -17.329 -0.112  0.007   1.00 53.00 ? 15  GLU A CB  1 
ATOM   104  C  CG  . GLU A 1 15  ? -18.515 -0.655  0.822   1.00 53.69 ? 15  GLU A CG  1 
ATOM   105  C  CD  . GLU A 1 15  ? -19.437 -1.561  0.018   1.00 54.46 ? 15  GLU A CD  1 
ATOM   106  O  OE1 . GLU A 1 15  ? -18.936 -2.346  -0.822  1.00 56.22 ? 15  GLU A OE1 1 
ATOM   107  O  OE2 . GLU A 1 15  ? -20.666 -1.482  0.232   1.00 58.25 ? 15  GLU A OE2 1 
ATOM   108  N  N   . ASP A 1 16  ? -14.348 -0.543  0.806   1.00 52.01 ? 16  ASP A N   1 
ATOM   109  C  CA  . ASP A 1 16  ? -13.241 -1.317  1.386   1.00 51.78 ? 16  ASP A CA  1 
ATOM   110  C  C   . ASP A 1 16  ? -12.393 -0.520  2.393   1.00 51.05 ? 16  ASP A C   1 
ATOM   111  O  O   . ASP A 1 16  ? -11.930 -1.062  3.381   1.00 50.60 ? 16  ASP A O   1 
ATOM   112  C  CB  . ASP A 1 16  ? -12.340 -1.860  0.274   1.00 51.97 ? 16  ASP A CB  1 
ATOM   113  C  CG  . ASP A 1 16  ? -13.012 -2.959  -0.534  1.00 52.98 ? 16  ASP A CG  1 
ATOM   114  O  OD1 . ASP A 1 16  ? -13.234 -4.050  0.032   1.00 53.45 ? 16  ASP A OD1 1 
ATOM   115  O  OD2 . ASP A 1 16  ? -13.318 -2.727  -1.730  1.00 54.37 ? 16  ASP A OD2 1 
ATOM   116  N  N   . LYS A 1 17  ? -12.196 0.766   2.130   1.00 50.89 ? 17  LYS A N   1 
ATOM   117  C  CA  . LYS A 1 17  ? -11.504 1.630   3.067   1.00 50.97 ? 17  LYS A CA  1 
ATOM   118  C  C   . LYS A 1 17  ? -12.240 1.702   4.412   1.00 50.47 ? 17  LYS A C   1 
ATOM   119  O  O   . LYS A 1 17  ? -11.623 1.578   5.470   1.00 49.91 ? 17  LYS A O   1 
ATOM   120  C  CB  . LYS A 1 17  ? -11.311 3.030   2.482   1.00 50.93 ? 17  LYS A CB  1 
ATOM   121  C  CG  . LYS A 1 17  ? -10.675 4.000   3.452   1.00 51.57 ? 17  LYS A CG  1 
ATOM   122  C  CD  . LYS A 1 17  ? -10.157 5.261   2.782   1.00 52.07 ? 17  LYS A CD  1 
ATOM   123  C  CE  . LYS A 1 17  ? -9.563  6.220   3.820   1.00 53.11 ? 17  LYS A CE  1 
ATOM   124  N  NZ  . LYS A 1 17  ? -8.708  7.302   3.222   1.00 52.64 ? 17  LYS A NZ  1 
ATOM   125  N  N   . ALA A 1 18  ? -13.556 1.897   4.376   1.00 49.81 ? 18  ALA A N   1 
ATOM   126  C  CA  . ALA A 1 18  ? -14.309 2.024   5.626   1.00 49.87 ? 18  ALA A CA  1 
ATOM   127  C  C   . ALA A 1 18  ? -14.267 0.698   6.389   1.00 49.41 ? 18  ALA A C   1 
ATOM   128  O  O   . ALA A 1 18  ? -14.090 0.675   7.603   1.00 49.26 ? 18  ALA A O   1 
ATOM   129  C  CB  . ALA A 1 18  ? -15.776 2.479   5.369   1.00 48.79 ? 18  ALA A CB  1 
ATOM   130  N  N   . ARG A 1 19  ? -14.443 -0.413  5.687   1.00 49.49 ? 19  ARG A N   1 
ATOM   131  C  CA  . ARG A 1 19  ? -14.348 -1.718  6.345   1.00 49.95 ? 19  ARG A CA  1 
ATOM   132  C  C   . ARG A 1 19  ? -12.954 -1.891  6.971   1.00 50.25 ? 19  ARG A C   1 
ATOM   133  O  O   . ARG A 1 19  ? -12.834 -2.230  8.146   1.00 50.26 ? 19  ARG A O   1 
ATOM   134  C  CB  . ARG A 1 19  ? -14.640 -2.845  5.346   1.00 50.02 ? 19  ARG A CB  1 
ATOM   135  C  CG  . ARG A 1 19  ? -14.588 -4.280  5.923   1.00 49.43 ? 19  ARG A CG  1 
ATOM   136  C  CD  . ARG A 1 19  ? -14.788 -5.340  4.823   1.00 50.14 ? 19  ARG A CD  1 
ATOM   137  N  NE  . ARG A 1 19  ? -13.898 -5.159  3.662   1.00 49.37 ? 19  ARG A NE  1 
ATOM   138  C  CZ  . ARG A 1 19  ? -12.636 -5.577  3.575   1.00 49.99 ? 19  ARG A CZ  1 
ATOM   139  N  NH1 . ARG A 1 19  ? -12.043 -6.208  4.581   1.00 51.12 ? 19  ARG A NH1 1 
ATOM   140  N  NH2 . ARG A 1 19  ? -11.952 -5.339  2.473   1.00 49.45 ? 19  ARG A NH2 1 
ATOM   141  N  N   . CYS A 1 20  ? -11.910 -1.632  6.188   1.00 50.61 ? 20  CYS A N   1 
ATOM   142  C  CA  . CYS A 1 20  ? -10.520 -1.845  6.641   1.00 50.73 ? 20  CYS A CA  1 
ATOM   143  C  C   . CYS A 1 20  ? -10.191 -0.976  7.849   1.00 50.53 ? 20  CYS A C   1 
ATOM   144  O  O   . CYS A 1 20  ? -9.574  -1.444  8.794   1.00 51.02 ? 20  CYS A O   1 
ATOM   145  C  CB  . CYS A 1 20  ? -9.526  -1.554  5.510   1.00 51.23 ? 20  CYS A CB  1 
ATOM   146  S  SG  . CYS A 1 20  ? -9.462  -2.800  4.200   1.00 51.38 ? 20  CYS A SG  1 
ATOM   147  N  N   . MET A 1 21  ? -10.592 0.286   7.821   1.00 50.15 ? 21  MET A N   1 
ATOM   148  C  CA  . MET A 1 21  ? -10.384 1.168   8.987   1.00 50.06 ? 21  MET A CA  1 
ATOM   149  C  C   . MET A 1 21  ? -11.135 0.660   10.217  1.00 49.46 ? 21  MET A C   1 
ATOM   150  O  O   . MET A 1 21  ? -10.559 0.567   11.306  1.00 48.91 ? 21  MET A O   1 
ATOM   151  C  CB  . MET A 1 21  ? -10.780 2.608   8.668   1.00 50.01 ? 21  MET A CB  1 
ATOM   152  C  CG  . MET A 1 21  ? -9.893  3.268   7.641   1.00 49.64 ? 21  MET A CG  1 
ATOM   153  S  SD  . MET A 1 21  ? -10.432 4.939   7.198   1.00 51.96 ? 21  MET A SD  1 
ATOM   154  C  CE  . MET A 1 21  ? -9.817  5.861   8.620   1.00 52.25 ? 21  MET A CE  1 
ATOM   155  N  N   . SER A 1 22  ? -12.391 0.258   10.030  1.00 48.91 ? 22  SER A N   1 
ATOM   156  C  CA  . SER A 1 22  ? -13.177 -0.260  11.135  1.00 49.41 ? 22  SER A CA  1 
ATOM   157  C  C   . SER A 1 22  ? -12.587 -1.554  11.692  1.00 49.96 ? 22  SER A C   1 
ATOM   158  O  O   . SER A 1 22  ? -12.493 -1.747  12.911  1.00 51.66 ? 22  SER A O   1 
ATOM   159  C  CB  A SER A 1 22  ? -14.629 -0.482  10.701  0.50 49.47 ? 22  SER A CB  1 
ATOM   160  C  CB  B SER A 1 22  ? -14.627 -0.495  10.708  0.50 49.45 ? 22  SER A CB  1 
ATOM   161  O  OG  A SER A 1 22  ? -15.215 0.739   10.289  0.50 49.90 ? 22  SER A OG  1 
ATOM   162  O  OG  B SER A 1 22  ? -15.327 -1.191  11.722  0.50 49.46 ? 22  SER A OG  1 
ATOM   163  N  N   . GLU A 1 23  ? -12.186 -2.452  10.807  1.00 49.45 ? 23  GLU A N   1 
ATOM   164  C  CA  . GLU A 1 23  ? -11.565 -3.680  11.238  1.00 49.18 ? 23  GLU A CA  1 
ATOM   165  C  C   . GLU A 1 23  ? -10.300 -3.485  12.067  1.00 49.01 ? 23  GLU A C   1 
ATOM   166  O  O   . GLU A 1 23  ? -10.041 -4.262  12.988  1.00 48.55 ? 23  GLU A O   1 
ATOM   167  C  CB  . GLU A 1 23  ? -11.175 -4.502  10.017  1.00 49.50 ? 23  GLU A CB  1 
ATOM   168  C  CG  . GLU A 1 23  ? -12.379 -5.030  9.220   1.00 48.81 ? 23  GLU A CG  1 
ATOM   169  C  CD  . GLU A 1 23  ? -11.945 -6.015  8.157   1.00 49.70 ? 23  GLU A CD  1 
ATOM   170  O  OE1 . GLU A 1 23  ? -10.709 -6.116  7.879   1.00 49.14 ? 23  GLU A OE1 1 
ATOM   171  O  OE2 . GLU A 1 23  ? -12.834 -6.684  7.608   1.00 47.50 ? 23  GLU A OE2 1 
ATOM   172  N  N   . HIS A 1 24  ? -9.480  -2.500  11.704  1.00 48.15 ? 24  HIS A N   1 
ATOM   173  C  CA  . HIS A 1 24  ? -8.153  -2.407  12.271  1.00 48.21 ? 24  HIS A CA  1 
ATOM   174  C  C   . HIS A 1 24  ? -7.954  -1.248  13.213  1.00 48.54 ? 24  HIS A C   1 
ATOM   175  O  O   . HIS A 1 24  ? -6.884  -1.137  13.808  1.00 49.48 ? 24  HIS A O   1 
ATOM   176  C  CB  . HIS A 1 24  ? -7.119  -2.461  11.137  1.00 48.83 ? 24  HIS A CB  1 
ATOM   177  C  CG  . HIS A 1 24  ? -7.252  -3.708  10.312  1.00 48.52 ? 24  HIS A CG  1 
ATOM   178  N  ND1 . HIS A 1 24  ? -6.923  -4.946  10.808  1.00 49.16 ? 24  HIS A ND1 1 
ATOM   179  C  CD2 . HIS A 1 24  ? -7.783  -3.923  9.084   1.00 48.43 ? 24  HIS A CD2 1 
ATOM   180  C  CE1 . HIS A 1 24  ? -7.204  -5.872  9.902   1.00 50.75 ? 24  HIS A CE1 1 
ATOM   181  N  NE2 . HIS A 1 24  ? -7.752  -5.279  8.856   1.00 51.31 ? 24  HIS A NE2 1 
ATOM   182  N  N   . GLY A 1 25  ? -9.000  -0.435  13.392  1.00 48.23 ? 25  GLY A N   1 
ATOM   183  C  CA  . GLY A 1 25  ? -8.981  0.700   14.300  1.00 48.32 ? 25  GLY A CA  1 
ATOM   184  C  C   . GLY A 1 25  ? -8.198  1.856   13.723  1.00 48.45 ? 25  GLY A C   1 
ATOM   185  O  O   . GLY A 1 25  ? -7.638  2.667   14.447  1.00 47.52 ? 25  GLY A O   1 
ATOM   186  N  N   . THR A 1 26  ? -8.184  1.942   12.400  1.00 48.38 ? 26  THR A N   1 
ATOM   187  C  CA  . THR A 1 26  ? -7.357  2.900   11.713  1.00 48.15 ? 26  THR A CA  1 
ATOM   188  C  C   . THR A 1 26  ? -8.050  4.262   11.779  1.00 47.99 ? 26  THR A C   1 
ATOM   189  O  O   . THR A 1 26  ? -9.288  4.329   11.732  1.00 48.78 ? 26  THR A O   1 
ATOM   190  C  CB  . THR A 1 26  ? -7.136  2.456   10.258  1.00 48.08 ? 26  THR A CB  1 
ATOM   191  O  OG1 . THR A 1 26  ? -6.949  1.035   10.230  1.00 47.05 ? 26  THR A OG1 1 
ATOM   192  C  CG2 . THR A 1 26  ? -5.904  3.174   9.662   1.00 48.11 ? 26  THR A CG2 1 
ATOM   193  N  N   . THR A 1 27  ? -7.265  5.323   11.922  1.00 47.19 ? 27  THR A N   1 
ATOM   194  C  CA  . THR A 1 27  ? -7.779  6.677   11.817  1.00 47.62 ? 27  THR A CA  1 
ATOM   195  C  C   . THR A 1 27  ? -7.234  7.315   10.545  1.00 47.72 ? 27  THR A C   1 
ATOM   196  O  O   . THR A 1 27  ? -6.173  6.923   10.075  1.00 47.63 ? 27  THR A O   1 
ATOM   197  C  CB  . THR A 1 27  ? -7.414  7.550   13.072  1.00 47.97 ? 27  THR A CB  1 
ATOM   198  O  OG1 . THR A 1 27  ? -6.109  8.132   12.926  1.00 47.04 ? 27  THR A OG1 1 
ATOM   199  C  CG2 . THR A 1 27  ? -7.484  6.700   14.357  1.00 45.43 ? 27  THR A CG2 1 
ATOM   200  N  N   . GLN A 1 28  ? -7.950  8.306   10.003  1.00 48.20 ? 28  GLN A N   1 
ATOM   201  C  CA  . GLN A 1 28  ? -7.506  9.008   8.801   1.00 48.32 ? 28  GLN A CA  1 
ATOM   202  C  C   . GLN A 1 28  ? -6.183  9.694   9.077   1.00 48.57 ? 28  GLN A C   1 
ATOM   203  O  O   . GLN A 1 28  ? -5.295  9.721   8.219   1.00 48.52 ? 28  GLN A O   1 
ATOM   204  C  CB  . GLN A 1 28  ? -8.547  10.036  8.350   1.00 48.81 ? 28  GLN A CB  1 
ATOM   205  C  CG  . GLN A 1 28  ? -8.213  10.785  7.067   1.00 47.67 ? 28  GLN A CG  1 
ATOM   206  C  CD  . GLN A 1 28  ? -7.908  9.863   5.902   1.00 48.37 ? 28  GLN A CD  1 
ATOM   207  O  OE1 . GLN A 1 28  ? -8.677  8.920   5.601   1.00 45.87 ? 28  GLN A OE1 1 
ATOM   208  N  NE2 . GLN A 1 28  ? -6.775  10.117  5.241   1.00 48.07 ? 28  GLN A NE2 1 
ATOM   209  N  N   . ALA A 1 29  ? -6.062  10.231  10.293  1.00 49.07 ? 29  ALA A N   1 
ATOM   210  C  CA  . ALA A 1 29  ? -4.830  10.856  10.768  1.00 49.21 ? 29  ALA A CA  1 
ATOM   211  C  C   . ALA A 1 29  ? -3.618  9.926   10.602  1.00 49.40 ? 29  ALA A C   1 
ATOM   212  O  O   . ALA A 1 29  ? -2.534  10.359  10.207  1.00 50.16 ? 29  ALA A O   1 
ATOM   213  C  CB  . ALA A 1 29  ? -4.988  11.280  12.216  1.00 49.35 ? 29  ALA A CB  1 
ATOM   214  N  N   . GLN A 1 30  ? -3.805  8.651   10.889  1.00 49.31 ? 30  GLN A N   1 
ATOM   215  C  CA  . GLN A 1 30  ? -2.749  7.666   10.651  1.00 49.34 ? 30  GLN A CA  1 
ATOM   216  C  C   . GLN A 1 30  ? -2.382  7.518   9.172   1.00 49.52 ? 30  GLN A C   1 
ATOM   217  O  O   . GLN A 1 30  ? -1.204  7.407   8.823   1.00 49.51 ? 30  GLN A O   1 
ATOM   218  C  CB  . GLN A 1 30  ? -3.167  6.311   11.193  1.00 49.20 ? 30  GLN A CB  1 
ATOM   219  C  CG  . GLN A 1 30  ? -3.040  6.193   12.679  1.00 49.19 ? 30  GLN A CG  1 
ATOM   220  C  CD  . GLN A 1 30  ? -3.452  4.831   13.138  1.00 47.15 ? 30  GLN A CD  1 
ATOM   221  O  OE1 . GLN A 1 30  ? -4.598  4.461   12.981  1.00 48.53 ? 30  GLN A OE1 1 
ATOM   222  N  NE2 . GLN A 1 30  ? -2.521  4.066   13.681  1.00 43.34 ? 30  GLN A NE2 1 
ATOM   223  N  N   . ILE A 1 31  ? -3.406  7.497   8.323   1.00 50.00 ? 31  ILE A N   1 
ATOM   224  C  CA  . ILE A 1 31  ? -3.228  7.408   6.864   1.00 49.89 ? 31  ILE A CA  1 
ATOM   225  C  C   . ILE A 1 31  ? -2.557  8.673   6.353   1.00 50.00 ? 31  ILE A C   1 
ATOM   226  O  O   . ILE A 1 31  ? -1.615  8.586   5.568   1.00 50.11 ? 31  ILE A O   1 
ATOM   227  C  CB  . ILE A 1 31  ? -4.577  7.170   6.130   1.00 50.06 ? 31  ILE A CB  1 
ATOM   228  C  CG1 . ILE A 1 31  ? -5.229  5.878   6.614   1.00 49.79 ? 31  ILE A CG1 1 
ATOM   229  C  CG2 . ILE A 1 31  ? -4.381  7.103   4.618   1.00 50.20 ? 31  ILE A CG2 1 
ATOM   230  C  CD1 . ILE A 1 31  ? -6.649  5.718   6.176   1.00 49.86 ? 31  ILE A CD1 1 
ATOM   231  N  N   . ASP A 1 32  ? -3.000  9.840   6.834   1.00 49.78 ? 32  ASP A N   1 
ATOM   232  C  CA  . ASP A 1 32  ? -2.418  11.120  6.377   1.00 50.20 ? 32  ASP A CA  1 
ATOM   233  C  C   . ASP A 1 32  ? -0.953  11.179  6.747   1.00 50.41 ? 32  ASP A C   1 
ATOM   234  O  O   . ASP A 1 32  ? -0.150  11.700  6.009   1.00 50.41 ? 32  ASP A O   1 
ATOM   235  C  CB  . ASP A 1 32  ? -3.152  12.338  6.957   1.00 49.54 ? 32  ASP A CB  1 
ATOM   236  C  CG  . ASP A 1 32  ? -4.595  12.410  6.524   0.50 49.26 ? 32  ASP A CG  1 
ATOM   237  O  OD1 . ASP A 1 32  ? -4.963  11.702  5.565   0.50 49.27 ? 32  ASP A OD1 1 
ATOM   238  O  OD2 . ASP A 1 32  ? -5.364  13.178  7.142   0.50 49.12 ? 32  ASP A OD2 1 
ATOM   239  N  N   . ASP A 1 33  ? -0.611  10.598  7.887   1.00 51.20 ? 33  ASP A N   1 
ATOM   240  C  CA  . ASP A 1 33  ? 0.773   10.540  8.338   1.00 51.32 ? 33  ASP A CA  1 
ATOM   241  C  C   . ASP A 1 33  ? 1.637   9.603   7.487   1.00 51.51 ? 33  ASP A C   1 
ATOM   242  O  O   . ASP A 1 33  ? 2.790   9.920   7.229   1.00 51.82 ? 33  ASP A O   1 
ATOM   243  C  CB  . ASP A 1 33  ? 0.837   10.174  9.832   1.00 51.68 ? 33  ASP A CB  1 
ATOM   244  C  CG  . ASP A 1 33  ? 0.976   11.399  10.724  0.50 51.67 ? 33  ASP A CG  1 
ATOM   245  O  OD1 . ASP A 1 33  ? 1.940   12.167  10.536  0.50 52.54 ? 33  ASP A OD1 1 
ATOM   246  O  OD2 . ASP A 1 33  ? 0.124   11.598  11.612  0.50 53.11 ? 33  ASP A OD2 1 
ATOM   247  N  N   . VAL A 1 34  ? 1.100   8.462   7.044   1.00 51.76 ? 34  VAL A N   1 
ATOM   248  C  CA  . VAL A 1 34  ? 1.860   7.601   6.134   1.00 51.71 ? 34  VAL A CA  1 
ATOM   249  C  C   . VAL A 1 34  ? 2.109   8.341   4.812   1.00 52.22 ? 34  VAL A C   1 
ATOM   250  O  O   . VAL A 1 34  ? 3.203   8.286   4.279   1.00 52.33 ? 34  VAL A O   1 
ATOM   251  C  CB  . VAL A 1 34  ? 1.181   6.226   5.899   1.00 52.04 ? 34  VAL A CB  1 
ATOM   252  C  CG1 . VAL A 1 34  ? 1.839   5.468   4.742   1.00 51.71 ? 34  VAL A CG1 1 
ATOM   253  C  CG2 . VAL A 1 34  ? 1.260   5.390   7.156   1.00 50.77 ? 34  VAL A CG2 1 
ATOM   254  N  N   . ASP A 1 35  ? 1.114   9.079   4.328   1.00 52.55 ? 35  ASP A N   1 
ATOM   255  C  CA  . ASP A 1 35  ? 1.263   9.887   3.110   1.00 52.73 ? 35  ASP A CA  1 
ATOM   256  C  C   . ASP A 1 35  ? 2.321   10.975  3.212   1.00 52.64 ? 35  ASP A C   1 
ATOM   257  O  O   . ASP A 1 35  ? 2.966   11.301  2.217   1.00 53.09 ? 35  ASP A O   1 
ATOM   258  C  CB  . ASP A 1 35  ? -0.067  10.543  2.740   1.00 53.40 ? 35  ASP A CB  1 
ATOM   259  C  CG  . ASP A 1 35  ? -1.119  9.535   2.384   1.00 54.50 ? 35  ASP A CG  1 
ATOM   260  O  OD1 . ASP A 1 35  ? -0.725  8.455   1.914   1.00 54.99 ? 35  ASP A OD1 1 
ATOM   261  O  OD2 . ASP A 1 35  ? -2.325  9.822   2.568   1.00 57.90 ? 35  ASP A OD2 1 
ATOM   262  N  N   . LYS A 1 36  ? 2.503   11.536  4.404   1.00 52.32 ? 36  LYS A N   1 
ATOM   263  C  CA  . LYS A 1 36  ? 3.539   12.542  4.616   1.00 52.10 ? 36  LYS A CA  1 
ATOM   264  C  C   . LYS A 1 36  ? 4.898   11.889  4.879   1.00 52.10 ? 36  LYS A C   1 
ATOM   265  O  O   . LYS A 1 36  ? 5.843   12.571  5.286   1.00 52.50 ? 36  LYS A O   1 
ATOM   266  C  CB  . LYS A 1 36  ? 3.170   13.484  5.771   1.00 51.99 ? 36  LYS A CB  1 
ATOM   267  C  CG  . LYS A 1 36  ? 1.687   13.794  5.877   0.50 51.74 ? 36  LYS A CG  1 
ATOM   268  C  CD  . LYS A 1 36  ? 1.401   15.056  6.660   0.50 51.81 ? 36  LYS A CD  1 
ATOM   269  C  CE  . LYS A 1 36  ? -0.100  15.274  6.795   0.50 51.39 ? 36  LYS A CE  1 
ATOM   270  N  NZ  . LYS A 1 36  ? -0.423  16.573  7.450   0.50 51.57 ? 36  LYS A NZ  1 
ATOM   271  N  N   . GLY A 1 37  ? 4.986   10.575  4.675   1.00 52.13 ? 37  GLY A N   1 
ATOM   272  C  CA  . GLY A 1 37  ? 6.242   9.835   4.788   1.00 52.32 ? 37  GLY A CA  1 
ATOM   273  C  C   . GLY A 1 37  ? 6.559   9.200   6.138   1.00 52.62 ? 37  GLY A C   1 
ATOM   274  O  O   . GLY A 1 37  ? 7.609   8.561   6.296   1.00 52.67 ? 37  GLY A O   1 
ATOM   275  N  N   . ASN A 1 38  ? 5.668   9.342   7.117   1.00 52.59 ? 38  ASN A N   1 
ATOM   276  C  CA  . ASN A 1 38  ? 5.988   8.848   8.457   1.00 52.58 ? 38  ASN A CA  1 
ATOM   277  C  C   . ASN A 1 38  ? 5.339   7.496   8.726   1.00 52.56 ? 38  ASN A C   1 
ATOM   278  O  O   . ASN A 1 38  ? 4.120   7.379   8.849   1.00 52.59 ? 38  ASN A O   1 
ATOM   279  C  CB  A ASN A 1 38  ? 5.553   9.867   9.508   0.50 52.39 ? 38  ASN A CB  1 
ATOM   280  C  CB  B ASN A 1 38  ? 5.754   9.913   9.560   0.50 52.90 ? 38  ASN A CB  1 
ATOM   281  C  CG  A ASN A 1 38  ? 6.231   11.203  9.325   0.50 51.26 ? 38  ASN A CG  1 
ATOM   282  C  CG  B ASN A 1 38  ? 4.296   10.124  9.916   0.50 53.19 ? 38  ASN A CG  1 
ATOM   283  O  OD1 A ASN A 1 38  ? 5.581   12.244  9.279   0.50 49.89 ? 38  ASN A OD1 1 
ATOM   284  O  OD1 B ASN A 1 38  ? 3.729   9.389   10.726  0.50 56.03 ? 38  ASN A OD1 1 
ATOM   285  N  ND2 A ASN A 1 38  ? 7.548   11.175  9.206   0.50 50.42 ? 38  ASN A ND2 1 
ATOM   286  N  ND2 B ASN A 1 38  ? 3.699   11.173  9.361   0.50 53.77 ? 38  ASN A ND2 1 
ATOM   287  N  N   . LEU A 1 39  ? 6.192   6.476   8.742   1.00 52.51 ? 39  LEU A N   1 
ATOM   288  C  CA  . LEU A 1 39  ? 5.768   5.101   8.861   1.00 53.06 ? 39  LEU A CA  1 
ATOM   289  C  C   . LEU A 1 39  ? 6.172   4.631   10.259  1.00 52.61 ? 39  LEU A C   1 
ATOM   290  O  O   . LEU A 1 39  ? 7.271   4.954   10.738  1.00 53.52 ? 39  LEU A O   1 
ATOM   291  C  CB  . LEU A 1 39  ? 6.417   4.227   7.753   1.00 53.75 ? 39  LEU A CB  1 
ATOM   292  C  CG  . LEU A 1 39  ? 6.208   4.619   6.260   1.00 54.46 ? 39  LEU A CG  1 
ATOM   293  C  CD1 . LEU A 1 39  ? 6.796   5.967   5.929   1.00 53.85 ? 39  LEU A CD1 1 
ATOM   294  C  CD2 . LEU A 1 39  ? 6.809   3.587   5.316   1.00 54.06 ? 39  LEU A CD2 1 
ATOM   295  N  N   . VAL A 1 40  ? 5.262   3.930   10.917  1.00 51.63 ? 40  VAL A N   1 
ATOM   296  C  CA  . VAL A 1 40  ? 5.521   3.278   12.204  1.00 51.34 ? 40  VAL A CA  1 
ATOM   297  C  C   . VAL A 1 40  ? 4.918   1.900   12.155  1.00 50.42 ? 40  VAL A C   1 
ATOM   298  O  O   . VAL A 1 40  ? 3.938   1.672   11.456  1.00 50.48 ? 40  VAL A O   1 
ATOM   299  C  CB  . VAL A 1 40  ? 4.921   4.037   13.415  1.00 51.01 ? 40  VAL A CB  1 
ATOM   300  C  CG1 . VAL A 1 40  ? 5.762   5.252   13.731  1.00 52.25 ? 40  VAL A CG1 1 
ATOM   301  C  CG2 . VAL A 1 40  ? 3.484   4.420   13.158  1.00 51.96 ? 40  VAL A CG2 1 
ATOM   302  N  N   . ASN A 1 41  ? 5.504   0.977   12.899  1.00 50.18 ? 41  ASN A N   1 
ATOM   303  C  CA  . ASN A 1 41  ? 5.033   -0.387  12.906  1.00 50.00 ? 41  ASN A CA  1 
ATOM   304  C  C   . ASN A 1 41  ? 3.846   -0.555  13.854  1.00 49.91 ? 41  ASN A C   1 
ATOM   305  O  O   . ASN A 1 41  ? 3.910   -1.348  14.788  1.00 50.35 ? 41  ASN A O   1 
ATOM   306  C  CB  . ASN A 1 41  ? 6.181   -1.304  13.288  1.00 50.04 ? 41  ASN A CB  1 
ATOM   307  C  CG  . ASN A 1 41  ? 5.886   -2.755  13.030  1.00 50.41 ? 41  ASN A CG  1 
ATOM   308  O  OD1 . ASN A 1 41  ? 5.001   -3.111  12.244  1.00 50.38 ? 41  ASN A OD1 1 
ATOM   309  N  ND2 . ASN A 1 41  ? 6.651   -3.616  13.681  1.00 50.91 ? 41  ASN A ND2 1 
ATOM   310  N  N   . GLU A 1 42  ? 2.765   0.185   13.607  1.00 49.59 ? 42  GLU A N   1 
ATOM   311  C  CA  . GLU A 1 42  ? 1.515   0.040   14.381  1.00 49.58 ? 42  GLU A CA  1 
ATOM   312  C  C   . GLU A 1 42  ? 0.483   -0.765  13.598  1.00 49.59 ? 42  GLU A C   1 
ATOM   313  O  O   . GLU A 1 42  ? 0.116   -0.350  12.502  1.00 49.21 ? 42  GLU A O   1 
ATOM   314  C  CB  . GLU A 1 42  ? 0.934   1.414   14.713  1.00 49.35 ? 42  GLU A CB  1 
ATOM   315  C  CG  . GLU A 1 42  ? 1.637   2.137   15.860  1.00 50.63 ? 42  GLU A CG  1 
ATOM   316  C  CD  . GLU A 1 42  ? 1.466   1.458   17.235  1.00 51.21 ? 42  GLU A CD  1 
ATOM   317  O  OE1 . GLU A 1 42  ? 0.632   0.531   17.384  1.00 48.34 ? 42  GLU A OE1 1 
ATOM   318  O  OE2 . GLU A 1 42  ? 2.181   1.892   18.172  1.00 51.13 ? 42  GLU A OE2 1 
ATOM   319  N  N   . PRO A 1 43  ? 0.024   -1.923  14.144  1.00 49.68 ? 43  PRO A N   1 
ATOM   320  C  CA  . PRO A 1 43  ? -0.956  -2.772  13.493  1.00 49.29 ? 43  PRO A CA  1 
ATOM   321  C  C   . PRO A 1 43  ? -2.171  -2.051  12.939  1.00 48.76 ? 43  PRO A C   1 
ATOM   322  O  O   . PRO A 1 43  ? -2.667  -2.437  11.897  1.00 48.79 ? 43  PRO A O   1 
ATOM   323  C  CB  . PRO A 1 43  ? -1.395  -3.715  14.609  1.00 49.69 ? 43  PRO A CB  1 
ATOM   324  C  CG  . PRO A 1 43  ? -0.213  -3.833  15.472  1.00 50.48 ? 43  PRO A CG  1 
ATOM   325  C  CD  . PRO A 1 43  ? 0.462   -2.505  15.430  1.00 49.81 ? 43  PRO A CD  1 
ATOM   326  N  N   . SER A 1 44  ? -2.665  -1.040  13.640  1.00 48.64 ? 44  SER A N   1 
ATOM   327  C  CA  . SER A 1 44  ? -3.851  -0.309  13.182  1.00 48.63 ? 44  SER A CA  1 
ATOM   328  C  C   . SER A 1 44  ? -3.615  0.342   11.810  1.00 48.82 ? 44  SER A C   1 
ATOM   329  O  O   . SER A 1 44  ? -4.543  0.447   11.032  1.00 48.03 ? 44  SER A O   1 
ATOM   330  C  CB  . SER A 1 44  ? -4.320  0.714   14.224  1.00 48.35 ? 44  SER A CB  1 
ATOM   331  O  OG  . SER A 1 44  ? -3.256  1.506   14.722  1.00 48.31 ? 44  SER A OG  1 
ATOM   332  N  N   . ILE A 1 45  ? -2.368  0.746   11.516  1.00 48.11 ? 45  ILE A N   1 
ATOM   333  C  CA  . ILE A 1 45  ? -2.038  1.272   10.182  1.00 47.90 ? 45  ILE A CA  1 
ATOM   334  C  C   . ILE A 1 45  ? -1.425  0.214   9.234   1.00 47.58 ? 45  ILE A C   1 
ATOM   335  O  O   . ILE A 1 45  ? -1.765  0.179   8.054   1.00 46.94 ? 45  ILE A O   1 
ATOM   336  C  CB  . ILE A 1 45  ? -1.170  2.569   10.237  1.00 47.71 ? 45  ILE A CB  1 
ATOM   337  C  CG1 . ILE A 1 45  ? -1.022  3.197   8.833   1.00 48.43 ? 45  ILE A CG1 1 
ATOM   338  C  CG2 . ILE A 1 45  ? 0.197   2.315   10.865  1.00 44.61 ? 45  ILE A CG2 1 
ATOM   339  C  CD1 . ILE A 1 45  ? -2.319  3.580   8.145   1.00 46.68 ? 45  ILE A CD1 1 
ATOM   340  N  N   . THR A 1 46  ? -0.556  -0.654  9.735   1.00 47.89 ? 46  THR A N   1 
ATOM   341  C  CA  . THR A 1 46  ? 0.054   -1.692  8.884   1.00 48.19 ? 46  THR A CA  1 
ATOM   342  C  C   . THR A 1 46  ? -0.963  -2.745  8.395   1.00 48.76 ? 46  THR A C   1 
ATOM   343  O  O   . THR A 1 46  ? -0.871  -3.208  7.256   1.00 50.06 ? 46  THR A O   1 
ATOM   344  C  CB  . THR A 1 46  ? 1.230   -2.421  9.575   1.00 48.38 ? 46  THR A CB  1 
ATOM   345  O  OG1 . THR A 1 46  ? 0.752   -3.148  10.702  1.00 48.07 ? 46  THR A OG1 1 
ATOM   346  C  CG2 . THR A 1 46  ? 2.320   -1.439  10.022  1.00 48.98 ? 46  THR A CG2 1 
ATOM   347  N  N   . CYS A 1 47  ? -1.917  -3.141  9.234   1.00 48.64 ? 47  CYS A N   1 
ATOM   348  C  CA  . CYS A 1 47  ? -2.959  -4.082  8.801   1.00 48.53 ? 47  CYS A CA  1 
ATOM   349  C  C   . CYS A 1 47  ? -3.973  -3.410  7.892   1.00 47.95 ? 47  CYS A C   1 
ATOM   350  O  O   . CYS A 1 47  ? -4.552  -4.040  7.027   1.00 47.27 ? 47  CYS A O   1 
ATOM   351  C  CB  . CYS A 1 47  ? -3.680  -4.748  9.991   1.00 48.65 ? 47  CYS A CB  1 
ATOM   352  S  SG  . CYS A 1 47  ? -2.611  -5.761  11.011  1.00 50.13 ? 47  CYS A SG  1 
ATOM   353  N  N   . TYR A 1 48  ? -4.198  -2.120  8.091   1.00 48.52 ? 48  TYR A N   1 
ATOM   354  C  CA  . TYR A 1 48  ? -5.021  -1.362  7.161   1.00 47.89 ? 48  TYR A CA  1 
ATOM   355  C  C   . TYR A 1 48  ? -4.404  -1.367  5.767   1.00 47.36 ? 48  TYR A C   1 
ATOM   356  O  O   . TYR A 1 48  ? -5.107  -1.557  4.787   1.00 47.92 ? 48  TYR A O   1 
ATOM   357  C  CB  . TYR A 1 48  ? -5.208  0.086   7.627   1.00 48.15 ? 48  TYR A CB  1 
ATOM   358  C  CG  . TYR A 1 48  ? -5.753  0.956   6.541   1.00 47.88 ? 48  TYR A CG  1 
ATOM   359  C  CD1 . TYR A 1 48  ? -7.119  1.044   6.325   1.00 47.54 ? 48  TYR A CD1 1 
ATOM   360  C  CD2 . TYR A 1 48  ? -4.901  1.670   5.703   1.00 48.27 ? 48  TYR A CD2 1 
ATOM   361  C  CE1 . TYR A 1 48  ? -7.633  1.840   5.317   1.00 47.81 ? 48  TYR A CE1 1 
ATOM   362  C  CE2 . TYR A 1 48  ? -5.407  2.476   4.701   1.00 48.75 ? 48  TYR A CE2 1 
ATOM   363  C  CZ  . TYR A 1 48  ? -6.779  2.552   4.504   1.00 47.91 ? 48  TYR A CZ  1 
ATOM   364  O  OH  . TYR A 1 48  ? -7.294  3.336   3.494   1.00 47.80 ? 48  TYR A OH  1 
ATOM   365  N  N   . MET A 1 49  ? -3.109  -1.120  5.660   1.00 46.90 ? 49  MET A N   1 
ATOM   366  C  CA  . MET A 1 49  ? -2.458  -1.148  4.355   1.00 47.66 ? 49  MET A CA  1 
ATOM   367  C  C   . MET A 1 49  ? -2.532  -2.532  3.688   1.00 47.84 ? 49  MET A C   1 
ATOM   368  O  O   . MET A 1 49  ? -2.848  -2.627  2.492   1.00 47.78 ? 49  MET A O   1 
ATOM   369  C  CB  . MET A 1 49  ? -1.012  -0.669  4.444   1.00 47.63 ? 49  MET A CB  1 
ATOM   370  C  CG  . MET A 1 49  ? -0.881  0.828   4.744   1.00 47.29 ? 49  MET A CG  1 
ATOM   371  S  SD  . MET A 1 49  ? 0.821   1.394   4.679   1.00 49.40 ? 49  MET A SD  1 
ATOM   372  C  CE  . MET A 1 49  ? 1.519   0.474   6.058   1.00 47.85 ? 49  MET A CE  1 
ATOM   373  N  N   . TYR A 1 50  ? -2.280  -3.591  4.456   1.00 47.90 ? 50  TYR A N   1 
ATOM   374  C  CA  . TYR A 1 50  ? -2.484  -4.961  3.951   1.00 48.27 ? 50  TYR A CA  1 
ATOM   375  C  C   . TYR A 1 50  ? -3.926  -5.182  3.515   1.00 48.46 ? 50  TYR A C   1 
ATOM   376  O  O   . TYR A 1 50  ? -4.154  -5.680  2.426   1.00 48.27 ? 50  TYR A O   1 
ATOM   377  C  CB  . TYR A 1 50  ? -2.113  -6.042  4.975   1.00 48.01 ? 50  TYR A CB  1 
ATOM   378  C  CG  . TYR A 1 50  ? -2.492  -7.430  4.460   1.00 48.11 ? 50  TYR A CG  1 
ATOM   379  C  CD1 . TYR A 1 50  ? -1.677  -8.109  3.570   1.00 46.76 ? 50  TYR A CD1 1 
ATOM   380  C  CD2 . TYR A 1 50  ? -3.715  -8.006  4.807   1.00 48.70 ? 50  TYR A CD2 1 
ATOM   381  C  CE1 . TYR A 1 50  ? -2.044  -9.354  3.069   1.00 48.60 ? 50  TYR A CE1 1 
ATOM   382  C  CE2 . TYR A 1 50  ? -4.113  -9.214  4.309   1.00 49.45 ? 50  TYR A CE2 1 
ATOM   383  C  CZ  . TYR A 1 50  ? -3.270  -9.904  3.444   1.00 49.65 ? 50  TYR A CZ  1 
ATOM   384  O  OH  . TYR A 1 50  ? -3.662  -11.121 2.964   1.00 49.03 ? 50  TYR A OH  1 
ATOM   385  N  N   . CYS A 1 51  ? -4.881  -4.829  4.390   1.00 49.35 ? 51  CYS A N   1 
ATOM   386  C  CA  . CYS A 1 51  ? -6.318  -4.992  4.150   1.00 49.29 ? 51  CYS A CA  1 
ATOM   387  C  C   . CYS A 1 51  ? -6.768  -4.377  2.828   1.00 49.53 ? 51  CYS A C   1 
ATOM   388  O  O   . CYS A 1 51  ? -7.478  -5.013  2.056   1.00 50.26 ? 51  CYS A O   1 
ATOM   389  C  CB  . CYS A 1 51  ? -7.128  -4.345  5.296   1.00 49.72 ? 51  CYS A CB  1 
ATOM   390  S  SG  . CYS A 1 51  ? -8.956  -4.496  5.168   1.00 50.61 ? 51  CYS A SG  1 
ATOM   391  N  N   . LEU A 1 52  ? -6.361  -3.136  2.571   1.00 49.49 ? 52  LEU A N   1 
ATOM   392  C  CA  . LEU A 1 52  ? -6.769  -2.437  1.358   1.00 49.53 ? 52  LEU A CA  1 
ATOM   393  C  C   . LEU A 1 52  ? -6.157  -3.055  0.099   1.00 49.69 ? 52  LEU A C   1 
ATOM   394  O  O   . LEU A 1 52  ? -6.856  -3.229  -0.924  1.00 49.59 ? 52  LEU A O   1 
ATOM   395  C  CB  . LEU A 1 52  ? -6.423  -0.942  1.453   1.00 49.29 ? 52  LEU A CB  1 
ATOM   396  C  CG  . LEU A 1 52  ? -7.169  0.038   0.532   1.00 50.13 ? 52  LEU A CG  1 
ATOM   397  C  CD1 . LEU A 1 52  ? -8.704  -0.123  0.563   1.00 49.56 ? 52  LEU A CD1 1 
ATOM   398  C  CD2 . LEU A 1 52  ? -6.760  1.476   0.892   1.00 50.37 ? 52  LEU A CD2 1 
ATOM   399  N  N   . LEU A 1 53  ? -4.856  -3.359  0.170   1.00 48.87 ? 53  LEU A N   1 
ATOM   400  C  CA  . LEU A 1 53  ? -4.149  -4.067  -0.897  1.00 48.61 ? 53  LEU A CA  1 
ATOM   401  C  C   . LEU A 1 53  ? -4.838  -5.390  -1.250  1.00 48.23 ? 53  LEU A C   1 
ATOM   402  O  O   . LEU A 1 53  ? -5.080  -5.687  -2.425  1.00 47.90 ? 53  LEU A O   1 
ATOM   403  C  CB  . LEU A 1 53  ? -2.689  -4.339  -0.497  1.00 48.10 ? 53  LEU A CB  1 
ATOM   404  C  CG  . LEU A 1 53  ? -1.678  -3.191  -0.522  1.00 47.80 ? 53  LEU A CG  1 
ATOM   405  C  CD1 . LEU A 1 53  ? -0.339  -3.685  0.056   1.00 45.54 ? 53  LEU A CD1 1 
ATOM   406  C  CD2 . LEU A 1 53  ? -1.481  -2.596  -1.915  1.00 45.08 ? 53  LEU A CD2 1 
ATOM   407  N  N   . GLU A 1 54  ? -5.162  -6.166  -0.226  1.00 48.38 ? 54  GLU A N   1 
ATOM   408  C  CA  . GLU A 1 54  ? -5.877  -7.431  -0.418  1.00 48.74 ? 54  GLU A CA  1 
ATOM   409  C  C   . GLU A 1 54  ? -7.208  -7.192  -1.093  1.00 48.81 ? 54  GLU A C   1 
ATOM   410  O  O   . GLU A 1 54  ? -7.595  -7.948  -1.991  1.00 48.72 ? 54  GLU A O   1 
ATOM   411  C  CB  . GLU A 1 54  ? -6.112  -8.146  0.917   1.00 49.11 ? 54  GLU A CB  1 
ATOM   412  C  CG  . GLU A 1 54  ? -6.625  -9.590  0.783   1.00 50.18 ? 54  GLU A CG  1 
ATOM   413  C  CD  . GLU A 1 54  ? -8.136  -9.704  0.545   1.00 50.68 ? 54  GLU A CD  1 
ATOM   414  O  OE1 . GLU A 1 54  ? -8.876  -8.813  0.956   1.00 51.52 ? 54  GLU A OE1 1 
ATOM   415  O  OE2 . GLU A 1 54  ? -8.601  -10.720 -0.031  1.00 54.16 ? 54  GLU A OE2 1 
ATOM   416  N  N   . ALA A 1 55  ? -7.903  -6.129  -0.675  1.00 48.40 ? 55  ALA A N   1 
ATOM   417  C  CA  . ALA A 1 55  ? -9.246  -5.878  -1.163  1.00 48.08 ? 55  ALA A CA  1 
ATOM   418  C  C   . ALA A 1 55  ? -9.244  -5.777  -2.670  1.00 47.79 ? 55  ALA A C   1 
ATOM   419  O  O   . ALA A 1 55  ? -10.273 -6.011  -3.299  1.00 47.99 ? 55  ALA A O   1 
ATOM   420  C  CB  . ALA A 1 55  ? -9.832  -4.589  -0.536  1.00 47.80 ? 55  ALA A CB  1 
ATOM   421  N  N   . PHE A 1 56  ? -8.103  -5.405  -3.248  1.00 47.54 ? 56  PHE A N   1 
ATOM   422  C  CA  . PHE A 1 56  ? -7.999  -5.242  -4.692  1.00 47.74 ? 56  PHE A CA  1 
ATOM   423  C  C   . PHE A 1 56  ? -7.070  -6.242  -5.375  1.00 47.67 ? 56  PHE A C   1 
ATOM   424  O  O   . PHE A 1 56  ? -6.588  -5.992  -6.487  1.00 47.54 ? 56  PHE A O   1 
ATOM   425  C  CB  . PHE A 1 56  ? -7.670  -3.780  -5.011  1.00 48.11 ? 56  PHE A CB  1 
ATOM   426  C  CG  . PHE A 1 56  ? -8.811  -2.874  -4.711  1.00 47.94 ? 56  PHE A CG  1 
ATOM   427  C  CD1 . PHE A 1 56  ? -9.844  -2.731  -5.619  1.00 48.99 ? 56  PHE A CD1 1 
ATOM   428  C  CD2 . PHE A 1 56  ? -8.913  -2.246  -3.482  1.00 48.47 ? 56  PHE A CD2 1 
ATOM   429  C  CE1 . PHE A 1 56  ? -10.947 -1.929  -5.326  1.00 48.58 ? 56  PHE A CE1 1 
ATOM   430  C  CE2 . PHE A 1 56  ? -10.002 -1.449  -3.187  1.00 49.35 ? 56  PHE A CE2 1 
ATOM   431  C  CZ  . PHE A 1 56  ? -11.020 -1.287  -4.115  1.00 48.04 ? 56  PHE A CZ  1 
ATOM   432  N  N   . SER A 1 57  ? -6.888  -7.397  -4.723  1.00 47.59 ? 57  SER A N   1 
ATOM   433  C  CA  . SER A 1 57  ? -6.060  -8.504  -5.221  1.00 47.73 ? 57  SER A CA  1 
ATOM   434  C  C   . SER A 1 57  ? -4.621  -8.114  -5.575  1.00 47.59 ? 57  SER A C   1 
ATOM   435  O  O   . SER A 1 57  ? -4.015  -8.693  -6.480  1.00 47.31 ? 57  SER A O   1 
ATOM   436  C  CB  . SER A 1 57  ? -6.722  -9.157  -6.427  1.00 47.87 ? 57  SER A CB  1 
ATOM   437  O  OG  . SER A 1 57  ? -8.080  -9.438  -6.160  1.00 48.82 ? 57  SER A OG  1 
ATOM   438  N  N   . LEU A 1 58  ? -4.078  -7.138  -4.855  1.00 47.47 ? 58  LEU A N   1 
ATOM   439  C  CA  . LEU A 1 58  ? -2.709  -6.703  -5.084  1.00 47.58 ? 58  LEU A CA  1 
ATOM   440  C  C   . LEU A 1 58  ? -1.747  -7.585  -4.298  1.00 47.44 ? 58  LEU A C   1 
ATOM   441  O  O   . LEU A 1 58  ? -0.568  -7.722  -4.666  1.00 46.87 ? 58  LEU A O   1 
ATOM   442  C  CB  . LEU A 1 58  ? -2.544  -5.238  -4.701  1.00 47.67 ? 58  LEU A CB  1 
ATOM   443  C  CG  . LEU A 1 58  ? -3.319  -4.285  -5.606  1.00 48.14 ? 58  LEU A CG  1 
ATOM   444  C  CD1 . LEU A 1 58  ? -3.547  -2.956  -4.914  1.00 46.63 ? 58  LEU A CD1 1 
ATOM   445  C  CD2 . LEU A 1 58  ? -2.581  -4.139  -6.946  1.00 47.39 ? 58  LEU A CD2 1 
ATOM   446  N  N   . VAL A 1 59  ? -2.273  -8.168  -3.225  1.00 46.90 ? 59  VAL A N   1 
ATOM   447  C  CA  . VAL A 1 59  ? -1.564  -9.126  -2.392  1.00 47.08 ? 59  VAL A CA  1 
ATOM   448  C  C   . VAL A 1 59  ? -2.438  -10.330 -2.081  1.00 47.30 ? 59  VAL A C   1 
ATOM   449  O  O   . VAL A 1 59  ? -3.665  -10.248 -2.163  1.00 47.28 ? 59  VAL A O   1 
ATOM   450  C  CB  . VAL A 1 59  ? -1.120  -8.516  -1.046  1.00 47.23 ? 59  VAL A CB  1 
ATOM   451  C  CG1 . VAL A 1 59  ? -0.071  -7.429  -1.277  1.00 46.48 ? 59  VAL A CG1 1 
ATOM   452  C  CG2 . VAL A 1 59  ? -2.348  -8.002  -0.221  1.00 46.11 ? 59  VAL A CG2 1 
ATOM   453  N  N   . ASP A 1 60  ? -1.787  -11.425 -1.688  1.00 47.37 ? 60  ASP A N   1 
ATOM   454  C  CA  . ASP A 1 60  ? -2.459  -12.684 -1.368  1.00 47.32 ? 60  ASP A CA  1 
ATOM   455  C  C   . ASP A 1 60  ? -2.475  -12.957 0.163   1.00 47.27 ? 60  ASP A C   1 
ATOM   456  O  O   . ASP A 1 60  ? -2.240  -12.056 0.977   1.00 47.00 ? 60  ASP A O   1 
ATOM   457  C  CB  . ASP A 1 60  ? -1.845  -13.846 -2.190  1.00 47.27 ? 60  ASP A CB  1 
ATOM   458  C  CG  . ASP A 1 60  ? -0.445  -14.224 -1.745  1.00 46.68 ? 60  ASP A CG  1 
ATOM   459  O  OD1 . ASP A 1 60  ? 0.021   -13.754 -0.687  1.00 46.54 ? 60  ASP A OD1 1 
ATOM   460  O  OD2 . ASP A 1 60  ? 0.197   -15.027 -2.453  1.00 47.87 ? 60  ASP A OD2 1 
ATOM   461  N  N   . ASP A 1 61  ? -2.763  -14.194 0.545   1.00 47.35 ? 61  ASP A N   1 
ATOM   462  C  CA  . ASP A 1 61  ? -3.022  -14.537 1.943   1.00 47.35 ? 61  ASP A CA  1 
ATOM   463  C  C   . ASP A 1 61  ? -1.766  -14.571 2.795   1.00 47.15 ? 61  ASP A C   1 
ATOM   464  O  O   . ASP A 1 61  ? -1.855  -14.611 4.026   1.00 47.28 ? 61  ASP A O   1 
ATOM   465  C  CB  . ASP A 1 61  ? -3.712  -15.892 2.042   1.00 47.31 ? 61  ASP A CB  1 
ATOM   466  C  CG  . ASP A 1 61  ? -2.784  -17.035 1.699   1.00 47.09 ? 61  ASP A CG  1 
ATOM   467  O  OD1 . ASP A 1 61  ? -1.926  -16.849 0.794   1.00 46.28 ? 61  ASP A OD1 1 
ATOM   468  O  OD2 . ASP A 1 61  ? -2.883  -18.121 2.315   1.00 45.66 ? 61  ASP A OD2 1 
ATOM   469  N  N   . GLU A 1 62  ? -0.613  -14.579 2.146   1.00 46.72 ? 62  GLU A N   1 
ATOM   470  C  CA  . GLU A 1 62  ? 0.653   -14.385 2.823   1.00 47.68 ? 62  GLU A CA  1 
ATOM   471  C  C   . GLU A 1 62  ? 1.363   -13.111 2.371   1.00 47.74 ? 62  GLU A C   1 
ATOM   472  O  O   . GLU A 1 62  ? 2.577   -13.004 2.500   1.00 47.96 ? 62  GLU A O   1 
ATOM   473  C  CB  . GLU A 1 62  ? 1.568   -15.629 2.641   1.00 48.14 ? 62  GLU A CB  1 
ATOM   474  C  CG  . GLU A 1 62  ? 1.523   -16.530 3.895   1.00 48.92 ? 62  GLU A CG  1 
ATOM   475  C  CD  . GLU A 1 62  ? 1.773   -17.981 3.612   1.00 50.10 ? 62  GLU A CD  1 
ATOM   476  O  OE1 . GLU A 1 62  ? 2.688   -18.305 2.812   1.00 54.49 ? 62  GLU A OE1 1 
ATOM   477  O  OE2 . GLU A 1 62  ? 1.049   -18.804 4.208   1.00 56.48 ? 62  GLU A OE2 1 
ATOM   478  N  N   . ALA A 1 63  ? 0.605   -12.133 1.866   1.00 47.93 ? 63  ALA A N   1 
ATOM   479  C  CA  . ALA A 1 63  ? 1.130   -10.801 1.549   1.00 47.19 ? 63  ALA A CA  1 
ATOM   480  C  C   . ALA A 1 63  ? 2.228   -10.860 0.507   1.00 47.33 ? 63  ALA A C   1 
ATOM   481  O  O   . ALA A 1 63  ? 3.157   -10.058 0.549   1.00 46.84 ? 63  ALA A O   1 
ATOM   482  C  CB  . ALA A 1 63  ? 1.632   -10.088 2.815   1.00 46.24 ? 63  ALA A CB  1 
ATOM   483  N  N   . ASN A 1 64  ? 2.113   -11.820 -0.412  1.00 47.66 ? 64  ASN A N   1 
ATOM   484  C  CA  . ASN A 1 64  ? 2.889   -11.825 -1.632  1.00 47.95 ? 64  ASN A CA  1 
ATOM   485  C  C   . ASN A 1 64  ? 2.212   -10.847 -2.575  1.00 48.34 ? 64  ASN A C   1 
ATOM   486  O  O   . ASN A 1 64  ? 1.014   -10.954 -2.809  1.00 47.79 ? 64  ASN A O   1 
ATOM   487  C  CB  . ASN A 1 64  ? 2.909   -13.197 -2.291  1.00 47.87 ? 64  ASN A CB  1 
ATOM   488  C  CG  . ASN A 1 64  ? 3.451   -14.286 -1.376  1.00 49.33 ? 64  ASN A CG  1 
ATOM   489  O  OD1 . ASN A 1 64  ? 4.604   -14.214 -0.935  1.00 48.68 ? 64  ASN A OD1 1 
ATOM   490  N  ND2 . ASN A 1 64  ? 2.629   -15.309 -1.103  1.00 45.51 ? 64  ASN A ND2 1 
ATOM   491  N  N   . VAL A 1 65  ? 2.986   -9.905  -3.113  1.00 48.75 ? 65  VAL A N   1 
ATOM   492  C  CA  . VAL A 1 65  ? 2.482   -8.941  -4.077  1.00 49.01 ? 65  VAL A CA  1 
ATOM   493  C  C   . VAL A 1 65  ? 2.271   -9.570  -5.458  1.00 49.47 ? 65  VAL A C   1 
ATOM   494  O  O   . VAL A 1 65  ? 3.132   -10.287 -5.968  1.00 49.10 ? 65  VAL A O   1 
ATOM   495  C  CB  . VAL A 1 65  ? 3.421   -7.738  -4.183  1.00 48.95 ? 65  VAL A CB  1 
ATOM   496  C  CG1 . VAL A 1 65  ? 3.026   -6.799  -5.378  1.00 48.98 ? 65  VAL A CG1 1 
ATOM   497  C  CG2 . VAL A 1 65  ? 3.428   -6.984  -2.870  1.00 48.32 ? 65  VAL A CG2 1 
ATOM   498  N  N   . ASP A 1 66  ? 1.102   -9.302  -6.046  1.00 50.10 ? 66  ASP A N   1 
ATOM   499  C  CA  . ASP A 1 66  ? 0.822   -9.711  -7.414  1.00 50.15 ? 66  ASP A CA  1 
ATOM   500  C  C   . ASP A 1 66  ? 1.280   -8.582  -8.322  1.00 50.29 ? 66  ASP A C   1 
ATOM   501  O  O   . ASP A 1 66  ? 0.560   -7.614  -8.524  1.00 49.62 ? 66  ASP A O   1 
ATOM   502  C  CB  . ASP A 1 66  ? -0.671  -10.022 -7.629  1.00 50.49 ? 66  ASP A CB  1 
ATOM   503  C  CG  . ASP A 1 66  ? -0.958  -10.595 -9.022  1.00 51.47 ? 66  ASP A CG  1 
ATOM   504  O  OD1 . ASP A 1 66  ? -0.358  -10.114 -10.015 1.00 54.06 ? 66  ASP A OD1 1 
ATOM   505  O  OD2 . ASP A 1 66  ? -1.796  -11.520 -9.131  1.00 53.36 ? 66  ASP A OD2 1 
ATOM   506  N  N   . GLU A 1 67  ? 2.478   -8.723  -8.881  1.00 50.24 ? 67  GLU A N   1 
ATOM   507  C  CA  . GLU A 1 67  ? 3.082   -7.634  -9.641  1.00 50.45 ? 67  GLU A CA  1 
ATOM   508  C  C   . GLU A 1 67  ? 2.388   -7.318  -10.968 1.00 50.53 ? 67  GLU A C   1 
ATOM   509  O  O   . GLU A 1 67  ? 2.312   -6.152  -11.344 1.00 50.43 ? 67  GLU A O   1 
ATOM   510  C  CB  . GLU A 1 67  ? 4.586   -7.846  -9.827  1.00 50.51 ? 67  GLU A CB  1 
ATOM   511  C  CG  . GLU A 1 67  ? 5.039   -8.998  -10.704 0.50 50.34 ? 67  GLU A CG  1 
ATOM   512  C  CD  . GLU A 1 67  ? 6.550   -9.237  -10.579 0.50 49.97 ? 67  GLU A CD  1 
ATOM   513  O  OE1 . GLU A 1 67  ? 7.061   -9.267  -9.438  0.50 48.01 ? 67  GLU A OE1 1 
ATOM   514  O  OE2 . GLU A 1 67  ? 7.226   -9.382  -11.620 0.50 49.45 ? 67  GLU A OE2 1 
ATOM   515  N  N   . ASP A 1 68  ? 1.880   -8.342  -11.655 1.00 50.54 ? 68  ASP A N   1 
ATOM   516  C  CA  . ASP A 1 68  ? 1.077   -8.146  -12.864 1.00 50.53 ? 68  ASP A CA  1 
ATOM   517  C  C   . ASP A 1 68  ? -0.117  -7.236  -12.597 1.00 50.66 ? 68  ASP A C   1 
ATOM   518  O  O   . ASP A 1 68  ? -0.315  -6.231  -13.289 1.00 50.84 ? 68  ASP A O   1 
ATOM   519  C  CB  . ASP A 1 68  ? 0.563   -9.484  -13.404 1.00 50.57 ? 68  ASP A CB  1 
ATOM   520  C  CG  . ASP A 1 68  ? 1.644   -10.296 -14.101 0.50 50.50 ? 68  ASP A CG  1 
ATOM   521  O  OD1 . ASP A 1 68  ? 2.606   -9.692  -14.630 0.50 49.98 ? 68  ASP A OD1 1 
ATOM   522  O  OD2 . ASP A 1 68  ? 1.525   -11.542 -14.120 0.50 50.41 ? 68  ASP A OD2 1 
ATOM   523  N  N   . ILE A 1 69  ? -0.911  -7.593  -11.596 1.00 50.45 ? 69  ILE A N   1 
ATOM   524  C  CA  . ILE A 1 69  ? -2.063  -6.778  -11.229 1.00 50.10 ? 69  ILE A CA  1 
ATOM   525  C  C   . ILE A 1 69  ? -1.622  -5.382  -10.803 1.00 49.82 ? 69  ILE A C   1 
ATOM   526  O  O   . ILE A 1 69  ? -2.222  -4.395  -11.225 1.00 49.93 ? 69  ILE A O   1 
ATOM   527  C  CB  . ILE A 1 69  ? -2.902  -7.447  -10.125 1.00 50.32 ? 69  ILE A CB  1 
ATOM   528  C  CG1 . ILE A 1 69  ? -3.653  -8.650  -10.707 1.00 50.49 ? 69  ILE A CG1 1 
ATOM   529  C  CG2 . ILE A 1 69  ? -3.896  -6.457  -9.515  1.00 49.97 ? 69  ILE A CG2 1 
ATOM   530  C  CD1 . ILE A 1 69  ? -4.454  -9.459  -9.682  1.00 49.79 ? 69  ILE A CD1 1 
ATOM   531  N  N   . MET A 1 70  ? -0.566  -5.291  -9.999  1.00 49.32 ? 70  MET A N   1 
ATOM   532  C  CA  . MET A 1 70  ? -0.088  -3.992  -9.516  1.00 49.36 ? 70  MET A CA  1 
ATOM   533  C  C   . MET A 1 70  ? 0.293   -3.075  -10.682 1.00 49.39 ? 70  MET A C   1 
ATOM   534  O  O   . MET A 1 70  ? -0.132  -1.919  -10.737 1.00 49.09 ? 70  MET A O   1 
ATOM   535  C  CB  A MET A 1 70  ? 1.092   -4.163  -8.553  0.50 49.25 ? 70  MET A CB  1 
ATOM   536  C  CB  B MET A 1 70  ? 1.108   -4.178  -8.571  0.50 49.29 ? 70  MET A CB  1 
ATOM   537  C  CG  A MET A 1 70  ? 1.499   -2.871  -7.837  0.50 49.15 ? 70  MET A CG  1 
ATOM   538  C  CG  B MET A 1 70  ? 1.701   -2.879  -8.000  0.50 49.31 ? 70  MET A CG  1 
ATOM   539  S  SD  A MET A 1 70  ? 2.333   -3.150  -6.255  0.50 49.02 ? 70  MET A SD  1 
ATOM   540  S  SD  B MET A 1 70  ? 0.631   -1.984  -6.869  0.50 49.83 ? 70  MET A SD  1 
ATOM   541  C  CE  A MET A 1 70  ? 0.948   -3.450  -5.162  0.50 47.77 ? 70  MET A CE  1 
ATOM   542  C  CE  B MET A 1 70  ? 0.762   -2.990  -5.387  0.50 48.89 ? 70  MET A CE  1 
ATOM   543  N  N   . LEU A 1 71  ? 1.071   -3.602  -11.622 1.00 49.32 ? 71  LEU A N   1 
ATOM   544  C  CA  . LEU A 1 71  ? 1.497   -2.810  -12.768 1.00 49.43 ? 71  LEU A CA  1 
ATOM   545  C  C   . LEU A 1 71  ? 0.315   -2.371  -13.635 1.00 49.62 ? 71  LEU A C   1 
ATOM   546  O  O   . LEU A 1 71  ? 0.212   -1.200  -13.987 1.00 50.02 ? 71  LEU A O   1 
ATOM   547  C  CB  . LEU A 1 71  ? 2.523   -3.577  -13.603 1.00 49.28 ? 71  LEU A CB  1 
ATOM   548  C  CG  . LEU A 1 71  ? 3.917   -3.660  -12.983 1.00 49.11 ? 71  LEU A CG  1 
ATOM   549  C  CD1 . LEU A 1 71  ? 4.804   -4.521  -13.846 1.00 48.55 ? 71  LEU A CD1 1 
ATOM   550  C  CD2 . LEU A 1 71  ? 4.534   -2.271  -12.790 1.00 48.79 ? 71  LEU A CD2 1 
ATOM   551  N  N   . GLY A 1 72  ? -0.583  -3.301  -13.963 1.00 49.63 ? 72  GLY A N   1 
ATOM   552  C  CA  . GLY A 1 72  ? -1.777  -2.982  -14.755 1.00 49.66 ? 72  GLY A CA  1 
ATOM   553  C  C   . GLY A 1 72  ? -2.659  -1.905  -14.129 1.00 49.74 ? 72  GLY A C   1 
ATOM   554  O  O   . GLY A 1 72  ? -3.333  -1.154  -14.827 1.00 49.81 ? 72  GLY A O   1 
ATOM   555  N  N   . LEU A 1 73  ? -2.637  -1.829  -12.806 1.00 49.77 ? 73  LEU A N   1 
ATOM   556  C  CA  . LEU A 1 73  ? -3.463  -0.903  -12.054 1.00 49.78 ? 73  LEU A CA  1 
ATOM   557  C  C   . LEU A 1 73  ? -2.801  0.471   -11.951 1.00 49.89 ? 73  LEU A C   1 
ATOM   558  O  O   . LEU A 1 73  ? -3.482  1.492   -11.844 1.00 49.84 ? 73  LEU A O   1 
ATOM   559  C  CB  . LEU A 1 73  ? -3.714  -1.482  -10.660 1.00 49.56 ? 73  LEU A CB  1 
ATOM   560  C  CG  . LEU A 1 73  ? -4.976  -1.081  -9.921  1.00 49.80 ? 73  LEU A CG  1 
ATOM   561  C  CD1 . LEU A 1 73  ? -6.225  -1.489  -10.707 1.00 50.11 ? 73  LEU A CD1 1 
ATOM   562  C  CD2 . LEU A 1 73  ? -4.967  -1.733  -8.547  1.00 50.02 ? 73  LEU A CD2 1 
ATOM   563  N  N   . LEU A 1 74  ? -1.473  0.504   -11.975 1.00 50.03 ? 74  LEU A N   1 
ATOM   564  C  CA  . LEU A 1 74  ? -0.765  1.776   -11.886 1.00 50.14 ? 74  LEU A CA  1 
ATOM   565  C  C   . LEU A 1 74  ? -0.934  2.557   -13.175 1.00 50.40 ? 74  LEU A C   1 
ATOM   566  O  O   . LEU A 1 74  ? -1.193  1.969   -14.230 1.00 50.54 ? 74  LEU A O   1 
ATOM   567  C  CB  . LEU A 1 74  ? 0.728   1.575   -11.619 1.00 50.13 ? 74  LEU A CB  1 
ATOM   568  C  CG  . LEU A 1 74  ? 1.175   1.317   -10.176 1.00 50.19 ? 74  LEU A CG  1 
ATOM   569  C  CD1 . LEU A 1 74  ? 2.675   1.020   -10.169 1.00 49.11 ? 74  LEU A CD1 1 
ATOM   570  C  CD2 . LEU A 1 74  ? 0.838   2.494   -9.252  1.00 49.92 ? 74  LEU A CD2 1 
ATOM   571  N  N   . PRO A 1 75  ? -0.758  3.889   -13.106 1.00 50.60 ? 75  PRO A N   1 
ATOM   572  C  CA  . PRO A 1 75  ? -0.806  4.692   -14.319 1.00 50.51 ? 75  PRO A CA  1 
ATOM   573  C  C   . PRO A 1 75  ? 0.276   4.217   -15.267 1.00 50.58 ? 75  PRO A C   1 
ATOM   574  O  O   . PRO A 1 75  ? 1.278   3.632   -14.831 1.00 50.56 ? 75  PRO A O   1 
ATOM   575  C  CB  . PRO A 1 75  ? -0.493  6.105   -13.824 1.00 50.62 ? 75  PRO A CB  1 
ATOM   576  C  CG  . PRO A 1 75  ? -0.827  6.082   -12.394 1.00 50.73 ? 75  PRO A CG  1 
ATOM   577  C  CD  . PRO A 1 75  ? -0.467  4.717   -11.926 1.00 50.55 ? 75  PRO A CD  1 
ATOM   578  N  N   . ASP A 1 76  ? 0.082   4.466   -16.553 1.00 50.48 ? 76  ASP A N   1 
ATOM   579  C  CA  . ASP A 1 76  ? 0.992   3.936   -17.565 1.00 50.38 ? 76  ASP A CA  1 
ATOM   580  C  C   . ASP A 1 76  ? 2.390   4.559   -17.493 1.00 50.22 ? 76  ASP A C   1 
ATOM   581  O  O   . ASP A 1 76  ? 3.357   3.962   -17.959 1.00 50.07 ? 76  ASP A O   1 
ATOM   582  C  CB  . ASP A 1 76  ? 0.380   4.099   -18.954 0.50 50.29 ? 76  ASP A CB  1 
ATOM   583  C  CG  . ASP A 1 76  ? -0.951  3.380   -19.082 0.50 50.07 ? 76  ASP A CG  1 
ATOM   584  O  OD1 . ASP A 1 76  ? -0.943  2.132   -19.160 0.50 49.41 ? 76  ASP A OD1 1 
ATOM   585  O  OD2 . ASP A 1 76  ? -1.999  4.065   -19.093 0.50 49.63 ? 76  ASP A OD2 1 
ATOM   586  N  N   . GLN A 1 77  ? 2.489   5.738   -16.880 1.00 50.25 ? 77  GLN A N   1 
ATOM   587  C  CA  . GLN A 1 77  ? 3.773   6.418   -16.689 1.00 50.20 ? 77  GLN A CA  1 
ATOM   588  C  C   . GLN A 1 77  ? 4.668   5.771   -15.632 1.00 50.13 ? 77  GLN A C   1 
ATOM   589  O  O   . GLN A 1 77  ? 5.866   5.575   -15.869 1.00 49.66 ? 77  GLN A O   1 
ATOM   590  C  CB  . GLN A 1 77  ? 3.540   7.882   -16.304 1.00 50.21 ? 77  GLN A CB  1 
ATOM   591  C  CG  . GLN A 1 77  ? 4.652   8.491   -15.439 1.00 50.34 ? 77  GLN A CG  1 
ATOM   592  C  CD  . GLN A 1 77  ? 4.178   9.643   -14.573 1.00 50.44 ? 77  GLN A CD  1 
ATOM   593  O  OE1 . GLN A 1 77  ? 4.979   10.495  -14.183 1.00 50.60 ? 77  GLN A OE1 1 
ATOM   594  N  NE2 . GLN A 1 77  ? 2.881   9.667   -14.255 1.00 49.98 ? 77  GLN A NE2 1 
ATOM   595  N  N   . LEU A 1 78  ? 4.080   5.471   -14.468 1.00 50.03 ? 78  LEU A N   1 
ATOM   596  C  CA  . LEU A 1 78  ? 4.830   4.984   -13.296 1.00 50.17 ? 78  LEU A CA  1 
ATOM   597  C  C   . LEU A 1 78  ? 5.326   3.549   -13.419 1.00 50.06 ? 78  LEU A C   1 
ATOM   598  O  O   . LEU A 1 78  ? 6.101   3.085   -12.585 1.00 49.72 ? 78  LEU A O   1 
ATOM   599  C  CB  . LEU A 1 78  ? 3.980   5.086   -12.011 1.00 50.04 ? 78  LEU A CB  1 
ATOM   600  C  CG  . LEU A 1 78  ? 4.243   6.281   -11.088 1.00 50.28 ? 78  LEU A CG  1 
ATOM   601  C  CD1 . LEU A 1 78  ? 3.418   6.159   -9.812  1.00 49.43 ? 78  LEU A CD1 1 
ATOM   602  C  CD2 . LEU A 1 78  ? 5.730   6.409   -10.757 1.00 50.42 ? 78  LEU A CD2 1 
ATOM   603  N  N   . GLN A 1 79  ? 4.889   2.844   -14.450 1.00 50.13 ? 79  GLN A N   1 
ATOM   604  C  CA  . GLN A 1 79  ? 5.208   1.429   -14.564 1.00 50.41 ? 79  GLN A CA  1 
ATOM   605  C  C   . GLN A 1 79  ? 6.715   1.168   -14.637 1.00 50.41 ? 79  GLN A C   1 
ATOM   606  O  O   . GLN A 1 79  ? 7.186   0.137   -14.143 1.00 50.51 ? 79  GLN A O   1 
ATOM   607  C  CB  . GLN A 1 79  ? 4.467   0.817   -15.748 1.00 50.34 ? 79  GLN A CB  1 
ATOM   608  C  CG  . GLN A 1 79  ? 2.970   1.094   -15.683 1.00 50.67 ? 79  GLN A CG  1 
ATOM   609  C  CD  . GLN A 1 79  ? 2.118   0.015   -16.310 1.00 51.08 ? 79  GLN A CD  1 
ATOM   610  O  OE1 . GLN A 1 79  ? 2.625   -0.951  -16.879 1.00 52.19 ? 79  GLN A OE1 1 
ATOM   611  N  NE2 . GLN A 1 79  ? 0.801   0.176   -16.205 1.00 52.52 ? 79  GLN A NE2 1 
ATOM   612  N  N   . GLU A 1 80  ? 7.452   2.119   -15.222 1.00 50.32 ? 80  GLU A N   1 
ATOM   613  C  CA  . GLU A 1 80  ? 8.922   2.126   -15.233 1.00 50.26 ? 80  GLU A CA  1 
ATOM   614  C  C   . GLU A 1 80  ? 9.531   2.073   -13.837 1.00 50.39 ? 80  GLU A C   1 
ATOM   615  O  O   . GLU A 1 80  ? 10.278  1.145   -13.511 1.00 50.22 ? 80  GLU A O   1 
ATOM   616  C  CB  . GLU A 1 80  ? 9.460   3.386   -15.935 0.50 50.19 ? 80  GLU A CB  1 
ATOM   617  C  CG  . GLU A 1 80  ? 9.412   3.365   -17.455 0.50 49.74 ? 80  GLU A CG  1 
ATOM   618  C  CD  . GLU A 1 80  ? 10.478  4.265   -18.094 0.50 49.43 ? 80  GLU A CD  1 
ATOM   619  O  OE1 . GLU A 1 80  ? 10.166  5.422   -18.441 0.50 47.56 ? 80  GLU A OE1 1 
ATOM   620  O  OE2 . GLU A 1 80  ? 11.632  3.817   -18.238 0.50 47.47 ? 80  GLU A OE2 1 
ATOM   621  N  N   . ARG A 1 81  ? 9.241   3.096   -13.033 1.00 50.84 ? 81  ARG A N   1 
ATOM   622  C  CA  . ARG A 1 81  ? 9.674   3.129   -11.634 1.00 51.21 ? 81  ARG A CA  1 
ATOM   623  C  C   . ARG A 1 81  ? 9.186   1.896   -10.899 1.00 51.45 ? 81  ARG A C   1 
ATOM   624  O  O   . ARG A 1 81  ? 9.977   1.186   -10.279 1.00 51.83 ? 81  ARG A O   1 
ATOM   625  C  CB  . ARG A 1 81  ? 9.128   4.360   -10.905 1.00 51.28 ? 81  ARG A CB  1 
ATOM   626  C  CG  . ARG A 1 81  ? 9.621   5.677   -11.445 1.00 51.81 ? 81  ARG A CG  1 
ATOM   627  C  CD  . ARG A 1 81  ? 9.436   6.814   -10.450 1.00 51.75 ? 81  ARG A CD  1 
ATOM   628  N  NE  . ARG A 1 81  ? 10.344  6.704   -9.311  1.00 51.75 ? 81  ARG A NE  1 
ATOM   629  C  CZ  . ARG A 1 81  ? 10.759  7.724   -8.564  1.00 52.26 ? 81  ARG A CZ  1 
ATOM   630  N  NH1 . ARG A 1 81  ? 10.365  8.971   -8.817  1.00 52.24 ? 81  ARG A NH1 1 
ATOM   631  N  NH2 . ARG A 1 81  ? 11.584  7.493   -7.549  1.00 52.40 ? 81  ARG A NH2 1 
ATOM   632  N  N   . ALA A 1 82  ? 7.877   1.660   -10.967 1.00 51.56 ? 82  ALA A N   1 
ATOM   633  C  CA  . ALA A 1 82  ? 7.247   0.565   -10.235 1.00 51.60 ? 82  ALA A CA  1 
ATOM   634  C  C   . ALA A 1 82  ? 8.055   -0.708  -10.401 1.00 51.84 ? 82  ALA A C   1 
ATOM   635  O  O   . ALA A 1 82  ? 8.530   -1.283  -9.425  1.00 51.81 ? 82  ALA A O   1 
ATOM   636  C  CB  . ALA A 1 82  ? 5.821   0.345   -10.716 1.00 51.28 ? 82  ALA A CB  1 
ATOM   637  N  N   . GLN A 1 83  ? 8.234   -1.126  -11.649 1.00 52.26 ? 83  GLN A N   1 
ATOM   638  C  CA  . GLN A 1 83  ? 8.895   -2.393  -11.937 1.00 52.82 ? 83  GLN A CA  1 
ATOM   639  C  C   . GLN A 1 83  ? 10.305  -2.433  -11.361 1.00 53.39 ? 83  GLN A C   1 
ATOM   640  O  O   . GLN A 1 83  ? 10.789  -3.499  -10.982 1.00 53.69 ? 83  GLN A O   1 
ATOM   641  C  CB  . GLN A 1 83  ? 8.933   -2.633  -13.442 1.00 52.83 ? 83  GLN A CB  1 
ATOM   642  C  CG  . GLN A 1 83  ? 9.191   -4.070  -13.845 1.00 52.76 ? 83  GLN A CG  1 
ATOM   643  C  CD  . GLN A 1 83  ? 8.790   -4.345  -15.287 1.00 53.33 ? 83  GLN A CD  1 
ATOM   644  O  OE1 . GLN A 1 83  ? 8.610   -3.419  -16.088 1.00 54.20 ? 83  GLN A OE1 1 
ATOM   645  N  NE2 . GLN A 1 83  ? 8.641   -5.623  -15.624 1.00 54.27 ? 83  GLN A NE2 1 
ATOM   646  N  N   . SER A 1 84  ? 10.950  -1.265  -11.298 1.00 54.22 ? 84  SER A N   1 
ATOM   647  C  CA  . SER A 1 84  ? 12.293  -1.118  -10.731 1.00 54.75 ? 84  SER A CA  1 
ATOM   648  C  C   . SER A 1 84  ? 12.317  -1.227  -9.227  1.00 55.44 ? 84  SER A C   1 
ATOM   649  O  O   . SER A 1 84  ? 13.317  -1.714  -8.670  1.00 55.99 ? 84  SER A O   1 
ATOM   650  C  CB  . SER A 1 84  ? 12.910  0.237   -11.123 1.00 55.20 ? 84  SER A CB  1 
ATOM   651  O  OG  . SER A 1 84  ? 14.206  0.440   -10.552 1.00 55.62 ? 84  SER A OG  1 
ATOM   652  N  N   . VAL A 1 85  ? 11.251  -0.739  -8.574  1.00 55.85 ? 85  VAL A N   1 
ATOM   653  C  CA  . VAL A 1 85  ? 11.176  -0.745  -7.120  1.00 56.19 ? 85  VAL A CA  1 
ATOM   654  C  C   . VAL A 1 85  ? 10.765  -2.134  -6.619  1.00 57.14 ? 85  VAL A C   1 
ATOM   655  O  O   . VAL A 1 85  ? 11.071  -2.521  -5.463  1.00 57.46 ? 85  VAL A O   1 
ATOM   656  C  CB  . VAL A 1 85  ? 10.184  0.324   -6.608  1.00 56.33 ? 85  VAL A CB  1 
ATOM   657  C  CG1 . VAL A 1 85  ? 10.008  0.228   -5.116  1.00 55.36 ? 85  VAL A CG1 1 
ATOM   658  C  CG2 . VAL A 1 85  ? 10.671  1.714   -6.987  1.00 54.59 ? 85  VAL A CG2 1 
ATOM   659  N  N   . MET A 1 86  ? 10.057  -2.888  -7.461  1.00 57.76 ? 86  MET A N   1 
ATOM   660  C  CA  . MET A 1 86  ? 9.731   -4.282  -7.154  1.00 58.45 ? 86  MET A CA  1 
ATOM   661  C  C   . MET A 1 86  ? 10.952  -5.203  -7.288  1.00 59.18 ? 86  MET A C   1 
ATOM   662  O  O   . MET A 1 86  ? 10.990  -6.317  -6.721  1.00 58.59 ? 86  MET A O   1 
ATOM   663  C  CB  . MET A 1 86  ? 8.616   -4.770  -8.076  1.00 58.08 ? 86  MET A CB  1 
ATOM   664  C  CG  . MET A 1 86  ? 7.282   -4.088  -7.838  1.00 58.35 ? 86  MET A CG  1 
ATOM   665  S  SD  . MET A 1 86  ? 6.083   -4.522  -9.118  1.00 59.13 ? 86  MET A SD  1 
ATOM   666  C  CE  . MET A 1 86  ? 4.586   -3.903  -8.407  1.00 57.77 ? 86  MET A CE  1 
ATOM   667  N  N   . GLY A 1 87  ? 11.963  -4.761  -8.027  1.00 60.26 ? 87  GLY A N   1 
ATOM   668  C  CA  . GLY A 1 87  ? 13.214  -5.501  -8.084  1.00 61.40 ? 87  GLY A CA  1 
ATOM   669  C  C   . GLY A 1 87  ? 13.950  -5.474  -6.758  1.00 62.24 ? 87  GLY A C   1 
ATOM   670  O  O   . GLY A 1 87  ? 14.452  -6.489  -6.276  1.00 63.61 ? 87  GLY A O   1 
ATOM   671  N  N   . LYS A 1 88  ? 14.003  -4.284  -6.172  1.00 63.12 ? 88  LYS A N   1 
ATOM   672  C  CA  . LYS A 1 88  ? 14.601  -4.038  -4.863  1.00 63.21 ? 88  LYS A CA  1 
ATOM   673  C  C   . LYS A 1 88  ? 13.690  -4.605  -3.707  1.00 63.36 ? 88  LYS A C   1 
ATOM   674  O  O   . LYS A 1 88  ? 14.067  -5.391  -2.771  1.00 65.14 ? 88  LYS A O   1 
ATOM   675  C  CB  . LYS A 1 88  ? 14.756  -2.520  -4.653  1.00 63.73 ? 88  LYS A CB  1 
ATOM   676  C  CG  . LYS A 1 88  ? 15.873  -2.098  -3.673  1.00 66.08 ? 88  LYS A CG  1 
ATOM   677  C  CD  . LYS A 1 88  ? 15.414  -0.970  -2.709  1.00 69.38 ? 88  LYS A CD  1 
ATOM   678  C  CE  . LYS A 1 88  ? 16.224  0.381   -2.890  1.00 70.59 ? 88  LYS A CE  1 
ATOM   679  N  NZ  . LYS A 1 88  ? 15.744  1.474   -1.935  1.00 74.17 ? 88  LYS A NZ  1 
ATOM   680  N  N   . CYS A 1 89  ? 12.410  -4.213  -3.777  1.00 60.60 ? 89  CYS A N   1 
ATOM   681  C  CA  . CYS A 1 89  ? 11.569  -4.353  -2.597  1.00 58.38 ? 89  CYS A CA  1 
ATOM   682  C  C   . CYS A 1 89  ? 10.758  -5.633  -2.482  1.00 56.85 ? 89  CYS A C   1 
ATOM   683  O  O   . CYS A 1 89  ? 10.280  -5.935  -1.412  1.00 57.03 ? 89  CYS A O   1 
ATOM   684  C  CB  . CYS A 1 89  ? 10.621  -3.170  -2.493  1.00 58.49 ? 89  CYS A CB  1 
ATOM   685  S  SG  . CYS A 1 89  ? 11.487  -1.607  -2.332  1.00 57.81 ? 89  CYS A SG  1 
ATOM   686  N  N   . LEU A 1 90  ? 10.560  -6.352  -3.576  1.00 55.09 ? 90  LEU A N   1 
ATOM   687  C  CA  . LEU A 1 90  ? 9.999   -7.684  -3.515  1.00 54.26 ? 90  LEU A CA  1 
ATOM   688  C  C   . LEU A 1 90  ? 11.122  -8.690  -3.602  1.00 52.77 ? 90  LEU A C   1 
ATOM   689  O  O   . LEU A 1 90  ? 12.149  -8.399  -4.229  1.00 53.00 ? 90  LEU A O   1 
ATOM   690  C  CB  . LEU A 1 90  ? 9.012   -7.923  -4.656  1.00 53.49 ? 90  LEU A CB  1 
ATOM   691  C  CG  . LEU A 1 90  ? 7.857   -6.927  -4.732  1.00 52.82 ? 90  LEU A CG  1 
ATOM   692  C  CD1 . LEU A 1 90  ? 6.876   -7.315  -5.822  1.00 51.57 ? 90  LEU A CD1 1 
ATOM   693  C  CD2 . LEU A 1 90  ? 7.152   -6.853  -3.422  1.00 51.60 ? 90  LEU A CD2 1 
ATOM   694  N  N   . PRO A 1 91  ? 10.930  -9.884  -3.009  1.00 51.92 ? 91  PRO A N   1 
ATOM   695  C  CA  . PRO A 1 91  ? 9.745   -10.323 -2.212  1.00 51.33 ? 91  PRO A CA  1 
ATOM   696  C  C   . PRO A 1 91  ? 9.562   -9.669  -0.843  1.00 51.12 ? 91  PRO A C   1 
ATOM   697  O  O   . PRO A 1 91  ? 10.518  -9.219  -0.219  1.00 49.97 ? 91  PRO A O   1 
ATOM   698  C  CB  . PRO A 1 91  ? 9.969   -11.826 -2.039  1.00 51.28 ? 91  PRO A CB  1 
ATOM   699  C  CG  . PRO A 1 91  ? 11.458  -12.006 -2.196  1.00 51.77 ? 91  PRO A CG  1 
ATOM   700  C  CD  . PRO A 1 91  ? 11.916  -10.966 -3.168  1.00 51.45 ? 91  PRO A CD  1 
ATOM   701  N  N   . THR A 1 92  ? 8.311   -9.627  -0.385  1.00 51.55 ? 92  THR A N   1 
ATOM   702  C  CA  . THR A 1 92  ? 7.984   -9.034  0.909   1.00 51.58 ? 92  THR A CA  1 
ATOM   703  C  C   . THR A 1 92  ? 8.483   -9.937  2.030   1.00 52.36 ? 92  THR A C   1 
ATOM   704  O  O   . THR A 1 92  ? 8.491   -11.178 1.895   1.00 52.07 ? 92  THR A O   1 
ATOM   705  C  CB  . THR A 1 92  ? 6.454   -8.864  1.089   1.00 52.05 ? 92  THR A CB  1 
ATOM   706  O  OG1 . THR A 1 92  ? 5.838   -10.157 1.045   1.00 51.79 ? 92  THR A OG1 1 
ATOM   707  C  CG2 . THR A 1 92  ? 5.859   -7.975  -0.002  1.00 49.07 ? 92  THR A CG2 1 
ATOM   708  N  N   . SER A 1 93  ? 8.856   -9.309  3.146   1.00 52.66 ? 93  SER A N   1 
ATOM   709  C  CA  . SER A 1 93  ? 9.401   -10.020 4.304   1.00 52.10 ? 93  SER A CA  1 
ATOM   710  C  C   . SER A 1 93  ? 8.935   -9.367  5.628   1.00 51.77 ? 93  SER A C   1 
ATOM   711  O  O   . SER A 1 93  ? 8.783   -8.131  5.721   1.00 51.13 ? 93  SER A O   1 
ATOM   712  C  CB  . SER A 1 93  ? 10.936  -10.068 4.215   1.00 52.55 ? 93  SER A CB  1 
ATOM   713  O  OG  . SER A 1 93  ? 11.549  -8.848  4.632   1.00 53.51 ? 93  SER A OG  1 
ATOM   714  N  N   . GLY A 1 94  ? 8.672   -10.214 6.624   1.00 51.27 ? 94  GLY A N   1 
ATOM   715  C  CA  . GLY A 1 94  ? 8.243   -9.768  7.945   1.00 51.24 ? 94  GLY A CA  1 
ATOM   716  C  C   . GLY A 1 94  ? 7.656   -10.892 8.793   1.00 51.00 ? 94  GLY A C   1 
ATOM   717  O  O   . GLY A 1 94  ? 7.672   -12.066 8.386   1.00 51.00 ? 94  GLY A O   1 
ATOM   718  N  N   . SER A 1 95  ? 7.128   -10.537 9.968   1.00 50.88 ? 95  SER A N   1 
ATOM   719  C  CA  . SER A 1 95  ? 6.721   -11.527 10.983  1.00 50.87 ? 95  SER A CA  1 
ATOM   720  C  C   . SER A 1 95  ? 5.264   -11.942 10.837  1.00 50.71 ? 95  SER A C   1 
ATOM   721  O  O   . SER A 1 95  ? 4.797   -12.876 11.495  1.00 50.23 ? 95  SER A O   1 
ATOM   722  C  CB  . SER A 1 95  ? 6.954   -10.985 12.401  1.00 50.58 ? 95  SER A CB  1 
ATOM   723  O  OG  . SER A 1 95  ? 6.286   -9.756  12.602  1.00 51.20 ? 95  SER A OG  1 
ATOM   724  N  N   . ASP A 1 96  ? 4.540   -11.217 9.992   1.00 50.84 ? 96  ASP A N   1 
ATOM   725  C  CA  . ASP A 1 96  ? 3.126   -11.489 9.721   1.00 50.52 ? 96  ASP A CA  1 
ATOM   726  C  C   . ASP A 1 96  ? 2.715   -10.662 8.506   1.00 49.55 ? 96  ASP A C   1 
ATOM   727  O  O   . ASP A 1 96  ? 3.513   -9.881  7.992   1.00 49.78 ? 96  ASP A O   1 
ATOM   728  C  CB  . ASP A 1 96  ? 2.230   -11.200 10.951  1.00 50.96 ? 96  ASP A CB  1 
ATOM   729  C  CG  . ASP A 1 96  ? 2.339   -9.756  11.451  1.00 52.32 ? 96  ASP A CG  1 
ATOM   730  O  OD1 . ASP A 1 96  ? 2.280   -8.809  10.648  1.00 53.57 ? 96  ASP A OD1 1 
ATOM   731  O  OD2 . ASP A 1 96  ? 2.464   -9.560  12.676  1.00 56.46 ? 96  ASP A OD2 1 
ATOM   732  N  N   . ASN A 1 97  ? 1.493   -10.871 8.031   1.00 48.95 ? 97  ASN A N   1 
ATOM   733  C  CA  . ASN A 1 97  ? 0.995   -10.191 6.836   1.00 49.38 ? 97  ASN A CA  1 
ATOM   734  C  C   . ASN A 1 97  ? 1.082   -8.675  6.957   1.00 48.57 ? 97  ASN A C   1 
ATOM   735  O  O   . ASN A 1 97  ? 1.462   -7.994  6.003   1.00 49.55 ? 97  ASN A O   1 
ATOM   736  C  CB  . ASN A 1 97  ? -0.465  -10.621 6.506   1.00 49.27 ? 97  ASN A CB  1 
ATOM   737  C  CG  . ASN A 1 97  ? -0.526  -11.987 5.796   1.00 49.92 ? 97  ASN A CG  1 
ATOM   738  O  OD1 . ASN A 1 97  ? 0.488   -12.513 5.395   1.00 50.27 ? 97  ASN A OD1 1 
ATOM   739  N  ND2 . ASN A 1 97  ? -1.715  -12.518 5.604   1.00 50.07 ? 97  ASN A ND2 1 
ATOM   740  N  N   . CYS A 1 98  ? 0.743   -8.149  8.126   1.00 48.42 ? 98  CYS A N   1 
ATOM   741  C  CA  . CYS A 1 98  ? 0.778   -6.703  8.356   1.00 48.16 ? 98  CYS A CA  1 
ATOM   742  C  C   . CYS A 1 98  ? 2.224   -6.149  8.327   1.00 48.40 ? 98  CYS A C   1 
ATOM   743  O  O   . CYS A 1 98  ? 2.505   -5.116  7.703   1.00 46.88 ? 98  CYS A O   1 
ATOM   744  C  CB  . CYS A 1 98  ? 0.096   -6.394  9.676   1.00 47.86 ? 98  CYS A CB  1 
ATOM   745  S  SG  . CYS A 1 98  ? -1.613  -6.997  9.689   1.00 47.58 ? 98  CYS A SG  1 
ATOM   746  N  N   . ASN A 1 99  ? 3.122   -6.850  9.011   1.00 47.47 ? 99  ASN A N   1 
ATOM   747  C  CA  . ASN A 1 99  ? 4.491   -6.397  9.133   1.00 48.23 ? 99  ASN A CA  1 
ATOM   748  C  C   . ASN A 1 99  ? 5.257   -6.573  7.807   1.00 48.01 ? 99  ASN A C   1 
ATOM   749  O  O   . ASN A 1 99  ? 6.174   -5.827  7.523   1.00 48.50 ? 99  ASN A O   1 
ATOM   750  C  CB  . ASN A 1 99  ? 5.188   -7.109  10.310  1.00 47.77 ? 99  ASN A CB  1 
ATOM   751  C  CG  . ASN A 1 99  ? 6.661   -6.724  10.442  1.00 48.26 ? 99  ASN A CG  1 
ATOM   752  O  OD1 . ASN A 1 99  ? 6.997   -5.585  10.766  1.00 49.70 ? 99  ASN A OD1 1 
ATOM   753  N  ND2 . ASN A 1 99  ? 7.535   -7.670  10.171  1.00 45.62 ? 99  ASN A ND2 1 
ATOM   754  N  N   . LYS A 1 100 ? 4.863   -7.546  6.990   1.00 48.34 ? 100 LYS A N   1 
ATOM   755  C  CA  . LYS A 1 100 ? 5.416   -7.657  5.632   1.00 47.90 ? 100 LYS A CA  1 
ATOM   756  C  C   . LYS A 1 100 ? 5.044   -6.432  4.802   1.00 48.06 ? 100 LYS A C   1 
ATOM   757  O  O   . LYS A 1 100 ? 5.842   -5.977  3.983   1.00 47.58 ? 100 LYS A O   1 
ATOM   758  C  CB  . LYS A 1 100 ? 4.911   -8.910  4.923   1.00 47.79 ? 100 LYS A CB  1 
ATOM   759  C  CG  . LYS A 1 100 ? 5.572   -10.163 5.351   1.00 46.92 ? 100 LYS A CG  1 
ATOM   760  C  CD  . LYS A 1 100 ? 4.881   -11.353 4.758   1.00 47.42 ? 100 LYS A CD  1 
ATOM   761  C  CE  . LYS A 1 100 ? 5.630   -12.656 5.086   0.50 46.53 ? 100 LYS A CE  1 
ATOM   762  N  NZ  . LYS A 1 100 ? 5.044   -13.808 4.314   0.50 45.97 ? 100 LYS A NZ  1 
ATOM   763  N  N   . ILE A 1 101 ? 3.846   -5.892  5.025   1.00 47.41 ? 101 ILE A N   1 
ATOM   764  C  CA  . ILE A 1 101 ? 3.436   -4.679  4.324   1.00 47.78 ? 101 ILE A CA  1 
ATOM   765  C  C   . ILE A 1 101 ? 4.080   -3.408  4.922   1.00 48.10 ? 101 ILE A C   1 
ATOM   766  O  O   . ILE A 1 101 ? 4.385   -2.462  4.182   1.00 46.32 ? 101 ILE A O   1 
ATOM   767  C  CB  . ILE A 1 101 ? 1.904   -4.568  4.188   1.00 47.66 ? 101 ILE A CB  1 
ATOM   768  C  CG1 . ILE A 1 101 ? 1.358   -5.812  3.467   1.00 47.31 ? 101 ILE A CG1 1 
ATOM   769  C  CG2 . ILE A 1 101 ? 1.510   -3.294  3.394   1.00 46.83 ? 101 ILE A CG2 1 
ATOM   770  C  CD1 . ILE A 1 101 ? 1.926   -6.066  2.061   1.00 45.73 ? 101 ILE A CD1 1 
ATOM   771  N  N   . TYR A 1 102 ? 4.343   -3.411  6.234   1.00 48.32 ? 102 TYR A N   1 
ATOM   772  C  CA  . TYR A 1 102 ? 5.146   -2.341  6.841   1.00 48.18 ? 102 TYR A CA  1 
ATOM   773  C  C   . TYR A 1 102 ? 6.540   -2.276  6.216   1.00 48.54 ? 102 TYR A C   1 
ATOM   774  O  O   . TYR A 1 102 ? 7.024   -1.198  5.835   1.00 48.33 ? 102 TYR A O   1 
ATOM   775  C  CB  . TYR A 1 102 ? 5.289   -2.521  8.344   1.00 48.63 ? 102 TYR A CB  1 
ATOM   776  C  CG  . TYR A 1 102 ? 6.234   -1.514  8.965   1.00 48.61 ? 102 TYR A CG  1 
ATOM   777  C  CD1 . TYR A 1 102 ? 5.872   -0.181  9.100   1.00 48.53 ? 102 TYR A CD1 1 
ATOM   778  C  CD2 . TYR A 1 102 ? 7.495   -1.895  9.406   1.00 48.86 ? 102 TYR A CD2 1 
ATOM   779  C  CE1 . TYR A 1 102 ? 6.745   0.748   9.669   1.00 48.94 ? 102 TYR A CE1 1 
ATOM   780  C  CE2 . TYR A 1 102 ? 8.369   -0.972  9.971   1.00 49.28 ? 102 TYR A CE2 1 
ATOM   781  C  CZ  . TYR A 1 102 ? 7.985   0.346   10.095  1.00 48.50 ? 102 TYR A CZ  1 
ATOM   782  O  OH  . TYR A 1 102 ? 8.856   1.264   10.642  1.00 49.71 ? 102 TYR A OH  1 
ATOM   783  N  N   . ASN A 1 103 ? 7.183   -3.428  6.103   1.00 48.41 ? 103 ASN A N   1 
ATOM   784  C  CA  . ASN A 1 103 ? 8.527   -3.475  5.535   1.00 48.97 ? 103 ASN A CA  1 
ATOM   785  C  C   . ASN A 1 103 ? 8.521   -3.024  4.066   1.00 48.95 ? 103 ASN A C   1 
ATOM   786  O  O   . ASN A 1 103 ? 9.414   -2.300  3.634   1.00 49.09 ? 103 ASN A O   1 
ATOM   787  C  CB  . ASN A 1 103 ? 9.119   -4.882  5.703   1.00 48.75 ? 103 ASN A CB  1 
ATOM   788  C  CG  . ASN A 1 103 ? 9.471   -5.205  7.157   1.00 48.81 ? 103 ASN A CG  1 
ATOM   789  O  OD1 . ASN A 1 103 ? 9.665   -6.381  7.500   1.00 49.77 ? 103 ASN A OD1 1 
ATOM   790  N  ND2 . ASN A 1 103 ? 9.556   -4.146  8.020   1.00 47.78 ? 103 ASN A ND2 1 
ATOM   791  N  N   . LEU A 1 104 ? 7.493   -3.431  3.327   1.00 49.13 ? 104 LEU A N   1 
ATOM   792  C  CA  . LEU A 1 104 ? 7.301   -3.016  1.934   1.00 49.30 ? 104 LEU A CA  1 
ATOM   793  C  C   . LEU A 1 104 ? 7.120   -1.507  1.839   1.00 49.39 ? 104 LEU A C   1 
ATOM   794  O  O   . LEU A 1 104 ? 7.856   -0.826  1.110   1.00 49.24 ? 104 LEU A O   1 
ATOM   795  C  CB  . LEU A 1 104 ? 6.090   -3.732  1.320   1.00 49.24 ? 104 LEU A CB  1 
ATOM   796  C  CG  . LEU A 1 104 ? 5.804   -3.514  -0.178  1.00 49.17 ? 104 LEU A CG  1 
ATOM   797  C  CD1 . LEU A 1 104 ? 6.987   -3.932  -1.004  1.00 48.74 ? 104 LEU A CD1 1 
ATOM   798  C  CD2 . LEU A 1 104 ? 4.530   -4.299  -0.607  1.00 49.63 ? 104 LEU A CD2 1 
ATOM   799  N  N   . ALA A 1 105 ? 6.157   -0.982  2.591   1.00 49.00 ? 105 ALA A N   1 
ATOM   800  C  CA  . ALA A 1 105 ? 5.882   0.445   2.600   1.00 49.68 ? 105 ALA A CA  1 
ATOM   801  C  C   . ALA A 1 105 ? 7.136   1.304   2.842   1.00 50.23 ? 105 ALA A C   1 
ATOM   802  O  O   . ALA A 1 105 ? 7.309   2.340   2.203   1.00 50.35 ? 105 ALA A O   1 
ATOM   803  C  CB  . ALA A 1 105 ? 4.826   0.776   3.624   1.00 49.13 ? 105 ALA A CB  1 
ATOM   804  N  N   . LYS A 1 106 ? 8.001   0.900   3.766   1.00 50.75 ? 106 LYS A N   1 
ATOM   805  C  CA  . LYS A 1 106 ? 9.156   1.739   4.054   1.00 51.49 ? 106 LYS A CA  1 
ATOM   806  C  C   . LYS A 1 106 ? 10.228  1.612   2.958   1.00 51.59 ? 106 LYS A C   1 
ATOM   807  O  O   . LYS A 1 106 ? 10.890  2.581   2.642   1.00 51.77 ? 106 LYS A O   1 
ATOM   808  C  CB  . LYS A 1 106 ? 9.680   1.546   5.489   1.00 51.90 ? 106 LYS A CB  1 
ATOM   809  C  CG  . LYS A 1 106 ? 10.314  0.212   5.847   1.00 52.78 ? 106 LYS A CG  1 
ATOM   810  C  CD  . LYS A 1 106 ? 10.422  0.095   7.375   1.00 52.04 ? 106 LYS A CD  1 
ATOM   811  C  CE  . LYS A 1 106 ? 11.695  -0.616  7.846   1.00 53.29 ? 106 LYS A CE  1 
ATOM   812  N  NZ  . LYS A 1 106 ? 11.663  -2.101  7.702   1.00 53.66 ? 106 LYS A NZ  1 
ATOM   813  N  N   . CYS A 1 107 ? 10.336  0.432   2.352   1.00 52.35 ? 107 CYS A N   1 
ATOM   814  C  CA  . CYS A 1 107 ? 11.154  0.222   1.168   1.00 52.02 ? 107 CYS A CA  1 
ATOM   815  C  C   . CYS A 1 107 ? 10.725  1.126   -0.001  1.00 52.07 ? 107 CYS A C   1 
ATOM   816  O  O   . CYS A 1 107 ? 11.563  1.782   -0.637  1.00 51.68 ? 107 CYS A O   1 
ATOM   817  C  CB  . CYS A 1 107 ? 11.095  -1.248  0.720   1.00 52.31 ? 107 CYS A CB  1 
ATOM   818  S  SG  . CYS A 1 107 ? 12.409  -1.711  -0.509  1.00 54.45 ? 107 CYS A SG  1 
ATOM   819  N  N   . VAL A 1 108 ? 9.425   1.147   -0.281  1.00 51.68 ? 108 VAL A N   1 
ATOM   820  C  CA  . VAL A 1 108 ? 8.888   1.943   -1.391  1.00 51.55 ? 108 VAL A CA  1 
ATOM   821  C  C   . VAL A 1 108 ? 8.924   3.455   -1.095  1.00 51.54 ? 108 VAL A C   1 
ATOM   822  O  O   . VAL A 1 108 ? 9.219   4.256   -1.987  1.00 51.22 ? 108 VAL A O   1 
ATOM   823  C  CB  . VAL A 1 108 ? 7.462   1.490   -1.769  1.00 51.19 ? 108 VAL A CB  1 
ATOM   824  C  CG1 . VAL A 1 108 ? 6.857   2.427   -2.788  1.00 51.36 ? 108 VAL A CG1 1 
ATOM   825  C  CG2 . VAL A 1 108 ? 7.490   0.062   -2.317  1.00 50.19 ? 108 VAL A CG2 1 
ATOM   826  N  N   . GLN A 1 109 ? 8.614   3.836   0.146   1.00 51.64 ? 109 GLN A N   1 
ATOM   827  C  CA  . GLN A 1 109 ? 8.777   5.229   0.607   1.00 51.55 ? 109 GLN A CA  1 
ATOM   828  C  C   . GLN A 1 109 ? 10.184  5.725   0.312   1.00 51.61 ? 109 GLN A C   1 
ATOM   829  O  O   . GLN A 1 109 ? 10.397  6.844   -0.176  1.00 51.56 ? 109 GLN A O   1 
ATOM   830  C  CB  . GLN A 1 109 ? 8.554   5.325   2.119   1.00 51.71 ? 109 GLN A CB  1 
ATOM   831  C  CG  . GLN A 1 109 ? 9.261   6.540   2.802   1.00 51.87 ? 109 GLN A CG  1 
ATOM   832  C  CD  . GLN A 1 109 ? 8.499   7.836   2.619   1.00 51.91 ? 109 GLN A CD  1 
ATOM   833  O  OE1 . GLN A 1 109 ? 9.083   8.904   2.472   1.00 48.94 ? 109 GLN A OE1 1 
ATOM   834  N  NE2 . GLN A 1 109 ? 7.167   7.738   2.631   1.00 52.89 ? 109 GLN A NE2 1 
ATOM   835  N  N   . GLU A 1 110 ? 11.133  4.863   0.653   1.00 51.38 ? 110 GLU A N   1 
ATOM   836  C  CA  . GLU A 1 110 ? 12.552  5.142   0.567   1.00 51.26 ? 110 GLU A CA  1 
ATOM   837  C  C   . GLU A 1 110 ? 13.036  5.202   -0.885  1.00 51.18 ? 110 GLU A C   1 
ATOM   838  O  O   . GLU A 1 110 ? 13.842  6.057   -1.248  1.00 50.75 ? 110 GLU A O   1 
ATOM   839  C  CB  . GLU A 1 110 ? 13.277  4.032   1.324   1.00 51.30 ? 110 GLU A CB  1 
ATOM   840  C  CG  . GLU A 1 110 ? 14.778  4.086   1.316   0.50 51.22 ? 110 GLU A CG  1 
ATOM   841  C  CD  . GLU A 1 110 ? 15.399  2.877   1.991   0.50 51.29 ? 110 GLU A CD  1 
ATOM   842  O  OE1 . GLU A 1 110 ? 14.674  1.893   2.267   0.50 51.38 ? 110 GLU A OE1 1 
ATOM   843  O  OE2 . GLU A 1 110 ? 16.622  2.910   2.240   0.50 52.01 ? 110 GLU A OE2 1 
ATOM   844  N  N   . SER A 1 111 ? 12.538  4.283   -1.707  1.00 51.07 ? 111 SER A N   1 
ATOM   845  C  CA  . SER A 1 111 ? 12.972  4.171   -3.095  1.00 51.07 ? 111 SER A CA  1 
ATOM   846  C  C   . SER A 1 111 ? 12.304  5.210   -4.002  1.00 51.05 ? 111 SER A C   1 
ATOM   847  O  O   . SER A 1 111 ? 12.885  5.609   -5.008  1.00 50.57 ? 111 SER A O   1 
ATOM   848  C  CB  . SER A 1 111 ? 12.684  2.756   -3.616  1.00 51.02 ? 111 SER A CB  1 
ATOM   849  O  OG  . SER A 1 111 ? 13.127  1.749   -2.696  1.00 50.12 ? 111 SER A OG  1 
ATOM   850  N  N   . ALA A 1 112 ? 11.089  5.640   -3.648  1.00 51.13 ? 112 ALA A N   1 
ATOM   851  C  CA  . ALA A 1 112 ? 10.336  6.605   -4.460  1.00 51.26 ? 112 ALA A CA  1 
ATOM   852  C  C   . ALA A 1 112 ? 9.495   7.554   -3.607  1.00 51.34 ? 112 ALA A C   1 
ATOM   853  O  O   . ALA A 1 112 ? 8.269   7.428   -3.564  1.00 51.51 ? 112 ALA A O   1 
ATOM   854  C  CB  . ALA A 1 112 ? 9.443   5.868   -5.449  1.00 51.29 ? 112 ALA A CB  1 
ATOM   855  N  N   . PRO A 1 113 ? 10.144  8.523   -2.940  1.00 51.49 ? 113 PRO A N   1 
ATOM   856  C  CA  . PRO A 1 113 ? 9.406   9.471   -2.093  1.00 51.44 ? 113 PRO A CA  1 
ATOM   857  C  C   . PRO A 1 113 ? 8.529   10.418  -2.919  1.00 51.44 ? 113 PRO A C   1 
ATOM   858  O  O   . PRO A 1 113 ? 7.451   10.820  -2.465  1.00 51.62 ? 113 PRO A O   1 
ATOM   859  C  CB  . PRO A 1 113 ? 10.516  10.267  -1.387  1.00 51.55 ? 113 PRO A CB  1 
ATOM   860  C  CG  . PRO A 1 113 ? 11.807  9.588   -1.724  1.00 51.56 ? 113 PRO A CG  1 
ATOM   861  C  CD  . PRO A 1 113 ? 11.587  8.817   -2.971  1.00 51.49 ? 113 PRO A CD  1 
ATOM   862  N  N   . ASP A 1 114 ? 8.969   10.694  -4.133  1.00 51.10 ? 114 ASP A N   1 
ATOM   863  C  CA  . ASP A 1 114 ? 8.275   11.583  -5.043  1.00 51.19 ? 114 ASP A CA  1 
ATOM   864  C  C   . ASP A 1 114 ? 6.848   11.125  -5.244  1.00 51.18 ? 114 ASP A C   1 
ATOM   865  O  O   . ASP A 1 114 ? 5.900   11.894  -5.180  1.00 51.30 ? 114 ASP A O   1 
ATOM   866  C  CB  . ASP A 1 114 ? 9.032   11.571  -6.367  1.00 50.85 ? 114 ASP A CB  1 
ATOM   867  C  CG  . ASP A 1 114 ? 10.496  11.242  -6.178  1.00 50.80 ? 114 ASP A CG  1 
ATOM   868  O  OD1 . ASP A 1 114 ? 11.154  10.743  -7.106  1.00 51.37 ? 114 ASP A OD1 1 
ATOM   869  O  OD2 . ASP A 1 114 ? 11.001  11.475  -5.077  1.00 48.87 ? 114 ASP A OD2 1 
ATOM   870  N  N   . VAL A 1 115 ? 6.696   9.827   -5.492  1.00 51.25 ? 115 VAL A N   1 
ATOM   871  C  CA  . VAL A 1 115 ? 5.411   9.271   -5.898  1.00 51.24 ? 115 VAL A CA  1 
ATOM   872  C  C   . VAL A 1 115 ? 4.660   8.676   -4.710  1.00 51.45 ? 115 VAL A C   1 
ATOM   873  O  O   . VAL A 1 115 ? 3.433   8.579   -4.724  1.00 51.90 ? 115 VAL A O   1 
ATOM   874  C  CB  . VAL A 1 115 ? 5.581   8.188   -6.979  1.00 51.18 ? 115 VAL A CB  1 
ATOM   875  C  CG1 . VAL A 1 115 ? 6.074   8.808   -8.277  1.00 50.81 ? 115 VAL A CG1 1 
ATOM   876  C  CG2 . VAL A 1 115 ? 6.536   7.105   -6.500  1.00 50.65 ? 115 VAL A CG2 1 
ATOM   877  N  N   . TRP A 1 116 ? 5.406   8.281   -3.684  1.00 51.59 ? 116 TRP A N   1 
ATOM   878  C  CA  . TRP A 1 116 ? 4.848   7.484   -2.578  1.00 51.71 ? 116 TRP A CA  1 
ATOM   879  C  C   . TRP A 1 116 ? 3.459   7.974   -2.161  1.00 51.77 ? 116 TRP A C   1 
ATOM   880  O  O   . TRP A 1 116 ? 3.235   9.170   -2.003  1.00 51.89 ? 116 TRP A O   1 
ATOM   881  C  CB  . TRP A 1 116 ? 5.796   7.487   -1.367  1.00 51.60 ? 116 TRP A CB  1 
ATOM   882  C  CG  . TRP A 1 116 ? 5.191   6.857   -0.144  1.00 51.88 ? 116 TRP A CG  1 
ATOM   883  C  CD1 . TRP A 1 116 ? 4.851   7.484   1.018   1.00 51.93 ? 116 TRP A CD1 1 
ATOM   884  C  CD2 . TRP A 1 116 ? 4.823   5.484   0.020   1.00 51.47 ? 116 TRP A CD2 1 
ATOM   885  N  NE1 . TRP A 1 116 ? 4.308   6.587   1.896   1.00 51.71 ? 116 TRP A NE1 1 
ATOM   886  C  CE2 . TRP A 1 116 ? 4.281   5.351   1.312   1.00 51.82 ? 116 TRP A CE2 1 
ATOM   887  C  CE3 . TRP A 1 116 ? 4.898   4.352   -0.803  1.00 52.30 ? 116 TRP A CE3 1 
ATOM   888  C  CZ2 . TRP A 1 116 ? 3.811   4.133   1.807   1.00 51.50 ? 116 TRP A CZ2 1 
ATOM   889  C  CZ3 . TRP A 1 116 ? 4.432   3.132   -0.307  1.00 52.23 ? 116 TRP A CZ3 1 
ATOM   890  C  CH2 . TRP A 1 116 ? 3.895   3.037   0.986   1.00 51.86 ? 116 TRP A CH2 1 
ATOM   891  N  N   . PHE A 1 117 ? 2.530   7.040   -1.981  1.00 52.37 ? 117 PHE A N   1 
ATOM   892  C  CA  . PHE A 1 117 ? 1.167   7.372   -1.566  1.00 52.29 ? 117 PHE A CA  1 
ATOM   893  C  C   . PHE A 1 117 ? 0.435   6.153   -1.040  1.00 52.32 ? 117 PHE A C   1 
ATOM   894  O  O   . PHE A 1 117 ? 0.600   5.053   -1.569  1.00 52.72 ? 117 PHE A O   1 
ATOM   895  C  CB  . PHE A 1 117 ? 0.369   7.938   -2.740  1.00 52.94 ? 117 PHE A CB  1 
ATOM   896  C  CG  . PHE A 1 117 ? -0.956  8.540   -2.343  1.00 53.01 ? 117 PHE A CG  1 
ATOM   897  C  CD1 . PHE A 1 117 ? -1.001  9.695   -1.553  1.00 54.57 ? 117 PHE A CD1 1 
ATOM   898  C  CD2 . PHE A 1 117 ? -2.154  7.978   -2.773  1.00 53.67 ? 117 PHE A CD2 1 
ATOM   899  C  CE1 . PHE A 1 117 ? -2.221  10.276  -1.192  1.00 54.33 ? 117 PHE A CE1 1 
ATOM   900  C  CE2 . PHE A 1 117 ? -3.378  8.550   -2.415  1.00 53.76 ? 117 PHE A CE2 1 
ATOM   901  C  CZ  . PHE A 1 117 ? -3.411  9.698   -1.621  1.00 54.40 ? 117 PHE A CZ  1 
ATOM   902  N  N   . VAL A 1 118 ? -0.362  6.364   0.005   1.00 52.03 ? 118 VAL A N   1 
ATOM   903  C  CA  . VAL A 1 118 ? -1.306  5.371   0.501   1.00 51.86 ? 118 VAL A CA  1 
ATOM   904  C  C   . VAL A 1 118 ? -2.660  6.070   0.631   1.00 51.51 ? 118 VAL A C   1 
ATOM   905  O  O   . VAL A 1 118 ? -2.733  7.213   1.068   1.00 50.92 ? 118 VAL A O   1 
ATOM   906  C  CB  . VAL A 1 118 ? -0.842  4.774   1.860   1.00 52.26 ? 118 VAL A CB  1 
ATOM   907  C  CG1 . VAL A 1 118 ? -2.018  4.180   2.653   1.00 52.55 ? 118 VAL A CG1 1 
ATOM   908  C  CG2 . VAL A 1 118 ? 0.215   3.705   1.632   1.00 53.39 ? 118 VAL A CG2 1 
ATOM   909  N  N   . ILE A 1 119 ? -3.725  5.377   0.245   1.00 51.27 ? 119 ILE A N   1 
ATOM   910  C  CA  . ILE A 1 119 ? -5.070  5.965   0.211   1.00 50.83 ? 119 ILE A CA  1 
ATOM   911  C  C   . ILE A 1 119 ? -5.848  5.580   1.469   1.00 50.69 ? 119 ILE A C   1 
ATOM   912  O  O   . ILE A 1 119 ? -5.686  4.474   2.010   1.00 50.51 ? 119 ILE A O   1 
ATOM   913  C  CB  . ILE A 1 119 ? -5.879  5.472   -1.021  1.00 50.48 ? 119 ILE A CB  1 
ATOM   914  C  CG1 . ILE A 1 119 ? -4.983  5.379   -2.259  1.00 50.53 ? 119 ILE A CG1 1 
ATOM   915  C  CG2 . ILE A 1 119 ? -7.083  6.362   -1.262  1.00 50.73 ? 119 ILE A CG2 1 
ATOM   916  C  CD1 . ILE A 1 119 ? -5.744  5.288   -3.589  1.00 50.18 ? 119 ILE A CD1 1 
ATOM   917  O  OXT . ILE A 1 119 ? -6.676  6.348   1.950   1.00 50.57 ? 119 ILE A OXT 1 
HETATM 918  CL CL  . CL  B 2 .   ? 8.872   -15.449 5.841   0.50 51.27 ? 120 CL  A CL  1 
HETATM 919  O  O9  . 9OD C 3 .   ? -2.857  3.156   -1.471  1.00 60.52 ? 121 9OD A O9  1 
HETATM 920  C  C9  . 9OD C 3 .   ? -3.272  2.077   -1.054  1.00 60.58 ? 121 9OD A C9  1 
HETATM 921  C  C10 . 9OD C 3 .   ? -3.651  1.882   0.391   1.00 59.89 ? 121 9OD A C10 1 
HETATM 922  C  C8  . 9OD C 3 .   ? -3.403  0.909   -2.014  1.00 59.43 ? 121 9OD A C8  1 
HETATM 923  C  C7  . 9OD C 3 .   ? -4.847  0.756   -2.488  1.00 58.71 ? 121 9OD A C7  1 
HETATM 924  C  C6  . 9OD C 3 .   ? -4.935  0.547   -4.000  1.00 58.34 ? 121 9OD A C6  1 
HETATM 925  C  C5  . 9OD C 3 .   ? -6.388  0.467   -4.451  1.00 57.41 ? 121 9OD A C5  1 
HETATM 926  C  C4  . 9OD C 3 .   ? -6.524  0.738   -5.951  1.00 57.83 ? 121 9OD A C4  1 
HETATM 927  C  C3  . 9OD C 3 .   ? -7.806  0.079   -6.421  1.00 58.84 ? 121 9OD A C3  1 
HETATM 928  C  C2  . 9OD C 3 .   ? -8.409  0.231   -7.612  1.00 58.71 ? 121 9OD A C2  1 
HETATM 929  C  C1  . 9OD C 3 .   ? -7.959  1.100   -8.724  1.00 58.68 ? 121 9OD A C1  1 
HETATM 930  O  OE1 . 9OD C 3 .   ? -8.713  1.153   -9.731  1.00 57.88 ? 121 9OD A OE1 1 
HETATM 931  O  OE2 . 9OD C 3 .   ? -6.887  1.754   -8.657  1.00 57.45 ? 121 9OD A OE2 1 
HETATM 932  C  C1  . GOL D 4 .   ? 2.081   4.756   -5.225  1.00 59.83 ? 122 GOL A C1  1 
HETATM 933  O  O1  . GOL D 4 .   ? 1.234   4.732   -4.085  1.00 59.42 ? 122 GOL A O1  1 
HETATM 934  C  C2  . GOL D 4 .   ? 3.395   4.003   -4.998  1.00 59.29 ? 122 GOL A C2  1 
HETATM 935  O  O2  . GOL D 4 .   ? 3.958   4.488   -3.802  1.00 59.80 ? 122 GOL A O2  1 
HETATM 936  C  C3  . GOL D 4 .   ? 4.391   4.259   -6.141  1.00 59.64 ? 122 GOL A C3  1 
HETATM 937  O  O3  . GOL D 4 .   ? 5.011   3.090   -6.666  1.00 59.21 ? 122 GOL A O3  1 
HETATM 938  C  C1  . GOL E 4 .   ? -1.161  13.657  -3.185  1.00 62.56 ? 123 GOL A C1  1 
HETATM 939  O  O1  . GOL E 4 .   ? -2.243  12.802  -2.840  1.00 62.25 ? 123 GOL A O1  1 
HETATM 940  C  C2  . GOL E 4 .   ? 0.054   12.857  -3.663  1.00 62.58 ? 123 GOL A C2  1 
HETATM 941  O  O2  . GOL E 4 .   ? 0.881   13.700  -4.448  1.00 62.55 ? 123 GOL A O2  1 
HETATM 942  C  C3  . GOL E 4 .   ? -0.383  11.616  -4.452  1.00 62.75 ? 123 GOL A C3  1 
HETATM 943  O  O3  . GOL E 4 .   ? 0.703   11.020  -5.140  1.00 64.12 ? 123 GOL A O3  1 
HETATM 944  O  O   . HOH F 5 .   ? -5.683  3.743   16.384  0.50 35.48 ? 124 HOH A O   1 
HETATM 945  O  O   . HOH F 5 .   ? 6.229   -10.470 -2.626  1.00 31.61 ? 125 HOH A O   1 
HETATM 946  O  O   . HOH F 5 .   ? -9.379  -6.842  2.522   1.00 37.24 ? 126 HOH A O   1 
HETATM 947  O  O   . HOH F 5 .   ? -1.796  -0.071  16.234  1.00 32.60 ? 127 HOH A O   1 
HETATM 948  O  O   . HOH F 5 .   ? -11.267 3.007   13.092  1.00 35.80 ? 128 HOH A O   1 
HETATM 949  O  O   . HOH F 5 .   ? -5.603  -5.332  13.193  1.00 42.82 ? 129 HOH A O   1 
HETATM 950  O  O   . HOH F 5 .   ? -10.186 -2.864  15.859  0.50 41.18 ? 130 HOH A O   1 
HETATM 951  O  O   . HOH F 5 .   ? -15.183 0.972   14.087  1.00 47.74 ? 131 HOH A O   1 
HETATM 952  O  O   . HOH F 5 .   ? -4.866  8.943   15.071  1.00 45.47 ? 132 HOH A O   1 
HETATM 953  O  O   . HOH F 5 .   ? 8.597   -13.992 12.439  1.00 57.86 ? 133 HOH A O   1 
HETATM 954  O  O   . HOH F 5 .   ? 2.506   -6.659  13.061  1.00 43.80 ? 134 HOH A O   1 
HETATM 955  O  O   . HOH F 5 .   ? -11.488 0.152   16.897  1.00 40.17 ? 135 HOH A O   1 
HETATM 956  O  O   . HOH F 5 .   ? -5.481  -12.541 4.538   0.50 45.89 ? 136 HOH A O   1 
HETATM 957  O  O   . HOH F 5 .   ? 7.832   1.781   14.524  1.00 49.33 ? 137 HOH A O   1 
HETATM 958  O  O   . HOH F 5 .   ? -10.660 8.793   10.810  1.00 47.99 ? 138 HOH A O   1 
HETATM 959  O  O   . HOH F 5 .   ? -0.104  -11.997 -4.767  1.00 49.33 ? 139 HOH A O   1 
HETATM 960  O  O   . HOH F 5 .   ? -14.499 -0.545  -1.884  1.00 43.29 ? 140 HOH A O   1 
HETATM 961  O  O   . HOH F 5 .   ? -12.345 0.706   14.502  1.00 32.57 ? 141 HOH A O   1 
HETATM 962  O  O   . HOH F 5 .   ? -10.812 -8.332  -5.873  1.00 59.03 ? 142 HOH A O   1 
HETATM 963  O  O   . HOH F 5 .   ? 3.609   -11.530 -9.410  1.00 48.78 ? 143 HOH A O   1 
HETATM 964  O  O   . HOH F 5 .   ? -16.644 2.061   -3.061  1.00 54.48 ? 144 HOH A O   1 
HETATM 965  O  O   . HOH F 5 .   ? 0.238   4.917   13.749  1.00 41.15 ? 145 HOH A O   1 
HETATM 966  O  O   . HOH F 5 .   ? -2.952  -11.880 -5.374  1.00 53.60 ? 146 HOH A O   1 
HETATM 967  O  O   . HOH F 5 .   ? 2.747   -4.568  11.737  1.00 37.02 ? 147 HOH A O   1 
HETATM 968  O  O   . HOH F 5 .   ? 11.619  -0.126  11.976  1.00 51.12 ? 148 HOH A O   1 
HETATM 969  O  O   . HOH F 5 .   ? 6.495   -2.447  -5.121  1.00 54.04 ? 149 HOH A O   1 
HETATM 970  O  O   . HOH F 5 .   ? 8.413   -2.576  15.839  1.00 59.32 ? 150 HOH A O   1 
HETATM 971  O  O   . HOH F 5 .   ? -7.926  -1.371  -14.648 1.00 62.32 ? 151 HOH A O   1 
HETATM 972  O  O   . HOH F 5 .   ? -0.949  7.518   -17.396 1.00 55.97 ? 152 HOH A O   1 
HETATM 973  O  O   . HOH F 5 .   ? 2.503   -0.573  0.267   1.00 56.47 ? 153 HOH A O   1 
HETATM 974  O  O   . HOH F 5 .   ? -15.355 -4.268  11.171  1.00 50.50 ? 154 HOH A O   1 
HETATM 975  O  O   . HOH F 5 .   ? -8.935  11.870  -13.635 1.00 58.37 ? 155 HOH A O   1 
HETATM 976  O  O   . HOH F 5 .   ? 6.578   10.860  1.236   1.00 54.50 ? 156 HOH A O   1 
HETATM 977  O  O   . HOH F 5 .   ? -6.444  10.178  16.138  1.00 51.44 ? 157 HOH A O   1 
HETATM 978  O  O   . HOH F 5 .   ? -13.127 -4.249  -4.227  1.00 59.44 ? 158 HOH A O   1 
HETATM 979  O  O   . HOH F 5 .   ? -3.721  3.868   -16.833 1.00 55.70 ? 159 HOH A O   1 
HETATM 980  O  O   . HOH F 5 .   ? -4.452  -9.292  9.491   1.00 58.97 ? 160 HOH A O   1 
HETATM 981  O  O   . HOH F 5 .   ? 1.274   1.230   -3.496  1.00 58.85 ? 161 HOH A O   1 
HETATM 982  O  O   . HOH F 5 .   ? -0.845  0.460   -5.913  1.00 57.12 ? 162 HOH A O   1 
HETATM 983  O  O   . HOH F 5 .   ? -2.253  -12.342 -12.278 1.00 57.24 ? 163 HOH A O   1 
HETATM 984  O  O   . HOH F 5 .   ? 4.823   1.899   17.655  1.00 57.06 ? 164 HOH A O   1 
HETATM 985  O  O   . HOH F 5 .   ? 5.195   -16.684 2.316   1.00 55.29 ? 165 HOH A O   1 
HETATM 986  O  O   . HOH F 5 .   ? 11.054  13.914  -8.896  1.00 57.92 ? 166 HOH A O   1 
HETATM 987  O  O   . HOH F 5 .   ? -2.593  10.309  14.782  1.00 51.67 ? 167 HOH A O   1 
HETATM 988  O  O   . HOH F 5 .   ? -4.666  -13.547 -4.612  1.00 56.26 ? 168 HOH A O   1 
HETATM 989  O  O   . HOH F 5 .   ? 8.347   -6.200  3.083   1.00 48.93 ? 169 HOH A O   1 
HETATM 990  O  O   . HOH F 5 .   ? -11.904 6.037   12.049  1.00 52.24 ? 170 HOH A O   1 
HETATM 991  O  O   . HOH F 5 .   ? -0.571  19.040  6.117   1.00 54.04 ? 171 HOH A O   1 
HETATM 992  O  O   . HOH F 5 .   ? 9.538   -0.614  14.356  1.00 58.04 ? 172 HOH A O   1 
HETATM 993  O  O   . HOH F 5 .   ? -3.263  -6.725  -15.222 1.00 56.79 ? 173 HOH A O   1 
HETATM 994  O  O   . HOH F 5 .   ? 5.392   -0.701  17.239  1.00 59.47 ? 174 HOH A O   1 
HETATM 995  O  O   . HOH F 5 .   ? -3.906  -11.696 7.134   1.00 51.15 ? 175 HOH A O   1 
HETATM 996  O  O   . HOH F 5 .   ? -0.889  -13.102 9.119   1.00 46.39 ? 176 HOH A O   1 
HETATM 997  O  O   . HOH F 5 .   ? -0.891  -8.557  13.329  1.00 54.22 ? 177 HOH A O   1 
HETATM 998  O  O   . HOH F 5 .   ? -1.753  -11.438 10.524  1.00 55.79 ? 178 HOH A O   1 
HETATM 999  O  O   . HOH F 5 .   ? 10.053  -5.066  1.100   1.00 51.68 ? 179 HOH A O   1 
HETATM 1000 O  O   . HOH F 5 .   ? -4.044  6.412   15.813  0.50 43.50 ? 180 HOH A O   1 
HETATM 1001 O  O   . HOH F 5 .   ? 10.221  -12.601 5.936   0.50 57.27 ? 181 HOH A O   1 
HETATM 1002 O  O   . HOH F 5 .   ? 3.062   -13.482 6.352   1.00 52.67 ? 182 HOH A O   1 
HETATM 1003 O  O   . HOH F 5 .   ? -10.233 -1.535  -12.980 1.00 30.00 ? 183 HOH A O   1 
# 
